data_7HND
# 
_entry.id   7HND 
# 
_audit_conform.dict_name       mmcif_pdbx.dic 
_audit_conform.dict_version    5.399 
_audit_conform.dict_location   http://mmcif.pdb.org/dictionaries/ascii/mmcif_pdbx.dic 
# 
loop_
_database_2.database_id 
_database_2.database_code 
_database_2.pdbx_database_accession 
_database_2.pdbx_DOI 
PDB   7HND         pdb_00007hnd 10.2210/pdb7hnd/pdb 
WWPDB D_1001407691 ?            ?                   
# 
_pdbx_audit_revision_history.ordinal             1 
_pdbx_audit_revision_history.data_content_type   'Structure model' 
_pdbx_audit_revision_history.major_revision      1 
_pdbx_audit_revision_history.minor_revision      0 
_pdbx_audit_revision_history.revision_date       2024-11-27 
# 
_pdbx_audit_revision_details.ordinal             1 
_pdbx_audit_revision_details.revision_ordinal    1 
_pdbx_audit_revision_details.data_content_type   'Structure model' 
_pdbx_audit_revision_details.provider            repository 
_pdbx_audit_revision_details.type                'Initial release' 
_pdbx_audit_revision_details.description         ? 
_pdbx_audit_revision_details.details             ? 
# 
_pdbx_database_status.entry_id                        7HND 
_pdbx_database_status.status_code                     REL 
_pdbx_database_status.status_code_sf                  REL 
_pdbx_database_status.status_code_mr                  ? 
_pdbx_database_status.status_code_cs                  ? 
_pdbx_database_status.recvd_initial_deposition_date   2024-11-04 
_pdbx_database_status.status_code_nmr_data            ? 
_pdbx_database_status.deposit_site                    RCSB 
_pdbx_database_status.process_site                    RCSB 
_pdbx_database_status.SG_entry                        ? 
_pdbx_database_status.pdb_format_compatible           Y 
_pdbx_database_status.methods_development_category    ? 
# 
_pdbx_contact_author.id                 1 
_pdbx_contact_author.email              knapp@pharmchem.uni-frankfurt.de 
_pdbx_contact_author.name_first         Stefan 
_pdbx_contact_author.name_last          Knapp 
_pdbx_contact_author.role               'principal investigator/group leader' 
_pdbx_contact_author.identifier_ORCID   0000-0001-5995-6494 
_pdbx_contact_author.name_mi            ? 
# 
loop_
_audit_author.name 
_audit_author.pdbx_ordinal 
'Kim, Y.'                              1 
'Marples, P.'                          2 
'Fearon, D.'                           3 
'von Delft, F.'                        4 
'Knapp, S.'                            5 
'Kraemer, A.'                          6 
'Structural Genomics Consortium (SGC)' 7 
# 
_citation.id                        primary 
_citation.title                     'PanDDA analysis group deposition' 
_citation.journal_abbrev            'To Be Published' 
_citation.journal_volume            ? 
_citation.page_first                ? 
_citation.page_last                 ? 
_citation.year                      ? 
_citation.journal_id_ASTM           ? 
_citation.country                   ? 
_citation.journal_id_ISSN           ? 
_citation.journal_id_CSD            0353 
_citation.book_publisher            ? 
_citation.pdbx_database_id_PubMed   ? 
_citation.pdbx_database_id_DOI      ? 
# 
loop_
_citation_author.citation_id 
_citation_author.name 
_citation_author.identifier_ORCID 
_citation_author.ordinal 
primary 'Kim, Y.'                              ? 1 
primary 'Marples, P.'                          ? 2 
primary 'Fearon, D.'                           ? 3 
primary 'von Delft, F.'                        ? 4 
primary 'Knapp, S.'                            ? 5 
primary 'Kraemer, A.'                          ? 6 
primary 'Structural Genomics Consortium (SGC)' ? 7 
# 
loop_
_entity.id 
_entity.type 
_entity.src_method 
_entity.pdbx_description 
_entity.formula_weight 
_entity.pdbx_number_of_molecules 
_entity.pdbx_ec 
_entity.pdbx_mutation 
_entity.pdbx_fragment 
_entity.details 
1 polymer     man 'E3 ubiquitin-protein ligase TRIM21'       21596.361 1   2.3.2.27 ? ? ? 
2 non-polymer syn '~{N}-[2-(2-methylphenyl)ethyl]ethanamide' 177.243   1   ?        ? ? ? 
3 non-polymer syn 1,2-ETHANEDIOL                             62.068    1   ?        ? ? ? 
4 non-polymer syn 'SULFATE ION'                              96.063    1   ?        ? ? ? 
5 water       nat water                                      18.015    141 ?        ? ? ? 
# 
_entity_name_com.entity_id   1 
_entity_name_com.name        
;52 kDa Ro protein,52 kDa ribonucleoprotein autoantigen Ro/SS-A,Ro(SS-A),Sjoegren syndrome type A antigen,SS-A,Tripartite motif-containing protein 21
;
# 
_entity_poly.entity_id                      1 
_entity_poly.type                           'polypeptide(L)' 
_entity_poly.nstd_linkage                   no 
_entity_poly.nstd_monomer                   no 
_entity_poly.pdbx_seq_one_letter_code       
;MHHHHHHMVHITLDRNTANSWLIISKDRRQVRMGDTHQNVSDNKERFSNYPMVLGAQRFSSGKMYWEVDVTQKEAWDLGV
CRDSVQRKGQFSLSPENGFWTIWLWQDSYEAGTSPQTTLHIQVPPCQIGIFVDYEAGVVSFYNITDHGSLIYTFSECVFA
GPLRPFFNVGFNYSGGNAAPLKLCPLKM
;
_entity_poly.pdbx_seq_one_letter_code_can   
;MHHHHHHMVHITLDRNTANSWLIISKDRRQVRMGDTHQNVSDNKERFSNYPMVLGAQRFSSGKMYWEVDVTQKEAWDLGV
CRDSVQRKGQFSLSPENGFWTIWLWQDSYEAGTSPQTTLHIQVPPCQIGIFVDYEAGVVSFYNITDHGSLIYTFSECVFA
GPLRPFFNVGFNYSGGNAAPLKLCPLKM
;
_entity_poly.pdbx_strand_id                 B 
_entity_poly.pdbx_target_identifier         ? 
# 
loop_
_pdbx_entity_nonpoly.entity_id 
_pdbx_entity_nonpoly.name 
_pdbx_entity_nonpoly.comp_id 
2 '~{N}-[2-(2-methylphenyl)ethyl]ethanamide' U78 
3 1,2-ETHANEDIOL                             EDO 
4 'SULFATE ION'                              SO4 
5 water                                      HOH 
# 
loop_
_entity_poly_seq.entity_id 
_entity_poly_seq.num 
_entity_poly_seq.mon_id 
_entity_poly_seq.hetero 
1 1   MET n 
1 2   HIS n 
1 3   HIS n 
1 4   HIS n 
1 5   HIS n 
1 6   HIS n 
1 7   HIS n 
1 8   MET n 
1 9   VAL n 
1 10  HIS n 
1 11  ILE n 
1 12  THR n 
1 13  LEU n 
1 14  ASP n 
1 15  ARG n 
1 16  ASN n 
1 17  THR n 
1 18  ALA n 
1 19  ASN n 
1 20  SER n 
1 21  TRP n 
1 22  LEU n 
1 23  ILE n 
1 24  ILE n 
1 25  SER n 
1 26  LYS n 
1 27  ASP n 
1 28  ARG n 
1 29  ARG n 
1 30  GLN n 
1 31  VAL n 
1 32  ARG n 
1 33  MET n 
1 34  GLY n 
1 35  ASP n 
1 36  THR n 
1 37  HIS n 
1 38  GLN n 
1 39  ASN n 
1 40  VAL n 
1 41  SER n 
1 42  ASP n 
1 43  ASN n 
1 44  LYS n 
1 45  GLU n 
1 46  ARG n 
1 47  PHE n 
1 48  SER n 
1 49  ASN n 
1 50  TYR n 
1 51  PRO n 
1 52  MET n 
1 53  VAL n 
1 54  LEU n 
1 55  GLY n 
1 56  ALA n 
1 57  GLN n 
1 58  ARG n 
1 59  PHE n 
1 60  SER n 
1 61  SER n 
1 62  GLY n 
1 63  LYS n 
1 64  MET n 
1 65  TYR n 
1 66  TRP n 
1 67  GLU n 
1 68  VAL n 
1 69  ASP n 
1 70  VAL n 
1 71  THR n 
1 72  GLN n 
1 73  LYS n 
1 74  GLU n 
1 75  ALA n 
1 76  TRP n 
1 77  ASP n 
1 78  LEU n 
1 79  GLY n 
1 80  VAL n 
1 81  CYS n 
1 82  ARG n 
1 83  ASP n 
1 84  SER n 
1 85  VAL n 
1 86  GLN n 
1 87  ARG n 
1 88  LYS n 
1 89  GLY n 
1 90  GLN n 
1 91  PHE n 
1 92  SER n 
1 93  LEU n 
1 94  SER n 
1 95  PRO n 
1 96  GLU n 
1 97  ASN n 
1 98  GLY n 
1 99  PHE n 
1 100 TRP n 
1 101 THR n 
1 102 ILE n 
1 103 TRP n 
1 104 LEU n 
1 105 TRP n 
1 106 GLN n 
1 107 ASP n 
1 108 SER n 
1 109 TYR n 
1 110 GLU n 
1 111 ALA n 
1 112 GLY n 
1 113 THR n 
1 114 SER n 
1 115 PRO n 
1 116 GLN n 
1 117 THR n 
1 118 THR n 
1 119 LEU n 
1 120 HIS n 
1 121 ILE n 
1 122 GLN n 
1 123 VAL n 
1 124 PRO n 
1 125 PRO n 
1 126 CYS n 
1 127 GLN n 
1 128 ILE n 
1 129 GLY n 
1 130 ILE n 
1 131 PHE n 
1 132 VAL n 
1 133 ASP n 
1 134 TYR n 
1 135 GLU n 
1 136 ALA n 
1 137 GLY n 
1 138 VAL n 
1 139 VAL n 
1 140 SER n 
1 141 PHE n 
1 142 TYR n 
1 143 ASN n 
1 144 ILE n 
1 145 THR n 
1 146 ASP n 
1 147 HIS n 
1 148 GLY n 
1 149 SER n 
1 150 LEU n 
1 151 ILE n 
1 152 TYR n 
1 153 THR n 
1 154 PHE n 
1 155 SER n 
1 156 GLU n 
1 157 CYS n 
1 158 VAL n 
1 159 PHE n 
1 160 ALA n 
1 161 GLY n 
1 162 PRO n 
1 163 LEU n 
1 164 ARG n 
1 165 PRO n 
1 166 PHE n 
1 167 PHE n 
1 168 ASN n 
1 169 VAL n 
1 170 GLY n 
1 171 PHE n 
1 172 ASN n 
1 173 TYR n 
1 174 SER n 
1 175 GLY n 
1 176 GLY n 
1 177 ASN n 
1 178 ALA n 
1 179 ALA n 
1 180 PRO n 
1 181 LEU n 
1 182 LYS n 
1 183 LEU n 
1 184 CYS n 
1 185 PRO n 
1 186 LEU n 
1 187 LYS n 
1 188 MET n 
# 
_entity_src_gen.entity_id                          1 
_entity_src_gen.pdbx_src_id                        1 
_entity_src_gen.pdbx_alt_source_flag               sample 
_entity_src_gen.pdbx_seq_type                      'Biological sequence' 
_entity_src_gen.pdbx_beg_seq_num                   1 
_entity_src_gen.pdbx_end_seq_num                   188 
_entity_src_gen.gene_src_common_name               'house mouse' 
_entity_src_gen.gene_src_genus                     ? 
_entity_src_gen.pdbx_gene_src_gene                 'Trim21, Ro52, Ssa1' 
_entity_src_gen.gene_src_species                   ? 
_entity_src_gen.gene_src_strain                    ? 
_entity_src_gen.gene_src_tissue                    ? 
_entity_src_gen.gene_src_tissue_fraction           ? 
_entity_src_gen.gene_src_details                   ? 
_entity_src_gen.pdbx_gene_src_fragment             ? 
_entity_src_gen.pdbx_gene_src_scientific_name      'Mus musculus' 
_entity_src_gen.pdbx_gene_src_ncbi_taxonomy_id     10090 
_entity_src_gen.pdbx_gene_src_variant              ? 
_entity_src_gen.pdbx_gene_src_cell_line            ? 
_entity_src_gen.pdbx_gene_src_atcc                 ? 
_entity_src_gen.pdbx_gene_src_organ                ? 
_entity_src_gen.pdbx_gene_src_organelle            ? 
_entity_src_gen.pdbx_gene_src_cell                 ? 
_entity_src_gen.pdbx_gene_src_cellular_location    ? 
_entity_src_gen.host_org_common_name               ? 
_entity_src_gen.pdbx_host_org_scientific_name      'Escherichia coli' 
_entity_src_gen.pdbx_host_org_ncbi_taxonomy_id     562 
_entity_src_gen.host_org_genus                     ? 
_entity_src_gen.pdbx_host_org_gene                 ? 
_entity_src_gen.pdbx_host_org_organ                ? 
_entity_src_gen.host_org_species                   ? 
_entity_src_gen.pdbx_host_org_tissue               ? 
_entity_src_gen.pdbx_host_org_tissue_fraction      ? 
_entity_src_gen.pdbx_host_org_strain               ? 
_entity_src_gen.pdbx_host_org_variant              ? 
_entity_src_gen.pdbx_host_org_cell_line            ? 
_entity_src_gen.pdbx_host_org_atcc                 ? 
_entity_src_gen.pdbx_host_org_culture_collection   ? 
_entity_src_gen.pdbx_host_org_cell                 ? 
_entity_src_gen.pdbx_host_org_organelle            ? 
_entity_src_gen.pdbx_host_org_cellular_location    ? 
_entity_src_gen.pdbx_host_org_vector_type          ? 
_entity_src_gen.pdbx_host_org_vector               ? 
_entity_src_gen.host_org_details                   ? 
_entity_src_gen.expression_system_id               ? 
_entity_src_gen.plasmid_name                       ? 
_entity_src_gen.plasmid_details                    ? 
_entity_src_gen.pdbx_description                   ? 
# 
loop_
_chem_comp.id 
_chem_comp.type 
_chem_comp.mon_nstd_flag 
_chem_comp.name 
_chem_comp.pdbx_synonyms 
_chem_comp.formula 
_chem_comp.formula_weight 
ALA 'L-peptide linking' y ALANINE                                    ?                 'C3 H7 N O2'     89.093  
ARG 'L-peptide linking' y ARGININE                                   ?                 'C6 H15 N4 O2 1' 175.209 
ASN 'L-peptide linking' y ASPARAGINE                                 ?                 'C4 H8 N2 O3'    132.118 
ASP 'L-peptide linking' y 'ASPARTIC ACID'                            ?                 'C4 H7 N O4'     133.103 
CYS 'L-peptide linking' y CYSTEINE                                   ?                 'C3 H7 N O2 S'   121.158 
EDO non-polymer         . 1,2-ETHANEDIOL                             'ETHYLENE GLYCOL' 'C2 H6 O2'       62.068  
GLN 'L-peptide linking' y GLUTAMINE                                  ?                 'C5 H10 N2 O3'   146.144 
GLU 'L-peptide linking' y 'GLUTAMIC ACID'                            ?                 'C5 H9 N O4'     147.129 
GLY 'peptide linking'   y GLYCINE                                    ?                 'C2 H5 N O2'     75.067  
HIS 'L-peptide linking' y HISTIDINE                                  ?                 'C6 H10 N3 O2 1' 156.162 
HOH non-polymer         . WATER                                      ?                 'H2 O'           18.015  
ILE 'L-peptide linking' y ISOLEUCINE                                 ?                 'C6 H13 N O2'    131.173 
LEU 'L-peptide linking' y LEUCINE                                    ?                 'C6 H13 N O2'    131.173 
LYS 'L-peptide linking' y LYSINE                                     ?                 'C6 H15 N2 O2 1' 147.195 
MET 'L-peptide linking' y METHIONINE                                 ?                 'C5 H11 N O2 S'  149.211 
PHE 'L-peptide linking' y PHENYLALANINE                              ?                 'C9 H11 N O2'    165.189 
PRO 'L-peptide linking' y PROLINE                                    ?                 'C5 H9 N O2'     115.130 
SER 'L-peptide linking' y SERINE                                     ?                 'C3 H7 N O3'     105.093 
SO4 non-polymer         . 'SULFATE ION'                              ?                 'O4 S -2'        96.063  
THR 'L-peptide linking' y THREONINE                                  ?                 'C4 H9 N O3'     119.119 
TRP 'L-peptide linking' y TRYPTOPHAN                                 ?                 'C11 H12 N2 O2'  204.225 
TYR 'L-peptide linking' y TYROSINE                                   ?                 'C9 H11 N O3'    181.189 
U78 non-polymer         . '~{N}-[2-(2-methylphenyl)ethyl]ethanamide' ?                 'C11 H15 N O'    177.243 
VAL 'L-peptide linking' y VALINE                                     ?                 'C5 H11 N O2'    117.146 
# 
loop_
_pdbx_poly_seq_scheme.asym_id 
_pdbx_poly_seq_scheme.entity_id 
_pdbx_poly_seq_scheme.seq_id 
_pdbx_poly_seq_scheme.mon_id 
_pdbx_poly_seq_scheme.ndb_seq_num 
_pdbx_poly_seq_scheme.pdb_seq_num 
_pdbx_poly_seq_scheme.auth_seq_num 
_pdbx_poly_seq_scheme.pdb_mon_id 
_pdbx_poly_seq_scheme.auth_mon_id 
_pdbx_poly_seq_scheme.pdb_strand_id 
_pdbx_poly_seq_scheme.pdb_ins_code 
_pdbx_poly_seq_scheme.hetero 
A 1 1   MET 1   7   ?   ?   ?   B . n 
A 1 2   HIS 2   8   8   HIS HIS B . n 
A 1 3   HIS 3   9   9   HIS HIS B . n 
A 1 4   HIS 4   10  10  HIS HIS B . n 
A 1 5   HIS 5   11  11  HIS HIS B . n 
A 1 6   HIS 6   12  12  HIS HIS B . n 
A 1 7   HIS 7   13  13  HIS HIS B . n 
A 1 8   MET 8   14  14  MET MET B . n 
A 1 9   VAL 9   15  15  VAL VAL B . n 
A 1 10  HIS 10  16  16  HIS HIS B . n 
A 1 11  ILE 11  17  17  ILE ILE B . n 
A 1 12  THR 12  18  18  THR THR B . n 
A 1 13  LEU 13  19  19  LEU LEU B . n 
A 1 14  ASP 14  20  20  ASP ASP B . n 
A 1 15  ARG 15  21  21  ARG ARG B . n 
A 1 16  ASN 16  22  22  ASN ASN B . n 
A 1 17  THR 17  23  23  THR THR B . n 
A 1 18  ALA 18  24  24  ALA ALA B . n 
A 1 19  ASN 19  25  25  ASN ASN B . n 
A 1 20  SER 20  26  26  SER SER B . n 
A 1 21  TRP 21  27  27  TRP TRP B . n 
A 1 22  LEU 22  28  28  LEU LEU B . n 
A 1 23  ILE 23  29  29  ILE ILE B . n 
A 1 24  ILE 24  30  30  ILE ILE B . n 
A 1 25  SER 25  31  31  SER SER B . n 
A 1 26  LYS 26  32  32  LYS LYS B . n 
A 1 27  ASP 27  33  33  ASP ASP B . n 
A 1 28  ARG 28  34  34  ARG ARG B . n 
A 1 29  ARG 29  35  35  ARG ARG B . n 
A 1 30  GLN 30  36  36  GLN GLN B . n 
A 1 31  VAL 31  37  37  VAL VAL B . n 
A 1 32  ARG 32  38  38  ARG ARG B . n 
A 1 33  MET 33  39  39  MET MET B . n 
A 1 34  GLY 34  40  40  GLY GLY B . n 
A 1 35  ASP 35  41  41  ASP ASP B . n 
A 1 36  THR 36  42  42  THR THR B . n 
A 1 37  HIS 37  43  43  HIS HIS B . n 
A 1 38  GLN 38  44  44  GLN GLN B . n 
A 1 39  ASN 39  45  45  ASN ASN B . n 
A 1 40  VAL 40  46  46  VAL VAL B . n 
A 1 41  SER 41  47  47  SER SER B . n 
A 1 42  ASP 42  48  48  ASP ASP B . n 
A 1 43  ASN 43  49  49  ASN ASN B . n 
A 1 44  LYS 44  50  50  LYS LYS B . n 
A 1 45  GLU 45  51  51  GLU GLU B . n 
A 1 46  ARG 46  52  52  ARG ARG B . n 
A 1 47  PHE 47  53  53  PHE PHE B . n 
A 1 48  SER 48  54  54  SER SER B . n 
A 1 49  ASN 49  55  55  ASN ASN B . n 
A 1 50  TYR 50  56  56  TYR TYR B . n 
A 1 51  PRO 51  57  57  PRO PRO B . n 
A 1 52  MET 52  58  58  MET MET B . n 
A 1 53  VAL 53  59  59  VAL VAL B . n 
A 1 54  LEU 54  60  60  LEU LEU B . n 
A 1 55  GLY 55  61  61  GLY GLY B . n 
A 1 56  ALA 56  62  62  ALA ALA B . n 
A 1 57  GLN 57  63  63  GLN GLN B . n 
A 1 58  ARG 58  64  64  ARG ARG B . n 
A 1 59  PHE 59  65  65  PHE PHE B . n 
A 1 60  SER 60  66  66  SER SER B . n 
A 1 61  SER 61  67  67  SER SER B . n 
A 1 62  GLY 62  68  68  GLY GLY B . n 
A 1 63  LYS 63  69  69  LYS LYS B . n 
A 1 64  MET 64  70  70  MET MET B . n 
A 1 65  TYR 65  71  71  TYR TYR B . n 
A 1 66  TRP 66  72  72  TRP TRP B . n 
A 1 67  GLU 67  73  73  GLU GLU B . n 
A 1 68  VAL 68  74  74  VAL VAL B . n 
A 1 69  ASP 69  75  75  ASP ASP B . n 
A 1 70  VAL 70  76  76  VAL VAL B . n 
A 1 71  THR 71  77  77  THR THR B . n 
A 1 72  GLN 72  78  78  GLN GLN B . n 
A 1 73  LYS 73  79  79  LYS LYS B . n 
A 1 74  GLU 74  80  80  GLU GLU B . n 
A 1 75  ALA 75  81  81  ALA ALA B . n 
A 1 76  TRP 76  82  82  TRP TRP B . n 
A 1 77  ASP 77  83  83  ASP ASP B . n 
A 1 78  LEU 78  84  84  LEU LEU B . n 
A 1 79  GLY 79  85  85  GLY GLY B . n 
A 1 80  VAL 80  86  86  VAL VAL B . n 
A 1 81  CYS 81  87  87  CYS CYS B . n 
A 1 82  ARG 82  88  88  ARG ARG B . n 
A 1 83  ASP 83  89  89  ASP ASP B . n 
A 1 84  SER 84  90  90  SER SER B . n 
A 1 85  VAL 85  91  91  VAL VAL B . n 
A 1 86  GLN 86  92  92  GLN GLN B . n 
A 1 87  ARG 87  93  93  ARG ARG B . n 
A 1 88  LYS 88  94  94  LYS LYS B . n 
A 1 89  GLY 89  95  95  GLY GLY B . n 
A 1 90  GLN 90  96  96  GLN GLN B . n 
A 1 91  PHE 91  97  97  PHE PHE B . n 
A 1 92  SER 92  98  98  SER SER B . n 
A 1 93  LEU 93  99  99  LEU LEU B . n 
A 1 94  SER 94  100 100 SER SER B . n 
A 1 95  PRO 95  101 101 PRO PRO B . n 
A 1 96  GLU 96  102 102 GLU GLU B . n 
A 1 97  ASN 97  103 103 ASN ASN B . n 
A 1 98  GLY 98  104 104 GLY GLY B . n 
A 1 99  PHE 99  105 105 PHE PHE B . n 
A 1 100 TRP 100 106 106 TRP TRP B . n 
A 1 101 THR 101 107 107 THR THR B . n 
A 1 102 ILE 102 108 108 ILE ILE B . n 
A 1 103 TRP 103 109 109 TRP TRP B . n 
A 1 104 LEU 104 110 110 LEU LEU B . n 
A 1 105 TRP 105 111 111 TRP TRP B . n 
A 1 106 GLN 106 112 112 GLN GLN B . n 
A 1 107 ASP 107 113 113 ASP ASP B . n 
A 1 108 SER 108 114 114 SER SER B . n 
A 1 109 TYR 109 115 115 TYR TYR B . n 
A 1 110 GLU 110 116 116 GLU GLU B . n 
A 1 111 ALA 111 117 117 ALA ALA B . n 
A 1 112 GLY 112 118 118 GLY GLY B . n 
A 1 113 THR 113 119 119 THR THR B . n 
A 1 114 SER 114 120 120 SER SER B . n 
A 1 115 PRO 115 121 121 PRO PRO B . n 
A 1 116 GLN 116 122 122 GLN GLN B . n 
A 1 117 THR 117 123 123 THR THR B . n 
A 1 118 THR 118 124 124 THR THR B . n 
A 1 119 LEU 119 125 125 LEU LEU B . n 
A 1 120 HIS 120 126 126 HIS HIS B . n 
A 1 121 ILE 121 127 127 ILE ILE B . n 
A 1 122 GLN 122 128 128 GLN GLN B . n 
A 1 123 VAL 123 129 129 VAL VAL B . n 
A 1 124 PRO 124 130 130 PRO PRO B . n 
A 1 125 PRO 125 131 131 PRO PRO B . n 
A 1 126 CYS 126 132 132 CYS CYS B . n 
A 1 127 GLN 127 133 133 GLN GLN B . n 
A 1 128 ILE 128 134 134 ILE ILE B . n 
A 1 129 GLY 129 135 135 GLY GLY B . n 
A 1 130 ILE 130 136 136 ILE ILE B . n 
A 1 131 PHE 131 137 137 PHE PHE B . n 
A 1 132 VAL 132 138 138 VAL VAL B . n 
A 1 133 ASP 133 139 139 ASP ASP B . n 
A 1 134 TYR 134 140 140 TYR TYR B . n 
A 1 135 GLU 135 141 141 GLU GLU B . n 
A 1 136 ALA 136 142 142 ALA ALA B . n 
A 1 137 GLY 137 143 143 GLY GLY B . n 
A 1 138 VAL 138 144 144 VAL VAL B . n 
A 1 139 VAL 139 145 145 VAL VAL B . n 
A 1 140 SER 140 146 146 SER SER B . n 
A 1 141 PHE 141 147 147 PHE PHE B . n 
A 1 142 TYR 142 148 148 TYR TYR B . n 
A 1 143 ASN 143 149 149 ASN ASN B . n 
A 1 144 ILE 144 150 150 ILE ILE B . n 
A 1 145 THR 145 151 151 THR THR B . n 
A 1 146 ASP 146 152 152 ASP ASP B . n 
A 1 147 HIS 147 153 153 HIS HIS B . n 
A 1 148 GLY 148 154 154 GLY GLY B . n 
A 1 149 SER 149 155 155 SER SER B . n 
A 1 150 LEU 150 156 156 LEU LEU B . n 
A 1 151 ILE 151 157 157 ILE ILE B . n 
A 1 152 TYR 152 158 158 TYR TYR B . n 
A 1 153 THR 153 159 159 THR THR B . n 
A 1 154 PHE 154 160 160 PHE PHE B . n 
A 1 155 SER 155 161 161 SER SER B . n 
A 1 156 GLU 156 162 162 GLU GLU B . n 
A 1 157 CYS 157 163 163 CYS CYS B . n 
A 1 158 VAL 158 164 164 VAL VAL B . n 
A 1 159 PHE 159 165 165 PHE PHE B . n 
A 1 160 ALA 160 166 166 ALA ALA B . n 
A 1 161 GLY 161 167 167 GLY GLY B . n 
A 1 162 PRO 162 168 168 PRO PRO B . n 
A 1 163 LEU 163 169 169 LEU LEU B . n 
A 1 164 ARG 164 170 170 ARG ARG B . n 
A 1 165 PRO 165 171 171 PRO PRO B . n 
A 1 166 PHE 166 172 172 PHE PHE B . n 
A 1 167 PHE 167 173 173 PHE PHE B . n 
A 1 168 ASN 168 174 174 ASN ASN B . n 
A 1 169 VAL 169 175 175 VAL VAL B . n 
A 1 170 GLY 170 176 176 GLY GLY B . n 
A 1 171 PHE 171 177 177 PHE PHE B . n 
A 1 172 ASN 172 178 178 ASN ASN B . n 
A 1 173 TYR 173 179 179 TYR TYR B . n 
A 1 174 SER 174 180 180 SER SER B . n 
A 1 175 GLY 175 181 181 GLY GLY B . n 
A 1 176 GLY 176 182 182 GLY GLY B . n 
A 1 177 ASN 177 183 183 ASN ASN B . n 
A 1 178 ALA 178 184 184 ALA ALA B . n 
A 1 179 ALA 179 185 185 ALA ALA B . n 
A 1 180 PRO 180 186 186 PRO PRO B . n 
A 1 181 LEU 181 187 187 LEU LEU B . n 
A 1 182 LYS 182 188 188 LYS LYS B . n 
A 1 183 LEU 183 189 189 LEU LEU B . n 
A 1 184 CYS 184 190 190 CYS CYS B . n 
A 1 185 PRO 185 191 191 PRO PRO B . n 
A 1 186 LEU 186 192 192 LEU LEU B . n 
A 1 187 LYS 187 193 ?   ?   ?   B . n 
A 1 188 MET 188 194 ?   ?   ?   B . n 
# 
_pdbx_entity_instance_feature.ordinal        1 
_pdbx_entity_instance_feature.comp_id        U78 
_pdbx_entity_instance_feature.asym_id        ? 
_pdbx_entity_instance_feature.seq_num        ? 
_pdbx_entity_instance_feature.auth_comp_id   U78 
_pdbx_entity_instance_feature.auth_asym_id   ? 
_pdbx_entity_instance_feature.auth_seq_num   ? 
_pdbx_entity_instance_feature.feature_type   'SUBJECT OF INVESTIGATION' 
_pdbx_entity_instance_feature.details        ? 
# 
loop_
_pdbx_nonpoly_scheme.asym_id 
_pdbx_nonpoly_scheme.entity_id 
_pdbx_nonpoly_scheme.mon_id 
_pdbx_nonpoly_scheme.ndb_seq_num 
_pdbx_nonpoly_scheme.pdb_seq_num 
_pdbx_nonpoly_scheme.auth_seq_num 
_pdbx_nonpoly_scheme.pdb_mon_id 
_pdbx_nonpoly_scheme.auth_mon_id 
_pdbx_nonpoly_scheme.pdb_strand_id 
_pdbx_nonpoly_scheme.pdb_ins_code 
B 2 U78 1   201 302 U78 LIG B . 
C 3 EDO 1   202 305 EDO EDO B . 
D 4 SO4 1   203 1   SO4 SO4 B . 
E 5 HOH 1   301 11  HOH HOH B . 
E 5 HOH 2   302 12  HOH HOH B . 
E 5 HOH 3   303 2   HOH HOH B . 
E 5 HOH 4   304 22  HOH HOH B . 
E 5 HOH 5   305 1   HOH HOH B . 
E 5 HOH 6   306 33  HOH HOH B . 
E 5 HOH 7   307 29  HOH HOH B . 
E 5 HOH 8   308 95  HOH HOH B . 
E 5 HOH 9   309 26  HOH HOH B . 
E 5 HOH 10  310 63  HOH HOH B . 
E 5 HOH 11  311 40  HOH HOH B . 
E 5 HOH 12  312 5   HOH HOH B . 
E 5 HOH 13  313 90  HOH HOH B . 
E 5 HOH 14  314 51  HOH HOH B . 
E 5 HOH 15  315 27  HOH HOH B . 
E 5 HOH 16  316 4   HOH HOH B . 
E 5 HOH 17  317 281 HOH HOH B . 
E 5 HOH 18  318 16  HOH HOH B . 
E 5 HOH 19  319 102 HOH HOH B . 
E 5 HOH 20  320 10  HOH HOH B . 
E 5 HOH 21  321 21  HOH HOH B . 
E 5 HOH 22  322 36  HOH HOH B . 
E 5 HOH 23  323 66  HOH HOH B . 
E 5 HOH 24  324 70  HOH HOH B . 
E 5 HOH 25  325 116 HOH HOH B . 
E 5 HOH 26  326 72  HOH HOH B . 
E 5 HOH 27  327 99  HOH HOH B . 
E 5 HOH 28  328 39  HOH HOH B . 
E 5 HOH 29  329 11  HOH HOH B . 
E 5 HOH 30  330 129 HOH HOH B . 
E 5 HOH 31  331 27  HOH HOH B . 
E 5 HOH 32  332 68  HOH HOH B . 
E 5 HOH 33  333 25  HOH HOH B . 
E 5 HOH 34  334 28  HOH HOH B . 
E 5 HOH 35  335 100 HOH HOH B . 
E 5 HOH 36  336 15  HOH HOH B . 
E 5 HOH 37  337 18  HOH HOH B . 
E 5 HOH 38  338 214 HOH HOH B . 
E 5 HOH 39  339 34  HOH HOH B . 
E 5 HOH 40  340 126 HOH HOH B . 
E 5 HOH 41  341 7   HOH HOH B . 
E 5 HOH 42  342 29  HOH HOH B . 
E 5 HOH 43  343 31  HOH HOH B . 
E 5 HOH 44  344 16  HOH HOH B . 
E 5 HOH 45  345 2   HOH HOH B . 
E 5 HOH 46  346 19  HOH HOH B . 
E 5 HOH 47  347 80  HOH HOH B . 
E 5 HOH 48  348 267 HOH HOH B . 
E 5 HOH 49  349 20  HOH HOH B . 
E 5 HOH 50  350 89  HOH HOH B . 
E 5 HOH 51  351 26  HOH HOH B . 
E 5 HOH 52  352 50  HOH HOH B . 
E 5 HOH 53  353 30  HOH HOH B . 
E 5 HOH 54  354 22  HOH HOH B . 
E 5 HOH 55  355 43  HOH HOH B . 
E 5 HOH 56  356 4   HOH HOH B . 
E 5 HOH 57  357 6   HOH HOH B . 
E 5 HOH 58  358 58  HOH HOH B . 
E 5 HOH 59  359 55  HOH HOH B . 
E 5 HOH 60  360 184 HOH HOH B . 
E 5 HOH 61  361 3   HOH HOH B . 
E 5 HOH 62  362 211 HOH HOH B . 
E 5 HOH 63  363 59  HOH HOH B . 
E 5 HOH 64  364 86  HOH HOH B . 
E 5 HOH 65  365 32  HOH HOH B . 
E 5 HOH 66  366 10  HOH HOH B . 
E 5 HOH 67  367 172 HOH HOH B . 
E 5 HOH 68  368 62  HOH HOH B . 
E 5 HOH 69  369 71  HOH HOH B . 
E 5 HOH 70  370 157 HOH HOH B . 
E 5 HOH 71  371 93  HOH HOH B . 
E 5 HOH 72  372 1   HOH HOH B . 
E 5 HOH 73  373 76  HOH HOH B . 
E 5 HOH 74  374 47  HOH HOH B . 
E 5 HOH 75  375 61  HOH HOH B . 
E 5 HOH 76  376 25  HOH HOH B . 
E 5 HOH 77  377 156 HOH HOH B . 
E 5 HOH 78  378 304 HOH HOH B . 
E 5 HOH 79  379 81  HOH HOH B . 
E 5 HOH 80  380 17  HOH HOH B . 
E 5 HOH 81  381 137 HOH HOH B . 
E 5 HOH 82  382 33  HOH HOH B . 
E 5 HOH 83  383 3   HOH HOH B . 
E 5 HOH 84  384 8   HOH HOH B . 
E 5 HOH 85  385 303 HOH HOH B . 
E 5 HOH 86  386 42  HOH HOH B . 
E 5 HOH 87  387 64  HOH HOH B . 
E 5 HOH 88  388 125 HOH HOH B . 
E 5 HOH 89  389 32  HOH HOH B . 
E 5 HOH 90  390 48  HOH HOH B . 
E 5 HOH 91  391 97  HOH HOH B . 
E 5 HOH 92  392 23  HOH HOH B . 
E 5 HOH 93  393 103 HOH HOH B . 
E 5 HOH 94  394 46  HOH HOH B . 
E 5 HOH 95  395 12  HOH HOH B . 
E 5 HOH 96  396 57  HOH HOH B . 
E 5 HOH 97  397 54  HOH HOH B . 
E 5 HOH 98  398 60  HOH HOH B . 
E 5 HOH 99  399 49  HOH HOH B . 
E 5 HOH 100 400 24  HOH HOH B . 
E 5 HOH 101 401 197 HOH HOH B . 
E 5 HOH 102 402 56  HOH HOH B . 
E 5 HOH 103 403 14  HOH HOH B . 
E 5 HOH 104 404 8   HOH HOH B . 
E 5 HOH 105 405 7   HOH HOH B . 
E 5 HOH 106 406 20  HOH HOH B . 
E 5 HOH 107 407 154 HOH HOH B . 
E 5 HOH 108 408 13  HOH HOH B . 
E 5 HOH 109 409 18  HOH HOH B . 
E 5 HOH 110 410 15  HOH HOH B . 
E 5 HOH 111 411 38  HOH HOH B . 
E 5 HOH 112 412 53  HOH HOH B . 
E 5 HOH 113 413 120 HOH HOH B . 
E 5 HOH 114 414 45  HOH HOH B . 
E 5 HOH 115 415 69  HOH HOH B . 
E 5 HOH 116 416 263 HOH HOH B . 
E 5 HOH 117 417 112 HOH HOH B . 
E 5 HOH 118 418 257 HOH HOH B . 
E 5 HOH 119 419 5   HOH HOH B . 
E 5 HOH 120 420 41  HOH HOH B . 
E 5 HOH 121 421 44  HOH HOH B . 
E 5 HOH 122 422 140 HOH HOH B . 
E 5 HOH 123 423 114 HOH HOH B . 
E 5 HOH 124 424 133 HOH HOH B . 
E 5 HOH 125 425 19  HOH HOH B . 
E 5 HOH 126 426 30  HOH HOH B . 
E 5 HOH 127 427 266 HOH HOH B . 
E 5 HOH 128 428 115 HOH HOH B . 
E 5 HOH 129 429 73  HOH HOH B . 
E 5 HOH 130 430 13  HOH HOH B . 
E 5 HOH 131 431 166 HOH HOH B . 
E 5 HOH 132 432 21  HOH HOH B . 
E 5 HOH 133 433 23  HOH HOH B . 
E 5 HOH 134 434 98  HOH HOH B . 
E 5 HOH 135 435 104 HOH HOH B . 
E 5 HOH 136 436 205 HOH HOH B . 
E 5 HOH 137 437 127 HOH HOH B . 
E 5 HOH 138 438 14  HOH HOH B . 
E 5 HOH 139 439 131 HOH HOH B . 
E 5 HOH 140 440 270 HOH HOH B . 
E 5 HOH 141 441 259 HOH HOH B . 
# 
loop_
_pdbx_unobs_or_zero_occ_atoms.id 
_pdbx_unobs_or_zero_occ_atoms.PDB_model_num 
_pdbx_unobs_or_zero_occ_atoms.polymer_flag 
_pdbx_unobs_or_zero_occ_atoms.occupancy_flag 
_pdbx_unobs_or_zero_occ_atoms.auth_asym_id 
_pdbx_unobs_or_zero_occ_atoms.auth_comp_id 
_pdbx_unobs_or_zero_occ_atoms.auth_seq_id 
_pdbx_unobs_or_zero_occ_atoms.PDB_ins_code 
_pdbx_unobs_or_zero_occ_atoms.auth_atom_id 
_pdbx_unobs_or_zero_occ_atoms.label_alt_id 
_pdbx_unobs_or_zero_occ_atoms.label_asym_id 
_pdbx_unobs_or_zero_occ_atoms.label_comp_id 
_pdbx_unobs_or_zero_occ_atoms.label_seq_id 
_pdbx_unobs_or_zero_occ_atoms.label_atom_id 
1 1 Y 1 B LEU 192 ? CG  ? A LEU 186 CG  
2 1 Y 1 B LEU 192 ? CD1 ? A LEU 186 CD1 
3 1 Y 1 B LEU 192 ? CD2 ? A LEU 186 CD2 
# 
loop_
_software.pdbx_ordinal 
_software.name 
_software.version 
_software.date 
_software.type 
_software.contact_author 
_software.contact_author_email 
_software.classification 
_software.location 
_software.language 
_software.citation_id 
1 REFMAC      5.8.0267 ?               program 'Garib N. Murshudov' garib@ysbl.york.ac.uk    refinement        
http://www.ccp4.ac.uk/dist/html/refmac5.html        Fortran_77 ? 
2 Aimless     0.7.7    23/04/21        program 'Phil Evans'         ?                        'data scaling'    
http://www.mrc-lmb.cam.ac.uk/harry/pre/aimless.html ?          ? 
3 PDB_EXTRACT 3.23     'SEP. 23, 2016' package PDB                  deposit@deposit.rcsb.org 'data extraction' 
http://sw-tools.pdb.org/apps/PDB_EXTRACT/           C++        ? 
4 XDS         .        ?               program ?                    ?                        'data reduction'  ? ?          ? 
5 REFMAC      .        ?               program ?                    ?                        phasing           ? ?          ? 
# 
_cell.entry_id           7HND 
_cell.length_a           95.387 
_cell.length_b           95.387 
_cell.length_c           45.881 
_cell.angle_alpha        90.000 
_cell.angle_beta         90.000 
_cell.angle_gamma        90.000 
_cell.Z_PDB              8 
_cell.pdbx_unique_axis   ? 
# 
_symmetry.entry_id                         7HND 
_symmetry.space_group_name_H-M             'I 4' 
_symmetry.pdbx_full_space_group_name_H-M   ? 
_symmetry.cell_setting                     ? 
_symmetry.Int_Tables_number                79 
# 
_exptl.crystals_number   1 
_exptl.entry_id          7HND 
_exptl.method            'X-RAY DIFFRACTION' 
# 
_exptl_crystal.id                    1 
_exptl_crystal.pdbx_mosaicity        0.000 
_exptl_crystal.pdbx_mosaicity_esd    ? 
_exptl_crystal.density_Matthews      2.42 
_exptl_crystal.density_diffrn        ? 
_exptl_crystal.density_meas          ? 
_exptl_crystal.density_meas_temp     ? 
_exptl_crystal.density_percent_sol   49.09 
_exptl_crystal.size_max              ? 
_exptl_crystal.size_mid              ? 
_exptl_crystal.size_min              ? 
_exptl_crystal.size_rad              ? 
_exptl_crystal.description           ? 
# 
_exptl_crystal_grow.crystal_id      1 
_exptl_crystal_grow.method          'VAPOR DIFFUSION, SITTING DROP' 
_exptl_crystal_grow.pH              8 
_exptl_crystal_grow.temp            293 
_exptl_crystal_grow.pdbx_details    '4 % PEG 400, 2 M AmmSO4, 0.1 M HEPES pH 8' 
_exptl_crystal_grow.temp_details    ? 
_exptl_crystal_grow.pdbx_pH_range   ? 
# 
_diffrn.id                     1 
_diffrn.ambient_temp           100 
_diffrn.crystal_id             1 
_diffrn.ambient_temp_details   ? 
# 
_diffrn_detector.detector               PIXEL 
_diffrn_detector.type                   'DECTRIS EIGER2 XE 9M' 
_diffrn_detector.pdbx_collection_date   2024-07-04 
_diffrn_detector.diffrn_id              1 
_diffrn_detector.details                ? 
# 
_diffrn_radiation.diffrn_id                        1 
_diffrn_radiation.wavelength_id                    1 
_diffrn_radiation.pdbx_diffrn_protocol             'SINGLE WAVELENGTH' 
_diffrn_radiation.pdbx_monochromatic_or_laue_m_l   ? 
_diffrn_radiation.monochromator                    ? 
_diffrn_radiation.pdbx_scattering_type             x-ray 
# 
_diffrn_radiation_wavelength.id           1 
_diffrn_radiation_wavelength.wavelength   0.92134 
_diffrn_radiation_wavelength.wt           1.0 
# 
_diffrn_source.diffrn_id                   1 
_diffrn_source.source                      SYNCHROTRON 
_diffrn_source.type                        'DIAMOND BEAMLINE I04-1' 
_diffrn_source.pdbx_wavelength_list        0.92134 
_diffrn_source.pdbx_synchrotron_site       Diamond 
_diffrn_source.pdbx_synchrotron_beamline   I04-1 
_diffrn_source.pdbx_wavelength             ? 
# 
_reflns.entry_id                     7HND 
_reflns.pdbx_diffrn_id               1 
_reflns.pdbx_ordinal                 1 
_reflns.observed_criterion_sigma_I   ? 
_reflns.observed_criterion_sigma_F   ? 
_reflns.d_resolution_low             33.720 
_reflns.d_resolution_high            1.340 
_reflns.number_obs                   46407 
_reflns.number_all                   ? 
_reflns.percent_possible_obs         99.900 
_reflns.pdbx_Rmerge_I_obs            0.116 
_reflns.pdbx_Rsym_value              ? 
_reflns.pdbx_netI_over_sigmaI        12.700 
_reflns.B_iso_Wilson_estimate        ? 
_reflns.pdbx_redundancy              11.800 
_reflns.pdbx_Rrim_I_all              0.121 
_reflns.pdbx_Rpim_I_all              0.034 
_reflns.pdbx_CC_half                 0.998 
_reflns.pdbx_netI_over_av_sigmaI     ? 
_reflns.pdbx_number_measured_all     546720 
_reflns.pdbx_scaling_rejects         0 
_reflns.pdbx_chi_squared             ? 
_reflns.Rmerge_F_all                 ? 
_reflns.Rmerge_F_obs                 ? 
_reflns.observed_criterion_F_max     ? 
_reflns.observed_criterion_F_min     ? 
_reflns.observed_criterion_I_max     ? 
_reflns.observed_criterion_I_min     ? 
_reflns.pdbx_d_res_high_opt          ? 
_reflns.pdbx_d_res_low_opt           ? 
_reflns.details                      ? 
# 
loop_
_reflns_shell.pdbx_diffrn_id 
_reflns_shell.pdbx_ordinal 
_reflns_shell.d_res_high 
_reflns_shell.d_res_low 
_reflns_shell.number_measured_obs 
_reflns_shell.number_measured_all 
_reflns_shell.number_unique_obs 
_reflns_shell.pdbx_rejects 
_reflns_shell.Rmerge_I_obs 
_reflns_shell.meanI_over_sigI_obs 
_reflns_shell.pdbx_Rsym_value 
_reflns_shell.pdbx_chi_squared 
_reflns_shell.pdbx_redundancy 
_reflns_shell.percent_possible_obs 
_reflns_shell.pdbx_netI_over_sigmaI_obs 
_reflns_shell.number_possible 
_reflns_shell.number_unique_all 
_reflns_shell.Rmerge_F_all 
_reflns_shell.Rmerge_F_obs 
_reflns_shell.Rmerge_I_all 
_reflns_shell.meanI_over_sigI_all 
_reflns_shell.percent_possible_all 
_reflns_shell.pdbx_Rrim_I_all 
_reflns_shell.pdbx_Rpim_I_all 
_reflns_shell.pdbx_CC_half 
1 1 1.340 1.360  ? 11805 2225 ? 2.020 ? ? ? 5.300  ? 0.500  ? ? ? ? ? ? 98.000 2.242 0.960 0.382 
1 2 7.340 33.720 ? 3713  307  ? 0.048 ? ? ? 12.100 ? 73.600 ? ? ? ? ? ? 99.200 0.051 0.016 0.998 
# 
_refine.entry_id                                 7HND 
_refine.pdbx_refine_id                           'X-RAY DIFFRACTION' 
_refine.ls_d_res_high                            1.3400 
_refine.ls_d_res_low                             33.7500 
_refine.pdbx_ls_sigma_F                          0.000 
_refine.pdbx_data_cutoff_high_absF               ? 
_refine.pdbx_data_cutoff_low_absF                ? 
_refine.ls_percent_reflns_obs                    99.8900 
_refine.ls_number_reflns_obs                     44168 
_refine.ls_number_reflns_all                     ? 
_refine.pdbx_ls_cross_valid_method               THROUGHOUT 
_refine.ls_matrix_type                           ? 
_refine.pdbx_R_Free_selection_details            RANDOM 
_refine.details                                  
'HYDROGENS HAVE BEEN ADDED IN THE RIDING POSITIONS U VALUES      : REFINED INDIVIDUALLY' 
_refine.ls_R_factor_all                          ? 
_refine.ls_R_factor_obs                          0.1837 
_refine.ls_R_factor_R_work                       0.1826 
_refine.ls_wR_factor_R_work                      ? 
_refine.ls_R_factor_R_free                       0.2038 
_refine.ls_wR_factor_R_free                      ? 
_refine.ls_percent_reflns_R_free                 4.8000 
_refine.ls_number_reflns_R_free                  2237 
_refine.ls_number_reflns_R_work                  ? 
_refine.ls_R_factor_R_free_error                 ? 
_refine.B_iso_mean                               16.6550 
_refine.solvent_model_param_bsol                 ? 
_refine.solvent_model_param_ksol                 ? 
_refine.pdbx_isotropic_thermal_model             ? 
_refine.aniso_B[1][1]                            0.1200 
_refine.aniso_B[2][2]                            0.1200 
_refine.aniso_B[3][3]                            -0.2400 
_refine.aniso_B[1][2]                            -0.0000 
_refine.aniso_B[1][3]                            -0.0000 
_refine.aniso_B[2][3]                            -0.0000 
_refine.correlation_coeff_Fo_to_Fc               0.9670 
_refine.correlation_coeff_Fo_to_Fc_free          0.9600 
_refine.overall_SU_R_Cruickshank_DPI             ? 
_refine.pdbx_overall_SU_R_free_Cruickshank_DPI   ? 
_refine.pdbx_overall_SU_R_Blow_DPI               ? 
_refine.pdbx_overall_SU_R_free_Blow_DPI          ? 
_refine.overall_SU_R_free                        ? 
_refine.pdbx_overall_ESU_R                       0.0570 
_refine.pdbx_overall_ESU_R_Free                  0.0580 
_refine.overall_SU_ML                            0.0510 
_refine.overall_SU_B                             1.3590 
_refine.solvent_model_details                    MASK 
_refine.pdbx_solvent_vdw_probe_radii             1.2000 
_refine.pdbx_solvent_ion_probe_radii             0.8000 
_refine.pdbx_solvent_shrinkage_radii             0.8000 
_refine.ls_number_parameters                     ? 
_refine.ls_number_restraints                     ? 
_refine.pdbx_starting_model                      ? 
_refine.pdbx_method_to_determine_struct          'FOURIER SYNTHESIS' 
_refine.pdbx_stereochemistry_target_values       'MAXIMUM LIKELIHOOD' 
_refine.pdbx_stereochem_target_val_spec_case     ? 
_refine.overall_FOM_work_R_set                   ? 
_refine.B_iso_max                                72.420 
_refine.B_iso_min                                8.970 
_refine.pdbx_overall_phase_error                 ? 
_refine.occupancy_max                            ? 
_refine.occupancy_min                            ? 
_refine.pdbx_diffrn_id                           1 
_refine.pdbx_TLS_residual_ADP_flag               ? 
_refine.pdbx_ls_sigma_I                          ? 
_refine.pdbx_data_cutoff_high_rms_absF           ? 
_refine.ls_R_factor_R_free_error_details         ? 
# 
_refine_hist.cycle_id                         final 
_refine_hist.pdbx_refine_id                   'X-RAY DIFFRACTION' 
_refine_hist.d_res_high                       1.3400 
_refine_hist.d_res_low                        33.7500 
_refine_hist.pdbx_number_atoms_ligand         22 
_refine_hist.number_atoms_solvent             141 
_refine_hist.number_atoms_total               1656 
_refine_hist.pdbx_number_residues_total       185 
_refine_hist.pdbx_B_iso_mean_ligand           31.23 
_refine_hist.pdbx_B_iso_mean_solvent          27.43 
_refine_hist.pdbx_number_atoms_protein        1493 
_refine_hist.pdbx_number_atoms_nucleic_acid   0 
# 
loop_
_refine_ls_restr.pdbx_refine_id 
_refine_ls_restr.type 
_refine_ls_restr.number 
_refine_ls_restr.dev_ideal 
_refine_ls_restr.dev_ideal_target 
_refine_ls_restr.weight 
_refine_ls_restr.pdbx_restraint_function 
'X-RAY DIFFRACTION' r_bond_refined_d       2037 0.011  0.013  ? ? 
'X-RAY DIFFRACTION' r_bond_other_d         1627 0.001  0.015  ? ? 
'X-RAY DIFFRACTION' r_angle_refined_deg    2542 1.702  1.637  ? ? 
'X-RAY DIFFRACTION' r_angle_other_deg      3757 1.444  1.581  ? ? 
'X-RAY DIFFRACTION' r_dihedral_angle_1_deg 241  7.090  5.000  ? ? 
'X-RAY DIFFRACTION' r_dihedral_angle_2_deg 112  27.145 21.250 ? ? 
'X-RAY DIFFRACTION' r_dihedral_angle_3_deg 288  11.845 15.000 ? ? 
'X-RAY DIFFRACTION' r_dihedral_angle_4_deg 15   23.282 15.000 ? ? 
'X-RAY DIFFRACTION' r_chiral_restr         220  0.078  0.200  ? ? 
'X-RAY DIFFRACTION' r_gen_planes_refined   2284 0.010  0.020  ? ? 
'X-RAY DIFFRACTION' r_gen_planes_other     502  0.002  0.020  ? ? 
'X-RAY DIFFRACTION' r_mcbond_it            974  1.321  1.497  ? ? 
'X-RAY DIFFRACTION' r_mcbond_other         965  1.283  1.482  ? ? 
'X-RAY DIFFRACTION' r_mcangle_it           1153 2.068  2.224  ? ? 
# 
_refine_ls_shell.d_res_high                       1.3400 
_refine_ls_shell.d_res_low                        1.3740 
_refine_ls_shell.pdbx_total_number_of_bins_used   20 
_refine_ls_shell.percent_reflns_obs               98.9800 
_refine_ls_shell.number_reflns_R_work             3242 
_refine_ls_shell.R_factor_all                     ? 
_refine_ls_shell.R_factor_R_work                  0.3460 
_refine_ls_shell.R_factor_R_free                  0.3550 
_refine_ls_shell.percent_reflns_R_free            ? 
_refine_ls_shell.number_reflns_R_free             146 
_refine_ls_shell.R_factor_R_free_error            ? 
_refine_ls_shell.number_reflns_all                3388 
_refine_ls_shell.number_reflns_obs                ? 
_refine_ls_shell.pdbx_refine_id                   'X-RAY DIFFRACTION' 
# 
_struct.entry_id                  7HND 
_struct.title                     'PanDDA analysis group deposition -- Crystal Structure of TRIM21 in complex with Z52314092' 
_struct.pdbx_model_details        ? 
_struct.pdbx_CASP_flag            ? 
_struct.pdbx_model_type_details   ? 
# 
_struct_keywords.entry_id        7HND 
_struct_keywords.text            'SGC - Diamond I04-1 fragment screening, PanDDA, XChemExplorer, TRIM21, LIGASE' 
_struct_keywords.pdbx_keywords   LIGASE 
# 
loop_
_struct_asym.id 
_struct_asym.pdbx_blank_PDB_chainid_flag 
_struct_asym.pdbx_modified 
_struct_asym.entity_id 
_struct_asym.details 
A N N 1 ? 
B N N 2 ? 
C N N 3 ? 
D N N 4 ? 
E N N 5 ? 
# 
_struct_ref.id                         1 
_struct_ref.db_name                    UNP 
_struct_ref.db_code                    RO52_MOUSE 
_struct_ref.pdbx_db_accession          Q62191 
_struct_ref.pdbx_db_isoform            ? 
_struct_ref.entity_id                  1 
_struct_ref.pdbx_seq_one_letter_code   
;VHITLDRNTANSWLIISKDRRQVRMGDTHQNVSDNKERFSNYPMVLGAQRFSSGKMYWEVDVTQKEAWDLGVCRDSVQRK
GQFSLSPENGFWTIWLWQDSYEAGTSPQTTLHIQVPPCQIGIFVDYEAGVVSFYNITDHGSLIYTFSECVFAGPLRPFFN
VGFNYSGGNAAPLKLCPLKM
;
_struct_ref.pdbx_align_begin           291 
# 
_struct_ref_seq.align_id                      1 
_struct_ref_seq.ref_id                        1 
_struct_ref_seq.pdbx_PDB_id_code              7HND 
_struct_ref_seq.pdbx_strand_id                B 
_struct_ref_seq.seq_align_beg                 9 
_struct_ref_seq.pdbx_seq_align_beg_ins_code   ? 
_struct_ref_seq.seq_align_end                 188 
_struct_ref_seq.pdbx_seq_align_end_ins_code   ? 
_struct_ref_seq.pdbx_db_accession             Q62191 
_struct_ref_seq.db_align_beg                  291 
_struct_ref_seq.pdbx_db_align_beg_ins_code    ? 
_struct_ref_seq.db_align_end                  470 
_struct_ref_seq.pdbx_db_align_end_ins_code    ? 
_struct_ref_seq.pdbx_auth_seq_align_beg       15 
_struct_ref_seq.pdbx_auth_seq_align_end       194 
# 
loop_
_struct_ref_seq_dif.align_id 
_struct_ref_seq_dif.pdbx_pdb_id_code 
_struct_ref_seq_dif.mon_id 
_struct_ref_seq_dif.pdbx_pdb_strand_id 
_struct_ref_seq_dif.seq_num 
_struct_ref_seq_dif.pdbx_pdb_ins_code 
_struct_ref_seq_dif.pdbx_seq_db_name 
_struct_ref_seq_dif.pdbx_seq_db_accession_code 
_struct_ref_seq_dif.db_mon_id 
_struct_ref_seq_dif.pdbx_seq_db_seq_num 
_struct_ref_seq_dif.details 
_struct_ref_seq_dif.pdbx_auth_seq_num 
_struct_ref_seq_dif.pdbx_ordinal 
1 7HND MET B 1 ? UNP Q62191 ? ? 'initiating methionine' 7  1 
1 7HND HIS B 2 ? UNP Q62191 ? ? 'expression tag'        8  2 
1 7HND HIS B 3 ? UNP Q62191 ? ? 'expression tag'        9  3 
1 7HND HIS B 4 ? UNP Q62191 ? ? 'expression tag'        10 4 
1 7HND HIS B 5 ? UNP Q62191 ? ? 'expression tag'        11 5 
1 7HND HIS B 6 ? UNP Q62191 ? ? 'expression tag'        12 6 
1 7HND HIS B 7 ? UNP Q62191 ? ? 'expression tag'        13 7 
1 7HND MET B 8 ? UNP Q62191 ? ? 'expression tag'        14 8 
# 
_pdbx_struct_assembly.id                   1 
_pdbx_struct_assembly.details              author_defined_assembly 
_pdbx_struct_assembly.method_details       ? 
_pdbx_struct_assembly.oligomeric_details   monomeric 
_pdbx_struct_assembly.oligomeric_count     1 
# 
_pdbx_struct_assembly_gen.assembly_id       1 
_pdbx_struct_assembly_gen.oper_expression   1 
_pdbx_struct_assembly_gen.asym_id_list      A,B,C,D,E 
# 
_pdbx_struct_oper_list.id                   1 
_pdbx_struct_oper_list.type                 'identity operation' 
_pdbx_struct_oper_list.name                 1_555 
_pdbx_struct_oper_list.symmetry_operation   x,y,z 
_pdbx_struct_oper_list.matrix[1][1]         1.0000000000 
_pdbx_struct_oper_list.matrix[1][2]         0.0000000000 
_pdbx_struct_oper_list.matrix[1][3]         0.0000000000 
_pdbx_struct_oper_list.vector[1]            0.0000000000 
_pdbx_struct_oper_list.matrix[2][1]         0.0000000000 
_pdbx_struct_oper_list.matrix[2][2]         1.0000000000 
_pdbx_struct_oper_list.matrix[2][3]         0.0000000000 
_pdbx_struct_oper_list.vector[2]            0.0000000000 
_pdbx_struct_oper_list.matrix[3][1]         0.0000000000 
_pdbx_struct_oper_list.matrix[3][2]         0.0000000000 
_pdbx_struct_oper_list.matrix[3][3]         1.0000000000 
_pdbx_struct_oper_list.vector[3]            0.0000000000 
# 
loop_
_struct_conf.conf_type_id 
_struct_conf.id 
_struct_conf.pdbx_PDB_helix_id 
_struct_conf.beg_label_comp_id 
_struct_conf.beg_label_asym_id 
_struct_conf.beg_label_seq_id 
_struct_conf.pdbx_beg_PDB_ins_code 
_struct_conf.end_label_comp_id 
_struct_conf.end_label_asym_id 
_struct_conf.end_label_seq_id 
_struct_conf.pdbx_end_PDB_ins_code 
_struct_conf.beg_auth_comp_id 
_struct_conf.beg_auth_asym_id 
_struct_conf.beg_auth_seq_id 
_struct_conf.end_auth_comp_id 
_struct_conf.end_auth_asym_id 
_struct_conf.end_auth_seq_id 
_struct_conf.pdbx_PDB_helix_class 
_struct_conf.details 
_struct_conf.pdbx_PDB_helix_length 
HELX_P HELX_P1 AA1 HIS A 4  ? MET A 8  ? HIS B 10  MET B 14  5 ? 5 
HELX_P HELX_P2 AA2 ASP A 14 ? ALA A 18 ? ASP B 20  ALA B 24  5 ? 5 
HELX_P HELX_P3 AA3 SER A 94 ? ASN A 97 ? SER B 100 ASN B 103 5 ? 4 
# 
_struct_conf_type.id          HELX_P 
_struct_conf_type.criteria    ? 
_struct_conf_type.reference   ? 
# 
_struct_mon_prot_cis.pdbx_id                1 
_struct_mon_prot_cis.label_comp_id          SER 
_struct_mon_prot_cis.label_seq_id           114 
_struct_mon_prot_cis.label_asym_id          A 
_struct_mon_prot_cis.label_alt_id           . 
_struct_mon_prot_cis.pdbx_PDB_ins_code      ? 
_struct_mon_prot_cis.auth_comp_id           SER 
_struct_mon_prot_cis.auth_seq_id            120 
_struct_mon_prot_cis.auth_asym_id           B 
_struct_mon_prot_cis.pdbx_label_comp_id_2   PRO 
_struct_mon_prot_cis.pdbx_label_seq_id_2    115 
_struct_mon_prot_cis.pdbx_label_asym_id_2   A 
_struct_mon_prot_cis.pdbx_PDB_ins_code_2    ? 
_struct_mon_prot_cis.pdbx_auth_comp_id_2    PRO 
_struct_mon_prot_cis.pdbx_auth_seq_id_2     121 
_struct_mon_prot_cis.pdbx_auth_asym_id_2    B 
_struct_mon_prot_cis.pdbx_PDB_model_num     1 
_struct_mon_prot_cis.pdbx_omega_angle       -0.06 
# 
loop_
_struct_sheet.id 
_struct_sheet.type 
_struct_sheet.number_strands 
_struct_sheet.details 
AA1 ? 7 ? 
AA2 ? 6 ? 
# 
loop_
_struct_sheet_order.sheet_id 
_struct_sheet_order.range_id_1 
_struct_sheet_order.range_id_2 
_struct_sheet_order.offset 
_struct_sheet_order.sense 
AA1 1 2 ? anti-parallel 
AA1 2 3 ? anti-parallel 
AA1 3 4 ? anti-parallel 
AA1 4 5 ? anti-parallel 
AA1 5 6 ? anti-parallel 
AA1 6 7 ? anti-parallel 
AA2 1 2 ? anti-parallel 
AA2 2 3 ? anti-parallel 
AA2 3 4 ? anti-parallel 
AA2 4 5 ? anti-parallel 
AA2 5 6 ? anti-parallel 
# 
loop_
_struct_sheet_range.sheet_id 
_struct_sheet_range.id 
_struct_sheet_range.beg_label_comp_id 
_struct_sheet_range.beg_label_asym_id 
_struct_sheet_range.beg_label_seq_id 
_struct_sheet_range.pdbx_beg_PDB_ins_code 
_struct_sheet_range.end_label_comp_id 
_struct_sheet_range.end_label_asym_id 
_struct_sheet_range.end_label_seq_id 
_struct_sheet_range.pdbx_end_PDB_ins_code 
_struct_sheet_range.beg_auth_comp_id 
_struct_sheet_range.beg_auth_asym_id 
_struct_sheet_range.beg_auth_seq_id 
_struct_sheet_range.end_auth_comp_id 
_struct_sheet_range.end_auth_asym_id 
_struct_sheet_range.end_auth_seq_id 
AA1 1 LEU A 22  ? ILE A 24  ? LEU B 28  ILE B 30  
AA1 2 GLN A 30  ? MET A 33  ? GLN B 36  MET B 39  
AA1 3 LEU A 181 ? LEU A 183 ? LEU B 187 LEU B 189 
AA1 4 LYS A 63  ? ASP A 69  ? LYS B 69  ASP B 75  
AA1 5 GLN A 127 ? ASP A 133 ? GLN B 133 ASP B 139 
AA1 6 VAL A 138 ? ASN A 143 ? VAL B 144 ASN B 149 
AA1 7 SER A 149 ? PHE A 154 ? SER B 155 PHE B 160 
AA2 1 MET A 52  ? LEU A 54  ? MET B 58  LEU B 60  
AA2 2 LEU A 163 ? ASN A 168 ? LEU B 169 ASN B 174 
AA2 3 TRP A 76  ? ARG A 82  ? TRP B 82  ARG B 88  
AA2 4 PHE A 99  ? TRP A 105 ? PHE B 105 TRP B 111 
AA2 5 SER A 108 ? ALA A 111 ? SER B 114 ALA B 117 
AA2 6 THR A 117 ? THR A 118 ? THR B 123 THR B 124 
# 
loop_
_pdbx_struct_sheet_hbond.sheet_id 
_pdbx_struct_sheet_hbond.range_id_1 
_pdbx_struct_sheet_hbond.range_id_2 
_pdbx_struct_sheet_hbond.range_1_label_atom_id 
_pdbx_struct_sheet_hbond.range_1_label_comp_id 
_pdbx_struct_sheet_hbond.range_1_label_asym_id 
_pdbx_struct_sheet_hbond.range_1_label_seq_id 
_pdbx_struct_sheet_hbond.range_1_PDB_ins_code 
_pdbx_struct_sheet_hbond.range_1_auth_atom_id 
_pdbx_struct_sheet_hbond.range_1_auth_comp_id 
_pdbx_struct_sheet_hbond.range_1_auth_asym_id 
_pdbx_struct_sheet_hbond.range_1_auth_seq_id 
_pdbx_struct_sheet_hbond.range_2_label_atom_id 
_pdbx_struct_sheet_hbond.range_2_label_comp_id 
_pdbx_struct_sheet_hbond.range_2_label_asym_id 
_pdbx_struct_sheet_hbond.range_2_label_seq_id 
_pdbx_struct_sheet_hbond.range_2_PDB_ins_code 
_pdbx_struct_sheet_hbond.range_2_auth_atom_id 
_pdbx_struct_sheet_hbond.range_2_auth_comp_id 
_pdbx_struct_sheet_hbond.range_2_auth_asym_id 
_pdbx_struct_sheet_hbond.range_2_auth_seq_id 
AA1 1 2 N ILE A 23  ? N ILE B 29  O ARG A 32  ? O ARG B 38  
AA1 2 3 N VAL A 31  ? N VAL B 37  O LEU A 181 ? O LEU B 187 
AA1 3 4 O LYS A 182 ? O LYS B 188 N ASP A 69  ? N ASP B 75  
AA1 4 5 N TRP A 66  ? N TRP B 72  O ILE A 130 ? O ILE B 136 
AA1 5 6 N PHE A 131 ? N PHE B 137 O SER A 140 ? O SER B 146 
AA1 6 7 N PHE A 141 ? N PHE B 147 O ILE A 151 ? O ILE B 157 
AA2 1 2 N VAL A 53  ? N VAL B 59  O PHE A 167 ? O PHE B 173 
AA2 2 3 O ARG A 164 ? O ARG B 170 N CYS A 81  ? N CYS B 87  
AA2 3 4 N VAL A 80  ? N VAL B 86  O TRP A 100 ? O TRP B 106 
AA2 4 5 N TRP A 105 ? N TRP B 111 O SER A 108 ? O SER B 114 
AA2 5 6 N ALA A 111 ? N ALA B 117 O THR A 117 ? O THR B 123 
# 
_pdbx_entry_details.entry_id                   7HND 
_pdbx_entry_details.compound_details           ? 
_pdbx_entry_details.source_details             ? 
_pdbx_entry_details.nonpolymer_details         ? 
_pdbx_entry_details.sequence_details           ? 
_pdbx_entry_details.has_ligand_of_interest     Y 
_pdbx_entry_details.has_protein_modification   N 
# 
_pdbx_validate_rmsd_angle.id                         1 
_pdbx_validate_rmsd_angle.PDB_model_num              1 
_pdbx_validate_rmsd_angle.auth_atom_id_1             CG 
_pdbx_validate_rmsd_angle.auth_asym_id_1             B 
_pdbx_validate_rmsd_angle.auth_comp_id_1             ARG 
_pdbx_validate_rmsd_angle.auth_seq_id_1              64 
_pdbx_validate_rmsd_angle.PDB_ins_code_1             ? 
_pdbx_validate_rmsd_angle.label_alt_id_1             ? 
_pdbx_validate_rmsd_angle.auth_atom_id_2             CD 
_pdbx_validate_rmsd_angle.auth_asym_id_2             B 
_pdbx_validate_rmsd_angle.auth_comp_id_2             ARG 
_pdbx_validate_rmsd_angle.auth_seq_id_2              64 
_pdbx_validate_rmsd_angle.PDB_ins_code_2             ? 
_pdbx_validate_rmsd_angle.label_alt_id_2             ? 
_pdbx_validate_rmsd_angle.auth_atom_id_3             NE 
_pdbx_validate_rmsd_angle.auth_asym_id_3             B 
_pdbx_validate_rmsd_angle.auth_comp_id_3             ARG 
_pdbx_validate_rmsd_angle.auth_seq_id_3              64 
_pdbx_validate_rmsd_angle.PDB_ins_code_3             ? 
_pdbx_validate_rmsd_angle.label_alt_id_3             ? 
_pdbx_validate_rmsd_angle.angle_value                125.75 
_pdbx_validate_rmsd_angle.angle_target_value         111.80 
_pdbx_validate_rmsd_angle.angle_deviation            13.95 
_pdbx_validate_rmsd_angle.angle_standard_deviation   2.10 
_pdbx_validate_rmsd_angle.linker_flag                N 
# 
loop_
_pdbx_validate_torsion.id 
_pdbx_validate_torsion.PDB_model_num 
_pdbx_validate_torsion.auth_comp_id 
_pdbx_validate_torsion.auth_asym_id 
_pdbx_validate_torsion.auth_seq_id 
_pdbx_validate_torsion.PDB_ins_code 
_pdbx_validate_torsion.label_alt_id 
_pdbx_validate_torsion.phi 
_pdbx_validate_torsion.psi 
1 1 ASN B 45  ? ? 72.68   31.89  
2 1 SER B 67  ? B 178.97  156.76 
3 1 ASP B 152 ? ? -102.00 54.88  
# 
_pdbx_struct_special_symmetry.id              1 
_pdbx_struct_special_symmetry.PDB_model_num   1 
_pdbx_struct_special_symmetry.auth_asym_id    B 
_pdbx_struct_special_symmetry.auth_comp_id    HOH 
_pdbx_struct_special_symmetry.auth_seq_id     423 
_pdbx_struct_special_symmetry.PDB_ins_code    ? 
_pdbx_struct_special_symmetry.label_asym_id   E 
_pdbx_struct_special_symmetry.label_comp_id   HOH 
_pdbx_struct_special_symmetry.label_seq_id    . 
# 
_phasing.method   MR 
# 
loop_
_pdbx_unobs_or_zero_occ_residues.id 
_pdbx_unobs_or_zero_occ_residues.PDB_model_num 
_pdbx_unobs_or_zero_occ_residues.polymer_flag 
_pdbx_unobs_or_zero_occ_residues.occupancy_flag 
_pdbx_unobs_or_zero_occ_residues.auth_asym_id 
_pdbx_unobs_or_zero_occ_residues.auth_comp_id 
_pdbx_unobs_or_zero_occ_residues.auth_seq_id 
_pdbx_unobs_or_zero_occ_residues.PDB_ins_code 
_pdbx_unobs_or_zero_occ_residues.label_asym_id 
_pdbx_unobs_or_zero_occ_residues.label_comp_id 
_pdbx_unobs_or_zero_occ_residues.label_seq_id 
1 1 Y 1 B MET 7   ? A MET 1   
2 1 Y 1 B LYS 193 ? A LYS 187 
3 1 Y 1 B MET 194 ? A MET 188 
# 
loop_
_chem_comp_atom.comp_id 
_chem_comp_atom.atom_id 
_chem_comp_atom.type_symbol 
_chem_comp_atom.pdbx_aromatic_flag 
_chem_comp_atom.pdbx_stereo_config 
_chem_comp_atom.pdbx_ordinal 
ALA N    N N N 1   
ALA CA   C N S 2   
ALA C    C N N 3   
ALA O    O N N 4   
ALA CB   C N N 5   
ALA OXT  O N N 6   
ALA H    H N N 7   
ALA H2   H N N 8   
ALA HA   H N N 9   
ALA HB1  H N N 10  
ALA HB2  H N N 11  
ALA HB3  H N N 12  
ALA HXT  H N N 13  
ARG N    N N N 14  
ARG CA   C N S 15  
ARG C    C N N 16  
ARG O    O N N 17  
ARG CB   C N N 18  
ARG CG   C N N 19  
ARG CD   C N N 20  
ARG NE   N N N 21  
ARG CZ   C N N 22  
ARG NH1  N N N 23  
ARG NH2  N N N 24  
ARG OXT  O N N 25  
ARG H    H N N 26  
ARG H2   H N N 27  
ARG HA   H N N 28  
ARG HB2  H N N 29  
ARG HB3  H N N 30  
ARG HG2  H N N 31  
ARG HG3  H N N 32  
ARG HD2  H N N 33  
ARG HD3  H N N 34  
ARG HE   H N N 35  
ARG HH11 H N N 36  
ARG HH12 H N N 37  
ARG HH21 H N N 38  
ARG HH22 H N N 39  
ARG HXT  H N N 40  
ASN N    N N N 41  
ASN CA   C N S 42  
ASN C    C N N 43  
ASN O    O N N 44  
ASN CB   C N N 45  
ASN CG   C N N 46  
ASN OD1  O N N 47  
ASN ND2  N N N 48  
ASN OXT  O N N 49  
ASN H    H N N 50  
ASN H2   H N N 51  
ASN HA   H N N 52  
ASN HB2  H N N 53  
ASN HB3  H N N 54  
ASN HD21 H N N 55  
ASN HD22 H N N 56  
ASN HXT  H N N 57  
ASP N    N N N 58  
ASP CA   C N S 59  
ASP C    C N N 60  
ASP O    O N N 61  
ASP CB   C N N 62  
ASP CG   C N N 63  
ASP OD1  O N N 64  
ASP OD2  O N N 65  
ASP OXT  O N N 66  
ASP H    H N N 67  
ASP H2   H N N 68  
ASP HA   H N N 69  
ASP HB2  H N N 70  
ASP HB3  H N N 71  
ASP HD2  H N N 72  
ASP HXT  H N N 73  
CYS N    N N N 74  
CYS CA   C N R 75  
CYS C    C N N 76  
CYS O    O N N 77  
CYS CB   C N N 78  
CYS SG   S N N 79  
CYS OXT  O N N 80  
CYS H    H N N 81  
CYS H2   H N N 82  
CYS HA   H N N 83  
CYS HB2  H N N 84  
CYS HB3  H N N 85  
CYS HG   H N N 86  
CYS HXT  H N N 87  
EDO C1   C N N 88  
EDO O1   O N N 89  
EDO C2   C N N 90  
EDO O2   O N N 91  
EDO H11  H N N 92  
EDO H12  H N N 93  
EDO HO1  H N N 94  
EDO H21  H N N 95  
EDO H22  H N N 96  
EDO HO2  H N N 97  
GLN N    N N N 98  
GLN CA   C N S 99  
GLN C    C N N 100 
GLN O    O N N 101 
GLN CB   C N N 102 
GLN CG   C N N 103 
GLN CD   C N N 104 
GLN OE1  O N N 105 
GLN NE2  N N N 106 
GLN OXT  O N N 107 
GLN H    H N N 108 
GLN H2   H N N 109 
GLN HA   H N N 110 
GLN HB2  H N N 111 
GLN HB3  H N N 112 
GLN HG2  H N N 113 
GLN HG3  H N N 114 
GLN HE21 H N N 115 
GLN HE22 H N N 116 
GLN HXT  H N N 117 
GLU N    N N N 118 
GLU CA   C N S 119 
GLU C    C N N 120 
GLU O    O N N 121 
GLU CB   C N N 122 
GLU CG   C N N 123 
GLU CD   C N N 124 
GLU OE1  O N N 125 
GLU OE2  O N N 126 
GLU OXT  O N N 127 
GLU H    H N N 128 
GLU H2   H N N 129 
GLU HA   H N N 130 
GLU HB2  H N N 131 
GLU HB3  H N N 132 
GLU HG2  H N N 133 
GLU HG3  H N N 134 
GLU HE2  H N N 135 
GLU HXT  H N N 136 
GLY N    N N N 137 
GLY CA   C N N 138 
GLY C    C N N 139 
GLY O    O N N 140 
GLY OXT  O N N 141 
GLY H    H N N 142 
GLY H2   H N N 143 
GLY HA2  H N N 144 
GLY HA3  H N N 145 
GLY HXT  H N N 146 
HIS N    N N N 147 
HIS CA   C N S 148 
HIS C    C N N 149 
HIS O    O N N 150 
HIS CB   C N N 151 
HIS CG   C Y N 152 
HIS ND1  N Y N 153 
HIS CD2  C Y N 154 
HIS CE1  C Y N 155 
HIS NE2  N Y N 156 
HIS OXT  O N N 157 
HIS H    H N N 158 
HIS H2   H N N 159 
HIS HA   H N N 160 
HIS HB2  H N N 161 
HIS HB3  H N N 162 
HIS HD1  H N N 163 
HIS HD2  H N N 164 
HIS HE1  H N N 165 
HIS HE2  H N N 166 
HIS HXT  H N N 167 
HOH O    O N N 168 
HOH H1   H N N 169 
HOH H2   H N N 170 
ILE N    N N N 171 
ILE CA   C N S 172 
ILE C    C N N 173 
ILE O    O N N 174 
ILE CB   C N S 175 
ILE CG1  C N N 176 
ILE CG2  C N N 177 
ILE CD1  C N N 178 
ILE OXT  O N N 179 
ILE H    H N N 180 
ILE H2   H N N 181 
ILE HA   H N N 182 
ILE HB   H N N 183 
ILE HG12 H N N 184 
ILE HG13 H N N 185 
ILE HG21 H N N 186 
ILE HG22 H N N 187 
ILE HG23 H N N 188 
ILE HD11 H N N 189 
ILE HD12 H N N 190 
ILE HD13 H N N 191 
ILE HXT  H N N 192 
LEU N    N N N 193 
LEU CA   C N S 194 
LEU C    C N N 195 
LEU O    O N N 196 
LEU CB   C N N 197 
LEU CG   C N N 198 
LEU CD1  C N N 199 
LEU CD2  C N N 200 
LEU OXT  O N N 201 
LEU H    H N N 202 
LEU H2   H N N 203 
LEU HA   H N N 204 
LEU HB2  H N N 205 
LEU HB3  H N N 206 
LEU HG   H N N 207 
LEU HD11 H N N 208 
LEU HD12 H N N 209 
LEU HD13 H N N 210 
LEU HD21 H N N 211 
LEU HD22 H N N 212 
LEU HD23 H N N 213 
LEU HXT  H N N 214 
LYS N    N N N 215 
LYS CA   C N S 216 
LYS C    C N N 217 
LYS O    O N N 218 
LYS CB   C N N 219 
LYS CG   C N N 220 
LYS CD   C N N 221 
LYS CE   C N N 222 
LYS NZ   N N N 223 
LYS OXT  O N N 224 
LYS H    H N N 225 
LYS H2   H N N 226 
LYS HA   H N N 227 
LYS HB2  H N N 228 
LYS HB3  H N N 229 
LYS HG2  H N N 230 
LYS HG3  H N N 231 
LYS HD2  H N N 232 
LYS HD3  H N N 233 
LYS HE2  H N N 234 
LYS HE3  H N N 235 
LYS HZ1  H N N 236 
LYS HZ2  H N N 237 
LYS HZ3  H N N 238 
LYS HXT  H N N 239 
MET N    N N N 240 
MET CA   C N S 241 
MET C    C N N 242 
MET O    O N N 243 
MET CB   C N N 244 
MET CG   C N N 245 
MET SD   S N N 246 
MET CE   C N N 247 
MET OXT  O N N 248 
MET H    H N N 249 
MET H2   H N N 250 
MET HA   H N N 251 
MET HB2  H N N 252 
MET HB3  H N N 253 
MET HG2  H N N 254 
MET HG3  H N N 255 
MET HE1  H N N 256 
MET HE2  H N N 257 
MET HE3  H N N 258 
MET HXT  H N N 259 
PHE N    N N N 260 
PHE CA   C N S 261 
PHE C    C N N 262 
PHE O    O N N 263 
PHE CB   C N N 264 
PHE CG   C Y N 265 
PHE CD1  C Y N 266 
PHE CD2  C Y N 267 
PHE CE1  C Y N 268 
PHE CE2  C Y N 269 
PHE CZ   C Y N 270 
PHE OXT  O N N 271 
PHE H    H N N 272 
PHE H2   H N N 273 
PHE HA   H N N 274 
PHE HB2  H N N 275 
PHE HB3  H N N 276 
PHE HD1  H N N 277 
PHE HD2  H N N 278 
PHE HE1  H N N 279 
PHE HE2  H N N 280 
PHE HZ   H N N 281 
PHE HXT  H N N 282 
PRO N    N N N 283 
PRO CA   C N S 284 
PRO C    C N N 285 
PRO O    O N N 286 
PRO CB   C N N 287 
PRO CG   C N N 288 
PRO CD   C N N 289 
PRO OXT  O N N 290 
PRO H    H N N 291 
PRO HA   H N N 292 
PRO HB2  H N N 293 
PRO HB3  H N N 294 
PRO HG2  H N N 295 
PRO HG3  H N N 296 
PRO HD2  H N N 297 
PRO HD3  H N N 298 
PRO HXT  H N N 299 
SER N    N N N 300 
SER CA   C N S 301 
SER C    C N N 302 
SER O    O N N 303 
SER CB   C N N 304 
SER OG   O N N 305 
SER OXT  O N N 306 
SER H    H N N 307 
SER H2   H N N 308 
SER HA   H N N 309 
SER HB2  H N N 310 
SER HB3  H N N 311 
SER HG   H N N 312 
SER HXT  H N N 313 
SO4 S    S N N 314 
SO4 O1   O N N 315 
SO4 O2   O N N 316 
SO4 O3   O N N 317 
SO4 O4   O N N 318 
THR N    N N N 319 
THR CA   C N S 320 
THR C    C N N 321 
THR O    O N N 322 
THR CB   C N R 323 
THR OG1  O N N 324 
THR CG2  C N N 325 
THR OXT  O N N 326 
THR H    H N N 327 
THR H2   H N N 328 
THR HA   H N N 329 
THR HB   H N N 330 
THR HG1  H N N 331 
THR HG21 H N N 332 
THR HG22 H N N 333 
THR HG23 H N N 334 
THR HXT  H N N 335 
TRP N    N N N 336 
TRP CA   C N S 337 
TRP C    C N N 338 
TRP O    O N N 339 
TRP CB   C N N 340 
TRP CG   C Y N 341 
TRP CD1  C Y N 342 
TRP CD2  C Y N 343 
TRP NE1  N Y N 344 
TRP CE2  C Y N 345 
TRP CE3  C Y N 346 
TRP CZ2  C Y N 347 
TRP CZ3  C Y N 348 
TRP CH2  C Y N 349 
TRP OXT  O N N 350 
TRP H    H N N 351 
TRP H2   H N N 352 
TRP HA   H N N 353 
TRP HB2  H N N 354 
TRP HB3  H N N 355 
TRP HD1  H N N 356 
TRP HE1  H N N 357 
TRP HE3  H N N 358 
TRP HZ2  H N N 359 
TRP HZ3  H N N 360 
TRP HH2  H N N 361 
TRP HXT  H N N 362 
TYR N    N N N 363 
TYR CA   C N S 364 
TYR C    C N N 365 
TYR O    O N N 366 
TYR CB   C N N 367 
TYR CG   C Y N 368 
TYR CD1  C Y N 369 
TYR CD2  C Y N 370 
TYR CE1  C Y N 371 
TYR CE2  C Y N 372 
TYR CZ   C Y N 373 
TYR OH   O N N 374 
TYR OXT  O N N 375 
TYR H    H N N 376 
TYR H2   H N N 377 
TYR HA   H N N 378 
TYR HB2  H N N 379 
TYR HB3  H N N 380 
TYR HD1  H N N 381 
TYR HD2  H N N 382 
TYR HE1  H N N 383 
TYR HE2  H N N 384 
TYR HH   H N N 385 
TYR HXT  H N N 386 
U78 C1   C N N 387 
U78 C2   C N N 388 
U78 O1   O N N 389 
U78 N1   N N N 390 
U78 C3   C N N 391 
U78 C4   C N N 392 
U78 C5   C Y N 393 
U78 C6   C Y N 394 
U78 C7   C Y N 395 
U78 C8   C Y N 396 
U78 C9   C Y N 397 
U78 C10  C Y N 398 
U78 C11  C N N 399 
U78 H1   H N N 400 
U78 H2   H N N 401 
U78 H3   H N N 402 
U78 H4   H N N 403 
U78 H5   H N N 404 
U78 H6   H N N 405 
U78 H7   H N N 406 
U78 H8   H N N 407 
U78 H9   H N N 408 
U78 H10  H N N 409 
U78 H11  H N N 410 
U78 H12  H N N 411 
U78 H13  H N N 412 
U78 H14  H N N 413 
U78 H15  H N N 414 
VAL N    N N N 415 
VAL CA   C N S 416 
VAL C    C N N 417 
VAL O    O N N 418 
VAL CB   C N N 419 
VAL CG1  C N N 420 
VAL CG2  C N N 421 
VAL OXT  O N N 422 
VAL H    H N N 423 
VAL H2   H N N 424 
VAL HA   H N N 425 
VAL HB   H N N 426 
VAL HG11 H N N 427 
VAL HG12 H N N 428 
VAL HG13 H N N 429 
VAL HG21 H N N 430 
VAL HG22 H N N 431 
VAL HG23 H N N 432 
VAL HXT  H N N 433 
# 
loop_
_chem_comp_bond.comp_id 
_chem_comp_bond.atom_id_1 
_chem_comp_bond.atom_id_2 
_chem_comp_bond.value_order 
_chem_comp_bond.pdbx_aromatic_flag 
_chem_comp_bond.pdbx_stereo_config 
_chem_comp_bond.pdbx_ordinal 
ALA N   CA   sing N N 1   
ALA N   H    sing N N 2   
ALA N   H2   sing N N 3   
ALA CA  C    sing N N 4   
ALA CA  CB   sing N N 5   
ALA CA  HA   sing N N 6   
ALA C   O    doub N N 7   
ALA C   OXT  sing N N 8   
ALA CB  HB1  sing N N 9   
ALA CB  HB2  sing N N 10  
ALA CB  HB3  sing N N 11  
ALA OXT HXT  sing N N 12  
ARG N   CA   sing N N 13  
ARG N   H    sing N N 14  
ARG N   H2   sing N N 15  
ARG CA  C    sing N N 16  
ARG CA  CB   sing N N 17  
ARG CA  HA   sing N N 18  
ARG C   O    doub N N 19  
ARG C   OXT  sing N N 20  
ARG CB  CG   sing N N 21  
ARG CB  HB2  sing N N 22  
ARG CB  HB3  sing N N 23  
ARG CG  CD   sing N N 24  
ARG CG  HG2  sing N N 25  
ARG CG  HG3  sing N N 26  
ARG CD  NE   sing N N 27  
ARG CD  HD2  sing N N 28  
ARG CD  HD3  sing N N 29  
ARG NE  CZ   sing N N 30  
ARG NE  HE   sing N N 31  
ARG CZ  NH1  sing N N 32  
ARG CZ  NH2  doub N N 33  
ARG NH1 HH11 sing N N 34  
ARG NH1 HH12 sing N N 35  
ARG NH2 HH21 sing N N 36  
ARG NH2 HH22 sing N N 37  
ARG OXT HXT  sing N N 38  
ASN N   CA   sing N N 39  
ASN N   H    sing N N 40  
ASN N   H2   sing N N 41  
ASN CA  C    sing N N 42  
ASN CA  CB   sing N N 43  
ASN CA  HA   sing N N 44  
ASN C   O    doub N N 45  
ASN C   OXT  sing N N 46  
ASN CB  CG   sing N N 47  
ASN CB  HB2  sing N N 48  
ASN CB  HB3  sing N N 49  
ASN CG  OD1  doub N N 50  
ASN CG  ND2  sing N N 51  
ASN ND2 HD21 sing N N 52  
ASN ND2 HD22 sing N N 53  
ASN OXT HXT  sing N N 54  
ASP N   CA   sing N N 55  
ASP N   H    sing N N 56  
ASP N   H2   sing N N 57  
ASP CA  C    sing N N 58  
ASP CA  CB   sing N N 59  
ASP CA  HA   sing N N 60  
ASP C   O    doub N N 61  
ASP C   OXT  sing N N 62  
ASP CB  CG   sing N N 63  
ASP CB  HB2  sing N N 64  
ASP CB  HB3  sing N N 65  
ASP CG  OD1  doub N N 66  
ASP CG  OD2  sing N N 67  
ASP OD2 HD2  sing N N 68  
ASP OXT HXT  sing N N 69  
CYS N   CA   sing N N 70  
CYS N   H    sing N N 71  
CYS N   H2   sing N N 72  
CYS CA  C    sing N N 73  
CYS CA  CB   sing N N 74  
CYS CA  HA   sing N N 75  
CYS C   O    doub N N 76  
CYS C   OXT  sing N N 77  
CYS CB  SG   sing N N 78  
CYS CB  HB2  sing N N 79  
CYS CB  HB3  sing N N 80  
CYS SG  HG   sing N N 81  
CYS OXT HXT  sing N N 82  
EDO C1  O1   sing N N 83  
EDO C1  C2   sing N N 84  
EDO C1  H11  sing N N 85  
EDO C1  H12  sing N N 86  
EDO O1  HO1  sing N N 87  
EDO C2  O2   sing N N 88  
EDO C2  H21  sing N N 89  
EDO C2  H22  sing N N 90  
EDO O2  HO2  sing N N 91  
GLN N   CA   sing N N 92  
GLN N   H    sing N N 93  
GLN N   H2   sing N N 94  
GLN CA  C    sing N N 95  
GLN CA  CB   sing N N 96  
GLN CA  HA   sing N N 97  
GLN C   O    doub N N 98  
GLN C   OXT  sing N N 99  
GLN CB  CG   sing N N 100 
GLN CB  HB2  sing N N 101 
GLN CB  HB3  sing N N 102 
GLN CG  CD   sing N N 103 
GLN CG  HG2  sing N N 104 
GLN CG  HG3  sing N N 105 
GLN CD  OE1  doub N N 106 
GLN CD  NE2  sing N N 107 
GLN NE2 HE21 sing N N 108 
GLN NE2 HE22 sing N N 109 
GLN OXT HXT  sing N N 110 
GLU N   CA   sing N N 111 
GLU N   H    sing N N 112 
GLU N   H2   sing N N 113 
GLU CA  C    sing N N 114 
GLU CA  CB   sing N N 115 
GLU CA  HA   sing N N 116 
GLU C   O    doub N N 117 
GLU C   OXT  sing N N 118 
GLU CB  CG   sing N N 119 
GLU CB  HB2  sing N N 120 
GLU CB  HB3  sing N N 121 
GLU CG  CD   sing N N 122 
GLU CG  HG2  sing N N 123 
GLU CG  HG3  sing N N 124 
GLU CD  OE1  doub N N 125 
GLU CD  OE2  sing N N 126 
GLU OE2 HE2  sing N N 127 
GLU OXT HXT  sing N N 128 
GLY N   CA   sing N N 129 
GLY N   H    sing N N 130 
GLY N   H2   sing N N 131 
GLY CA  C    sing N N 132 
GLY CA  HA2  sing N N 133 
GLY CA  HA3  sing N N 134 
GLY C   O    doub N N 135 
GLY C   OXT  sing N N 136 
GLY OXT HXT  sing N N 137 
HIS N   CA   sing N N 138 
HIS N   H    sing N N 139 
HIS N   H2   sing N N 140 
HIS CA  C    sing N N 141 
HIS CA  CB   sing N N 142 
HIS CA  HA   sing N N 143 
HIS C   O    doub N N 144 
HIS C   OXT  sing N N 145 
HIS CB  CG   sing N N 146 
HIS CB  HB2  sing N N 147 
HIS CB  HB3  sing N N 148 
HIS CG  ND1  sing Y N 149 
HIS CG  CD2  doub Y N 150 
HIS ND1 CE1  doub Y N 151 
HIS ND1 HD1  sing N N 152 
HIS CD2 NE2  sing Y N 153 
HIS CD2 HD2  sing N N 154 
HIS CE1 NE2  sing Y N 155 
HIS CE1 HE1  sing N N 156 
HIS NE2 HE2  sing N N 157 
HIS OXT HXT  sing N N 158 
HOH O   H1   sing N N 159 
HOH O   H2   sing N N 160 
ILE N   CA   sing N N 161 
ILE N   H    sing N N 162 
ILE N   H2   sing N N 163 
ILE CA  C    sing N N 164 
ILE CA  CB   sing N N 165 
ILE CA  HA   sing N N 166 
ILE C   O    doub N N 167 
ILE C   OXT  sing N N 168 
ILE CB  CG1  sing N N 169 
ILE CB  CG2  sing N N 170 
ILE CB  HB   sing N N 171 
ILE CG1 CD1  sing N N 172 
ILE CG1 HG12 sing N N 173 
ILE CG1 HG13 sing N N 174 
ILE CG2 HG21 sing N N 175 
ILE CG2 HG22 sing N N 176 
ILE CG2 HG23 sing N N 177 
ILE CD1 HD11 sing N N 178 
ILE CD1 HD12 sing N N 179 
ILE CD1 HD13 sing N N 180 
ILE OXT HXT  sing N N 181 
LEU N   CA   sing N N 182 
LEU N   H    sing N N 183 
LEU N   H2   sing N N 184 
LEU CA  C    sing N N 185 
LEU CA  CB   sing N N 186 
LEU CA  HA   sing N N 187 
LEU C   O    doub N N 188 
LEU C   OXT  sing N N 189 
LEU CB  CG   sing N N 190 
LEU CB  HB2  sing N N 191 
LEU CB  HB3  sing N N 192 
LEU CG  CD1  sing N N 193 
LEU CG  CD2  sing N N 194 
LEU CG  HG   sing N N 195 
LEU CD1 HD11 sing N N 196 
LEU CD1 HD12 sing N N 197 
LEU CD1 HD13 sing N N 198 
LEU CD2 HD21 sing N N 199 
LEU CD2 HD22 sing N N 200 
LEU CD2 HD23 sing N N 201 
LEU OXT HXT  sing N N 202 
LYS N   CA   sing N N 203 
LYS N   H    sing N N 204 
LYS N   H2   sing N N 205 
LYS CA  C    sing N N 206 
LYS CA  CB   sing N N 207 
LYS CA  HA   sing N N 208 
LYS C   O    doub N N 209 
LYS C   OXT  sing N N 210 
LYS CB  CG   sing N N 211 
LYS CB  HB2  sing N N 212 
LYS CB  HB3  sing N N 213 
LYS CG  CD   sing N N 214 
LYS CG  HG2  sing N N 215 
LYS CG  HG3  sing N N 216 
LYS CD  CE   sing N N 217 
LYS CD  HD2  sing N N 218 
LYS CD  HD3  sing N N 219 
LYS CE  NZ   sing N N 220 
LYS CE  HE2  sing N N 221 
LYS CE  HE3  sing N N 222 
LYS NZ  HZ1  sing N N 223 
LYS NZ  HZ2  sing N N 224 
LYS NZ  HZ3  sing N N 225 
LYS OXT HXT  sing N N 226 
MET N   CA   sing N N 227 
MET N   H    sing N N 228 
MET N   H2   sing N N 229 
MET CA  C    sing N N 230 
MET CA  CB   sing N N 231 
MET CA  HA   sing N N 232 
MET C   O    doub N N 233 
MET C   OXT  sing N N 234 
MET CB  CG   sing N N 235 
MET CB  HB2  sing N N 236 
MET CB  HB3  sing N N 237 
MET CG  SD   sing N N 238 
MET CG  HG2  sing N N 239 
MET CG  HG3  sing N N 240 
MET SD  CE   sing N N 241 
MET CE  HE1  sing N N 242 
MET CE  HE2  sing N N 243 
MET CE  HE3  sing N N 244 
MET OXT HXT  sing N N 245 
PHE N   CA   sing N N 246 
PHE N   H    sing N N 247 
PHE N   H2   sing N N 248 
PHE CA  C    sing N N 249 
PHE CA  CB   sing N N 250 
PHE CA  HA   sing N N 251 
PHE C   O    doub N N 252 
PHE C   OXT  sing N N 253 
PHE CB  CG   sing N N 254 
PHE CB  HB2  sing N N 255 
PHE CB  HB3  sing N N 256 
PHE CG  CD1  doub Y N 257 
PHE CG  CD2  sing Y N 258 
PHE CD1 CE1  sing Y N 259 
PHE CD1 HD1  sing N N 260 
PHE CD2 CE2  doub Y N 261 
PHE CD2 HD2  sing N N 262 
PHE CE1 CZ   doub Y N 263 
PHE CE1 HE1  sing N N 264 
PHE CE2 CZ   sing Y N 265 
PHE CE2 HE2  sing N N 266 
PHE CZ  HZ   sing N N 267 
PHE OXT HXT  sing N N 268 
PRO N   CA   sing N N 269 
PRO N   CD   sing N N 270 
PRO N   H    sing N N 271 
PRO CA  C    sing N N 272 
PRO CA  CB   sing N N 273 
PRO CA  HA   sing N N 274 
PRO C   O    doub N N 275 
PRO C   OXT  sing N N 276 
PRO CB  CG   sing N N 277 
PRO CB  HB2  sing N N 278 
PRO CB  HB3  sing N N 279 
PRO CG  CD   sing N N 280 
PRO CG  HG2  sing N N 281 
PRO CG  HG3  sing N N 282 
PRO CD  HD2  sing N N 283 
PRO CD  HD3  sing N N 284 
PRO OXT HXT  sing N N 285 
SER N   CA   sing N N 286 
SER N   H    sing N N 287 
SER N   H2   sing N N 288 
SER CA  C    sing N N 289 
SER CA  CB   sing N N 290 
SER CA  HA   sing N N 291 
SER C   O    doub N N 292 
SER C   OXT  sing N N 293 
SER CB  OG   sing N N 294 
SER CB  HB2  sing N N 295 
SER CB  HB3  sing N N 296 
SER OG  HG   sing N N 297 
SER OXT HXT  sing N N 298 
SO4 S   O1   doub N N 299 
SO4 S   O2   doub N N 300 
SO4 S   O3   sing N N 301 
SO4 S   O4   sing N N 302 
THR N   CA   sing N N 303 
THR N   H    sing N N 304 
THR N   H2   sing N N 305 
THR CA  C    sing N N 306 
THR CA  CB   sing N N 307 
THR CA  HA   sing N N 308 
THR C   O    doub N N 309 
THR C   OXT  sing N N 310 
THR CB  OG1  sing N N 311 
THR CB  CG2  sing N N 312 
THR CB  HB   sing N N 313 
THR OG1 HG1  sing N N 314 
THR CG2 HG21 sing N N 315 
THR CG2 HG22 sing N N 316 
THR CG2 HG23 sing N N 317 
THR OXT HXT  sing N N 318 
TRP N   CA   sing N N 319 
TRP N   H    sing N N 320 
TRP N   H2   sing N N 321 
TRP CA  C    sing N N 322 
TRP CA  CB   sing N N 323 
TRP CA  HA   sing N N 324 
TRP C   O    doub N N 325 
TRP C   OXT  sing N N 326 
TRP CB  CG   sing N N 327 
TRP CB  HB2  sing N N 328 
TRP CB  HB3  sing N N 329 
TRP CG  CD1  doub Y N 330 
TRP CG  CD2  sing Y N 331 
TRP CD1 NE1  sing Y N 332 
TRP CD1 HD1  sing N N 333 
TRP CD2 CE2  doub Y N 334 
TRP CD2 CE3  sing Y N 335 
TRP NE1 CE2  sing Y N 336 
TRP NE1 HE1  sing N N 337 
TRP CE2 CZ2  sing Y N 338 
TRP CE3 CZ3  doub Y N 339 
TRP CE3 HE3  sing N N 340 
TRP CZ2 CH2  doub Y N 341 
TRP CZ2 HZ2  sing N N 342 
TRP CZ3 CH2  sing Y N 343 
TRP CZ3 HZ3  sing N N 344 
TRP CH2 HH2  sing N N 345 
TRP OXT HXT  sing N N 346 
TYR N   CA   sing N N 347 
TYR N   H    sing N N 348 
TYR N   H2   sing N N 349 
TYR CA  C    sing N N 350 
TYR CA  CB   sing N N 351 
TYR CA  HA   sing N N 352 
TYR C   O    doub N N 353 
TYR C   OXT  sing N N 354 
TYR CB  CG   sing N N 355 
TYR CB  HB2  sing N N 356 
TYR CB  HB3  sing N N 357 
TYR CG  CD1  doub Y N 358 
TYR CG  CD2  sing Y N 359 
TYR CD1 CE1  sing Y N 360 
TYR CD1 HD1  sing N N 361 
TYR CD2 CE2  doub Y N 362 
TYR CD2 HD2  sing N N 363 
TYR CE1 CZ   doub Y N 364 
TYR CE1 HE1  sing N N 365 
TYR CE2 CZ   sing Y N 366 
TYR CE2 HE2  sing N N 367 
TYR CZ  OH   sing N N 368 
TYR OH  HH   sing N N 369 
TYR OXT HXT  sing N N 370 
U78 O1  C2   doub N N 371 
U78 C1  C2   sing N N 372 
U78 C2  N1   sing N N 373 
U78 N1  C3   sing N N 374 
U78 C3  C4   sing N N 375 
U78 C4  C5   sing N N 376 
U78 C5  C6   doub Y N 377 
U78 C5  C10  sing Y N 378 
U78 C11 C10  sing N N 379 
U78 C6  C7   sing Y N 380 
U78 C10 C9   doub Y N 381 
U78 C7  C8   doub Y N 382 
U78 C9  C8   sing Y N 383 
U78 C1  H1   sing N N 384 
U78 C1  H2   sing N N 385 
U78 C1  H3   sing N N 386 
U78 N1  H4   sing N N 387 
U78 C3  H5   sing N N 388 
U78 C3  H6   sing N N 389 
U78 C4  H7   sing N N 390 
U78 C4  H8   sing N N 391 
U78 C6  H9   sing N N 392 
U78 C7  H10  sing N N 393 
U78 C8  H11  sing N N 394 
U78 C9  H12  sing N N 395 
U78 C11 H13  sing N N 396 
U78 C11 H14  sing N N 397 
U78 C11 H15  sing N N 398 
VAL N   CA   sing N N 399 
VAL N   H    sing N N 400 
VAL N   H2   sing N N 401 
VAL CA  C    sing N N 402 
VAL CA  CB   sing N N 403 
VAL CA  HA   sing N N 404 
VAL C   O    doub N N 405 
VAL C   OXT  sing N N 406 
VAL CB  CG1  sing N N 407 
VAL CB  CG2  sing N N 408 
VAL CB  HB   sing N N 409 
VAL CG1 HG11 sing N N 410 
VAL CG1 HG12 sing N N 411 
VAL CG1 HG13 sing N N 412 
VAL CG2 HG21 sing N N 413 
VAL CG2 HG22 sing N N 414 
VAL CG2 HG23 sing N N 415 
VAL OXT HXT  sing N N 416 
# 
_pdbx_audit_support.ordinal                1 
_pdbx_audit_support.funding_organization   'European Union (EU)' 
_pdbx_audit_support.grant_number           875510 
_pdbx_audit_support.country                'European Union' 
# 
_pdbx_deposit_group.group_id            G_1002320 
_pdbx_deposit_group.group_description   
;PRYSPRY domain of murine TRIM21 screened against the DSI-poised Fragment Library by X-ray Crystallography at the XChem facility of Diamon Light Source
;
_pdbx_deposit_group.group_title         'PanDDA analysis group deposition' 
_pdbx_deposit_group.group_type          'changed state' 
# 
_pdbx_initial_refinement_model.id               1 
_pdbx_initial_refinement_model.entity_id_list   ? 
_pdbx_initial_refinement_model.type             'experimental model' 
_pdbx_initial_refinement_model.source_name      PDB 
_pdbx_initial_refinement_model.accession_code   2VOK 
_pdbx_initial_refinement_model.details          ? 
# 
_atom_sites.entry_id                    7HND 
_atom_sites.fract_transf_matrix[1][1]   0.00287582 
_atom_sites.fract_transf_matrix[1][2]   -0.00710886 
_atom_sites.fract_transf_matrix[1][3]   0.00714899 
_atom_sites.fract_transf_matrix[2][1]   0.00101470 
_atom_sites.fract_transf_matrix[2][2]   0.00760048 
_atom_sites.fract_transf_matrix[2][3]   0.00714964 
_atom_sites.fract_transf_matrix[3][1]   -0.02085353 
_atom_sites.fract_transf_matrix[3][2]   -0.00263877 
_atom_sites.fract_transf_matrix[3][3]   0.00576477 
_atom_sites.fract_transf_vector[1]      -0.298655 
_atom_sites.fract_transf_vector[2]      -0.117141 
_atom_sites.fract_transf_vector[3]      -0.503844 
# 
loop_
_atom_type.symbol 
C 
N 
O 
S 
# 
loop_
_atom_site.group_PDB 
_atom_site.id 
_atom_site.type_symbol 
_atom_site.label_atom_id 
_atom_site.label_alt_id 
_atom_site.label_comp_id 
_atom_site.label_asym_id 
_atom_site.label_entity_id 
_atom_site.label_seq_id 
_atom_site.pdbx_PDB_ins_code 
_atom_site.Cartn_x 
_atom_site.Cartn_y 
_atom_site.Cartn_z 
_atom_site.occupancy 
_atom_site.B_iso_or_equiv 
_atom_site.pdbx_formal_charge 
_atom_site.auth_seq_id 
_atom_site.auth_comp_id 
_atom_site.auth_asym_id 
_atom_site.auth_atom_id 
_atom_site.pdbx_PDB_model_num 
ATOM   1    N N   . HIS A 1 2   ? -8.570  -12.960 12.835  1.00 58.86 ? 8   HIS B N   1 
ATOM   2    C CA  . HIS A 1 2   ? -7.310  -13.674 12.394  1.00 53.73 ? 8   HIS B CA  1 
ATOM   3    C C   . HIS A 1 2   ? -6.291  -13.721 13.543  1.00 52.35 ? 8   HIS B C   1 
ATOM   4    O O   . HIS A 1 2   ? -6.429  -12.929 14.513  1.00 53.65 ? 8   HIS B O   1 
ATOM   5    C CB  . HIS A 1 2   ? -6.705  -13.007 11.141  1.00 44.60 ? 8   HIS B CB  1 
ATOM   6    C CG  . HIS A 1 2   ? -6.146  -11.646 11.388  1.00 40.21 ? 8   HIS B CG  1 
ATOM   7    N ND1 . HIS A 1 2   ? -4.895  -11.457 11.945  1.00 40.88 ? 8   HIS B ND1 1 
ATOM   8    C CD2 . HIS A 1 2   ? -6.648  -10.410 11.170  1.00 38.40 ? 8   HIS B CD2 1 
ATOM   9    C CE1 . HIS A 1 2   ? -4.658  -10.161 12.070  1.00 41.07 ? 8   HIS B CE1 1 
ATOM   10   N NE2 . HIS A 1 2   ? -5.717  -9.492  11.609  1.00 36.22 ? 8   HIS B NE2 1 
ATOM   11   N N   . HIS A 1 3   ? -5.279  -14.579 13.400  1.00 46.04 ? 9   HIS B N   1 
ATOM   12   C CA  . HIS A 1 3   ? -4.199  -14.809 14.392  1.00 46.32 ? 9   HIS B CA  1 
ATOM   13   C C   . HIS A 1 3   ? -2.825  -14.575 13.744  1.00 41.27 ? 9   HIS B C   1 
ATOM   14   O O   . HIS A 1 3   ? -1.883  -15.327 14.085  1.00 40.34 ? 9   HIS B O   1 
ATOM   15   C CB  . HIS A 1 3   ? -4.387  -16.211 15.000  1.00 56.80 ? 9   HIS B CB  1 
ATOM   16   C CG  . HIS A 1 3   ? -5.735  -16.392 15.629  1.00 65.65 ? 9   HIS B CG  1 
ATOM   17   N ND1 . HIS A 1 3   ? -6.058  -15.858 16.873  1.00 65.22 ? 9   HIS B ND1 1 
ATOM   18   C CD2 . HIS A 1 3   ? -6.852  -17.009 15.184  1.00 69.64 ? 9   HIS B CD2 1 
ATOM   19   C CE1 . HIS A 1 3   ? -7.308  -16.150 17.166  1.00 68.28 ? 9   HIS B CE1 1 
ATOM   20   N NE2 . HIS A 1 3   ? -7.816  -16.861 16.150  1.00 72.42 ? 9   HIS B NE2 1 
ATOM   21   N N   . HIS A 1 4   ? -2.699  -13.548 12.874  1.00 33.31 ? 10  HIS B N   1 
ATOM   22   C CA  . HIS A 1 4   ? -1.458  -13.226 12.106  1.00 28.67 ? 10  HIS B CA  1 
ATOM   23   C C   . HIS A 1 4   ? -0.609  -12.179 12.837  1.00 27.82 ? 10  HIS B C   1 
ATOM   24   O O   . HIS A 1 4   ? 0.521   -11.941 12.403  1.00 26.08 ? 10  HIS B O   1 
ATOM   25   C CB  . HIS A 1 4   ? -1.760  -12.718 10.677  1.00 27.73 ? 10  HIS B CB  1 
ATOM   26   C CG  . HIS A 1 4   ? -2.506  -13.687 9.816   1.00 29.13 ? 10  HIS B CG  1 
ATOM   27   N ND1 . HIS A 1 4   ? -2.100  -15.017 9.646   1.00 27.86 ? 10  HIS B ND1 1 
ATOM   28   C CD2 . HIS A 1 4   ? -3.614  -13.525 9.048   1.00 27.45 ? 10  HIS B CD2 1 
ATOM   29   C CE1 . HIS A 1 4   ? -2.946  -15.620 8.820   1.00 32.93 ? 10  HIS B CE1 1 
ATOM   30   N NE2 . HIS A 1 4   ? -3.869  -14.717 8.427   1.00 30.64 ? 10  HIS B NE2 1 
ATOM   31   N N   . HIS A 1 5   ? -1.119  -11.581 13.922  1.00 28.68 ? 11  HIS B N   1 
ATOM   32   C CA  . HIS A 1 5   ? -0.479  -10.441 14.640  1.00 31.57 ? 11  HIS B CA  1 
ATOM   33   C C   . HIS A 1 5   ? 0.977   -10.743 15.019  1.00 29.30 ? 11  HIS B C   1 
ATOM   34   O O   . HIS A 1 5   ? 1.804   -9.808  14.954  1.00 33.41 ? 11  HIS B O   1 
ATOM   35   C CB  . HIS A 1 5   ? -1.300  -10.035 15.881  1.00 36.06 ? 11  HIS B CB  1 
ATOM   36   C CG  . HIS A 1 5   ? -2.709  -9.685  15.552  1.00 42.36 ? 11  HIS B CG  1 
ATOM   37   N ND1 . HIS A 1 5   ? -3.727  -10.641 15.548  1.00 50.58 ? 11  HIS B ND1 1 
ATOM   38   C CD2 . HIS A 1 5   ? -3.275  -8.511  15.188  1.00 46.15 ? 11  HIS B CD2 1 
ATOM   39   C CE1 . HIS A 1 5   ? -4.868  -10.061 15.208  1.00 53.50 ? 11  HIS B CE1 1 
ATOM   40   N NE2 . HIS A 1 5   ? -4.618  -8.752  14.976  1.00 49.76 ? 11  HIS B NE2 1 
ATOM   41   N N   . HIS A 1 6   ? 1.298   -11.999 15.365  1.00 28.59 ? 12  HIS B N   1 
ATOM   42   C CA  . HIS A 1 6   ? 2.640   -12.426 15.830  1.00 28.24 ? 12  HIS B CA  1 
ATOM   43   C C   . HIS A 1 6   ? 3.679   -12.373 14.708  1.00 26.49 ? 12  HIS B C   1 
ATOM   44   O O   . HIS A 1 6   ? 4.868   -12.500 15.016  1.00 27.53 ? 12  HIS B O   1 
ATOM   45   C CB  . HIS A 1 6   ? 2.587   -13.821 16.483  1.00 32.20 ? 12  HIS B CB  1 
ATOM   46   C CG  . HIS A 1 6   ? 2.059   -14.910 15.617  1.00 31.52 ? 12  HIS B CG  1 
ATOM   47   N ND1 . HIS A 1 6   ? 2.869   -15.939 15.143  1.00 38.74 ? 12  HIS B ND1 1 
ATOM   48   C CD2 . HIS A 1 6   ? 0.811   -15.180 15.175  1.00 36.14 ? 12  HIS B CD2 1 
ATOM   49   C CE1 . HIS A 1 6   ? 2.150   -16.771 14.420  1.00 31.84 ? 12  HIS B CE1 1 
ATOM   50   N NE2 . HIS A 1 6   ? 0.874   -16.335 14.427  1.00 39.45 ? 12  HIS B NE2 1 
ATOM   51   N N   . HIS A 1 7   ? 3.276   -12.236 13.433  1.00 23.05 ? 13  HIS B N   1 
ATOM   52   C CA  . HIS A 1 7   ? 4.225   -12.050 12.297  1.00 20.76 ? 13  HIS B CA  1 
ATOM   53   C C   . HIS A 1 7   ? 4.472   -10.564 12.054  1.00 18.56 ? 13  HIS B C   1 
ATOM   54   O O   . HIS A 1 7   ? 4.974   -10.247 10.971  1.00 16.38 ? 13  HIS B O   1 
ATOM   55   C CB  . HIS A 1 7   ? 3.696   -12.714 11.028  1.00 19.43 ? 13  HIS B CB  1 
ATOM   56   C CG  . HIS A 1 7   ? 3.465   -14.186 11.198  1.00 19.82 ? 13  HIS B CG  1 
ATOM   57   N ND1 . HIS A 1 7   ? 4.516   -15.043 11.489  1.00 20.51 ? 13  HIS B ND1 1 
ATOM   58   C CD2 . HIS A 1 7   ? 2.344   -14.932 11.087  1.00 20.64 ? 13  HIS B CD2 1 
ATOM   59   C CE1 . HIS A 1 7   ? 4.046   -16.270 11.571  1.00 19.81 ? 13  HIS B CE1 1 
ATOM   60   N NE2 . HIS A 1 7   ? 2.716   -16.245 11.333  1.00 22.70 ? 13  HIS B NE2 1 
ATOM   61   N N   . MET A 1 8   ? 4.087   -9.702  12.988  1.00 18.92 ? 14  MET B N   1 
ATOM   62   C CA  . MET A 1 8   ? 4.247   -8.225  12.865  1.00 21.44 ? 14  MET B CA  1 
ATOM   63   C C   . MET A 1 8   ? 5.692   -7.893  12.476  1.00 20.40 ? 14  MET B C   1 
ATOM   64   O O   . MET A 1 8   ? 6.668   -8.416  13.102  1.00 22.18 ? 14  MET B O   1 
ATOM   65   C CB  . MET A 1 8   ? 3.922   -7.520  14.187  1.00 26.20 ? 14  MET B CB  1 
ATOM   66   C CG  . MET A 1 8   ? 3.989   -5.993  14.147  1.00 30.71 ? 14  MET B CG  1 
ATOM   67   S SD  . MET A 1 8   ? 2.713   -5.166  13.124  1.00 42.44 ? 14  MET B SD  1 
ATOM   68   C CE  . MET A 1 8   ? 1.305   -5.237  14.225  1.00 34.53 ? 14  MET B CE  1 
ATOM   69   N N   . VAL A 1 9   ? 5.865   -7.001  11.507  1.00 17.55 ? 15  VAL B N   1 
ATOM   70   C CA  . VAL A 1 9   ? 7.185   -6.471  11.070  1.00 17.71 ? 15  VAL B CA  1 
ATOM   71   C C   . VAL A 1 9   ? 7.104   -4.938  11.170  1.00 19.24 ? 15  VAL B C   1 
ATOM   72   O O   . VAL A 1 9   ? 6.018   -4.348  10.946  1.00 17.95 ? 15  VAL B O   1 
ATOM   73   C CB  . VAL A 1 9   ? 7.592   -6.917  9.651   1.00 19.06 ? 15  VAL B CB  1 
ATOM   74   C CG1 . VAL A 1 9   ? 7.928   -8.395  9.627   1.00 21.80 ? 15  VAL B CG1 1 
ATOM   75   C CG2 . VAL A 1 9   ? 6.559   -6.598  8.601   1.00 19.54 ? 15  VAL B CG2 1 
ATOM   76   N N   . HIS A 1 10  ? 8.231   -4.309  11.455  1.00 18.82 ? 16  HIS B N   1 
ATOM   77   C CA  . HIS A 1 10  ? 8.319   -2.840  11.607  1.00 18.84 ? 16  HIS B CA  1 
ATOM   78   C C   . HIS A 1 10  ? 8.672   -2.269  10.235  1.00 18.39 ? 16  HIS B C   1 
ATOM   79   O O   . HIS A 1 10  ? 9.776   -2.497  9.743   1.00 20.99 ? 16  HIS B O   1 
ATOM   80   C CB  . HIS A 1 10  ? 9.372   -2.471  12.650  1.00 20.18 ? 16  HIS B CB  1 
ATOM   81   C CG  . HIS A 1 10  ? 9.506   -1.003  12.901  1.00 24.00 ? 16  HIS B CG  1 
ATOM   82   N ND1 . HIS A 1 10  ? 8.634   -0.316  13.735  1.00 27.16 ? 16  HIS B ND1 1 
ATOM   83   C CD2 . HIS A 1 10  ? 10.400  -0.098  12.432  1.00 27.48 ? 16  HIS B CD2 1 
ATOM   84   C CE1 . HIS A 1 10  ? 8.982   0.966   13.773  1.00 24.84 ? 16  HIS B CE1 1 
ATOM   85   N NE2 . HIS A 1 10  ? 10.070  1.122   12.966  1.00 29.07 ? 16  HIS B NE2 1 
ATOM   86   N N   . ILE A 1 11  ? 7.695   -1.656  9.577   1.00 15.44 ? 17  ILE B N   1 
ATOM   87   C CA  . ILE A 1 11  ? 7.887   -1.122  8.215   1.00 16.50 ? 17  ILE B CA  1 
ATOM   88   C C   . ILE A 1 11  ? 8.279   0.363   8.334   1.00 15.88 ? 17  ILE B C   1 
ATOM   89   O O   . ILE A 1 11  ? 7.751   1.046   9.180   1.00 15.31 ? 17  ILE B O   1 
ATOM   90   C CB  . ILE A 1 11  ? 6.615   -1.281  7.362   1.00 15.78 ? 17  ILE B CB  1 
ATOM   91   C CG1 . ILE A 1 11  ? 6.203   -2.755  7.225   1.00 17.57 ? 17  ILE B CG1 1 
ATOM   92   C CG2 . ILE A 1 11  ? 6.827   -0.607  6.015   1.00 14.95 ? 17  ILE B CG2 1 
ATOM   93   C CD1 . ILE A 1 11  ? 7.317   -3.678  6.727   1.00 17.72 ? 17  ILE B CD1 1 
ATOM   94   N N   . THR A 1 12  ? 9.225   0.768   7.514   1.00 14.58 ? 18  THR B N   1 
ATOM   95   C CA  . THR A 1 12  ? 9.580   2.207   7.330   1.00 15.17 ? 18  THR B CA  1 
ATOM   96   C C   . THR A 1 12  ? 9.543   2.556   5.850   1.00 15.59 ? 18  THR B C   1 
ATOM   97   O O   . THR A 1 12  ? 9.683   1.677   4.999   1.00 17.03 ? 18  THR B O   1 
ATOM   98   C CB  . THR A 1 12  ? 10.954  2.515   7.930   1.00 17.47 ? 18  THR B CB  1 
ATOM   99   O OG1 . THR A 1 12  ? 11.952  1.765   7.265   1.00 18.70 ? 18  THR B OG1 1 
ATOM   100  C CG2 . THR A 1 12  ? 11.034  2.287   9.421   1.00 19.55 ? 18  THR B CG2 1 
ATOM   101  N N   . LEU A 1 13  ? 9.281   3.833   5.540   1.00 13.97 ? 19  LEU B N   1 
ATOM   102  C CA  . LEU A 1 13  ? 9.133   4.271   4.148   1.00 13.78 ? 19  LEU B CA  1 
ATOM   103  C C   . LEU A 1 13  ? 10.485  4.656   3.562   1.00 14.04 ? 19  LEU B C   1 
ATOM   104  O O   . LEU A 1 13  ? 11.293  5.284   4.290   1.00 16.09 ? 19  LEU B O   1 
ATOM   105  C CB  . LEU A 1 13  ? 8.159   5.443   4.113   1.00 14.77 ? 19  LEU B CB  1 
ATOM   106  C CG  . LEU A 1 13  ? 6.765   5.098   4.616   1.00 14.65 ? 19  LEU B CG  1 
ATOM   107  C CD1 . LEU A 1 13  ? 5.875   6.333   4.739   1.00 16.51 ? 19  LEU B CD1 1 
ATOM   108  C CD2 . LEU A 1 13  ? 6.100   4.055   3.716   1.00 16.32 ? 19  LEU B CD2 1 
ATOM   109  N N   . ASP A 1 14  ? 10.668  4.391   2.293   1.00 13.28 ? 20  ASP B N   1 
ATOM   110  C CA  . ASP A 1 14  ? 11.912  4.668   1.545   1.00 14.03 ? 20  ASP B CA  1 
ATOM   111  C C   . ASP A 1 14  ? 11.703  5.991   0.771   1.00 15.04 ? 20  ASP B C   1 
ATOM   112  O O   . ASP A 1 14  ? 11.106  5.983   -0.306  1.00 13.77 ? 20  ASP B O   1 
ATOM   113  C CB  . ASP A 1 14  ? 12.311  3.492   0.652   1.00 14.16 ? 20  ASP B CB  1 
ATOM   114  C CG  . ASP A 1 14  ? 13.590  3.696   -0.150  1.00 18.69 ? 20  ASP B CG  1 
ATOM   115  O OD1 . ASP A 1 14  ? 14.077  4.851   -0.137  1.00 17.43 ? 20  ASP B OD1 1 
ATOM   116  O OD2 . ASP A 1 14  ? 14.055  2.762   -0.866  1.00 18.17 ? 20  ASP B OD2 1 
ATOM   117  N N   A ARG A 1 15  ? 12.218  7.089   1.343   0.25 15.73 ? 21  ARG B N   1 
ATOM   118  N N   B ARG A 1 15  ? 12.220  7.097   1.311   0.25 16.76 ? 21  ARG B N   1 
ATOM   119  C CA  A ARG A 1 15  ? 12.205  8.464   0.765   0.25 17.41 ? 21  ARG B CA  1 
ATOM   120  C CA  B ARG A 1 15  ? 12.072  8.454   0.714   0.25 19.09 ? 21  ARG B CA  1 
ATOM   121  C C   A ARG A 1 15  ? 12.506  8.407   -0.739  0.25 17.01 ? 21  ARG B C   1 
ATOM   122  C C   B ARG A 1 15  ? 12.519  8.441   -0.759  0.25 18.28 ? 21  ARG B C   1 
ATOM   123  O O   A ARG A 1 15  ? 11.729  9.050   -1.566  0.25 16.99 ? 21  ARG B O   1 
ATOM   124  O O   B ARG A 1 15  ? 11.845  9.153   -1.603  0.25 19.33 ? 21  ARG B O   1 
ATOM   125  C CB  A ARG A 1 15  ? 13.247  9.341   1.479   0.25 18.47 ? 21  ARG B CB  1 
ATOM   126  C CB  B ARG A 1 15  ? 12.856  9.487   1.537   0.25 22.17 ? 21  ARG B CB  1 
ATOM   127  C CG  A ARG A 1 15  ? 12.941  9.571   2.950   0.25 20.88 ? 21  ARG B CG  1 
ATOM   128  C CG  B ARG A 1 15  ? 12.236  9.793   2.894   0.25 25.71 ? 21  ARG B CG  1 
ATOM   129  C CD  A ARG A 1 15  ? 13.876  10.549  3.643   0.25 21.00 ? 21  ARG B CD  1 
ATOM   130  C CD  B ARG A 1 15  ? 12.860  8.967   4.009   0.25 30.09 ? 21  ARG B CD  1 
ATOM   131  N NE  A ARG A 1 15  ? 13.371  10.817  4.978   0.25 21.48 ? 21  ARG B NE  1 
ATOM   132  N NE  B ARG A 1 15  ? 13.947  9.631   4.728   0.25 33.14 ? 21  ARG B NE  1 
ATOM   133  C CZ  A ARG A 1 15  ? 12.308  11.569  5.202   0.25 20.00 ? 21  ARG B CZ  1 
ATOM   134  C CZ  B ARG A 1 15  ? 15.242  9.331   4.620   0.25 36.26 ? 21  ARG B CZ  1 
ATOM   135  N NH1 A ARG A 1 15  ? 11.694  12.116  4.176   0.25 21.41 ? 21  ARG B NH1 1 
ATOM   136  N NH1 B ARG A 1 15  ? 15.658  8.380   3.801   0.25 37.96 ? 21  ARG B NH1 1 
ATOM   137  N NH2 A ARG A 1 15  ? 11.861  11.770  6.423   0.25 21.36 ? 21  ARG B NH2 1 
ATOM   138  N NH2 B ARG A 1 15  ? 16.124  9.991   5.344   0.25 38.64 ? 21  ARG B NH2 1 
ATOM   139  N N   . ASN A 1 16  ? 13.580  7.678   -1.093  1.00 16.67 ? 22  ASN B N   1 
ATOM   140  C CA  . ASN A 1 16  ? 14.153  7.708   -2.451  1.00 17.60 ? 22  ASN B CA  1 
ATOM   141  C C   . ASN A 1 16  ? 13.167  7.214   -3.499  1.00 14.93 ? 22  ASN B C   1 
ATOM   142  O O   . ASN A 1 16  ? 13.314  7.604   -4.653  1.00 15.26 ? 22  ASN B O   1 
ATOM   143  C CB  . ASN A 1 16  ? 15.477  6.927   -2.454  1.00 20.80 ? 22  ASN B CB  1 
ATOM   144  C CG  . ASN A 1 16  ? 16.607  7.717   -1.814  1.00 29.19 ? 22  ASN B CG  1 
ATOM   145  O OD1 . ASN A 1 16  ? 16.557  8.947   -1.707  1.00 36.84 ? 22  ASN B OD1 1 
ATOM   146  N ND2 . ASN A 1 16  ? 17.630  7.017   -1.359  1.00 42.57 ? 22  ASN B ND2 1 
ATOM   147  N N   . THR A 1 17  ? 12.145  6.420   -3.106  1.00 12.94 ? 23  THR B N   1 
ATOM   148  C CA  . THR A 1 17  ? 11.138  5.898   -4.035  1.00 13.39 ? 23  THR B CA  1 
ATOM   149  C C   . THR A 1 17  ? 9.952   6.855   -4.148  1.00 11.92 ? 23  THR B C   1 
ATOM   150  O O   . THR A 1 17  ? 9.104   6.638   -5.012  1.00 12.16 ? 23  THR B O   1 
ATOM   151  C CB  . THR A 1 17  ? 10.639  4.502   -3.637  1.00 13.08 ? 23  THR B CB  1 
ATOM   152  O OG1 . THR A 1 17  ? 9.902   4.586   -2.408  1.00 13.24 ? 23  THR B OG1 1 
ATOM   153  C CG2 . THR A 1 17  ? 11.800  3.533   -3.570  1.00 13.70 ? 23  THR B CG2 1 
ATOM   154  N N   . ALA A 1 18  ? 9.849   7.820   -3.249  1.00 12.72 ? 24  ALA B N   1 
ATOM   155  C CA  . ALA A 1 18  ? 8.610   8.626   -3.114  1.00 12.35 ? 24  ALA B CA  1 
ATOM   156  C C   . ALA A 1 18  ? 8.415   9.545   -4.315  1.00 13.42 ? 24  ALA B C   1 
ATOM   157  O O   . ALA A 1 18  ? 9.373   10.219  -4.752  1.00 13.49 ? 24  ALA B O   1 
ATOM   158  C CB  . ALA A 1 18  ? 8.710   9.420   -1.849  1.00 12.74 ? 24  ALA B CB  1 
ATOM   159  N N   . ASN A 1 19  ? 7.181   9.685   -4.782  1.00 12.52 ? 25  ASN B N   1 
ATOM   160  C CA  . ASN A 1 19  ? 6.809   10.826  -5.628  1.00 12.09 ? 25  ASN B CA  1 
ATOM   161  C C   . ASN A 1 19  ? 7.299   12.122  -4.962  1.00 12.42 ? 25  ASN B C   1 
ATOM   162  O O   . ASN A 1 19  ? 7.249   12.284  -3.743  1.00 11.91 ? 25  ASN B O   1 
ATOM   163  C CB  . ASN A 1 19  ? 5.298   10.774  -5.837  1.00 12.78 ? 25  ASN B CB  1 
ATOM   164  C CG  . ASN A 1 19  ? 4.843   11.966  -6.618  1.00 14.35 ? 25  ASN B CG  1 
ATOM   165  O OD1 . ASN A 1 19  ? 4.588   13.026  -6.068  1.00 14.94 ? 25  ASN B OD1 1 
ATOM   166  N ND2 . ASN A 1 19  ? 4.800   11.794  -7.912  1.00 16.64 ? 25  ASN B ND2 1 
ATOM   167  N N   . SER A 1 20  ? 7.711   13.059  -5.791  1.00 13.42 ? 26  SER B N   1 
ATOM   168  C CA  . SER A 1 20  ? 8.394   14.296  -5.358  1.00 13.65 ? 26  SER B CA  1 
ATOM   169  C C   . SER A 1 20  ? 7.465   15.224  -4.596  1.00 13.91 ? 26  SER B C   1 
ATOM   170  O O   . SER A 1 20  ? 8.003   16.176  -3.992  1.00 15.50 ? 26  SER B O   1 
ATOM   171  C CB  . SER A 1 20  ? 9.004   15.040  -6.520  1.00 14.60 ? 26  SER B CB  1 
ATOM   172  O OG  . SER A 1 20  ? 7.963   15.360  -7.430  1.00 19.41 ? 26  SER B OG  1 
ATOM   173  N N   . TRP A 1 21  ? 6.158   15.005  -4.565  1.00 11.90 ? 27  TRP B N   1 
ATOM   174  C CA  . TRP A 1 21  ? 5.195   15.839  -3.796  1.00 12.87 ? 27  TRP B CA  1 
ATOM   175  C C   . TRP A 1 21  ? 4.916   15.257  -2.423  1.00 13.19 ? 27  TRP B C   1 
ATOM   176  O O   . TRP A 1 21  ? 4.220   15.909  -1.637  1.00 13.42 ? 27  TRP B O   1 
ATOM   177  C CB  . TRP A 1 21  ? 3.900   16.002  -4.555  1.00 13.28 ? 27  TRP B CB  1 
ATOM   178  C CG  . TRP A 1 21  ? 4.009   16.939  -5.718  1.00 13.81 ? 27  TRP B CG  1 
ATOM   179  C CD1 . TRP A 1 21  ? 4.991   16.983  -6.669  1.00 15.61 ? 27  TRP B CD1 1 
ATOM   180  C CD2 . TRP A 1 21  ? 3.096   17.994  -6.029  1.00 15.73 ? 27  TRP B CD2 1 
ATOM   181  N NE1 . TRP A 1 21  ? 4.723   17.987  -7.578  1.00 18.80 ? 27  TRP B NE1 1 
ATOM   182  C CE2 . TRP A 1 21  ? 3.555   18.588  -7.225  1.00 16.52 ? 27  TRP B CE2 1 
ATOM   183  C CE3 . TRP A 1 21  ? 1.912   18.437  -5.449  1.00 17.02 ? 27  TRP B CE3 1 
ATOM   184  C CZ2 . TRP A 1 21  ? 2.873   19.673  -7.800  1.00 19.70 ? 27  TRP B CZ2 1 
ATOM   185  C CZ3 . TRP A 1 21  ? 1.224   19.493  -6.037  1.00 18.34 ? 27  TRP B CZ3 1 
ATOM   186  C CH2 . TRP A 1 21  ? 1.689   20.057  -7.214  1.00 19.23 ? 27  TRP B CH2 1 
ATOM   187  N N   . LEU A 1 22  ? 5.485   14.073  -2.110  1.00 13.19 ? 28  LEU B N   1 
ATOM   188  C CA  . LEU A 1 22  ? 5.156   13.453  -0.803  1.00 12.52 ? 28  LEU B CA  1 
ATOM   189  C C   . LEU A 1 22  ? 6.050   14.033  0.300   1.00 12.73 ? 28  LEU B C   1 
ATOM   190  O O   . LEU A 1 22  ? 7.251   14.275  0.092   1.00 12.87 ? 28  LEU B O   1 
ATOM   191  C CB  . LEU A 1 22  ? 5.334   11.933  -0.863  1.00 10.91 ? 28  LEU B CB  1 
ATOM   192  C CG  . LEU A 1 22  ? 4.390   11.221  -1.825  1.00 12.21 ? 28  LEU B CG  1 
ATOM   193  C CD1 . LEU A 1 22  ? 4.611   9.711   -1.821  1.00 12.31 ? 28  LEU B CD1 1 
ATOM   194  C CD2 . LEU A 1 22  ? 2.937   11.500  -1.525  1.00 12.71 ? 28  LEU B CD2 1 
ATOM   195  N N   . ILE A 1 23  ? 5.488   14.060  1.486   1.00 12.66 ? 29  ILE B N   1 
ATOM   196  C CA  . ILE A 1 23  ? 6.167   14.444  2.742   1.00 13.55 ? 29  ILE B CA  1 
ATOM   197  C C   . ILE A 1 23  ? 6.108   13.230  3.671   1.00 13.35 ? 29  ILE B C   1 
ATOM   198  O O   . ILE A 1 23  ? 5.018   12.848  4.121   1.00 14.24 ? 29  ILE B O   1 
ATOM   199  C CB  . ILE A 1 23  ? 5.524   15.661  3.384   1.00 14.72 ? 29  ILE B CB  1 
ATOM   200  C CG1 . ILE A 1 23  ? 5.479   16.880  2.434   1.00 15.06 ? 29  ILE B CG1 1 
ATOM   201  C CG2 . ILE A 1 23  ? 6.246   15.985  4.709   1.00 15.54 ? 29  ILE B CG2 1 
ATOM   202  C CD1 . ILE A 1 23  ? 4.656   18.022  2.904   1.00 15.96 ? 29  ILE B CD1 1 
ATOM   203  N N   . ILE A 1 24  ? 7.286   12.715  3.959   1.00 16.14 ? 30  ILE B N   1 
ATOM   204  C CA  . ILE A 1 24  ? 7.498   11.550  4.861   1.00 16.43 ? 30  ILE B CA  1 
ATOM   205  C C   . ILE A 1 24  ? 7.998   12.075  6.193   1.00 18.18 ? 30  ILE B C   1 
ATOM   206  O O   . ILE A 1 24  ? 8.948   12.920  6.239   1.00 18.56 ? 30  ILE B O   1 
ATOM   207  C CB  . ILE A 1 24  ? 8.434   10.539  4.234   1.00 17.33 ? 30  ILE B CB  1 
ATOM   208  C CG1 . ILE A 1 24  ? 7.752   9.922   3.022   1.00 19.89 ? 30  ILE B CG1 1 
ATOM   209  C CG2 . ILE A 1 24  ? 8.861   9.458   5.238   1.00 17.47 ? 30  ILE B CG2 1 
ATOM   210  C CD1 . ILE A 1 24  ? 8.586   9.072   2.248   1.00 20.54 ? 30  ILE B CD1 1 
ATOM   211  N N   . SER A 1 25  ? 7.405   11.601  7.274   1.00 16.84 ? 31  SER B N   1 
ATOM   212  C CA  . SER A 1 25  ? 7.758   12.069  8.625   1.00 16.26 ? 31  SER B CA  1 
ATOM   213  C C   . SER A 1 25  ? 9.198   11.650  8.968   1.00 15.89 ? 31  SER B C   1 
ATOM   214  O O   . SER A 1 25  ? 9.759   10.739  8.360   1.00 16.79 ? 31  SER B O   1 
ATOM   215  C CB  . SER A 1 25  ? 6.756   11.560  9.601   1.00 17.22 ? 31  SER B CB  1 
ATOM   216  O OG  . SER A 1 25  ? 6.790   10.134  9.604   1.00 17.68 ? 31  SER B OG  1 
ATOM   217  N N   . LYS A 1 26  ? 9.791   12.336  9.951   1.00 19.77 ? 32  LYS B N   1 
ATOM   218  C CA  . LYS A 1 26  ? 11.178  12.051  10.406  1.00 19.64 ? 32  LYS B CA  1 
ATOM   219  C C   . LYS A 1 26  ? 11.346  10.570  10.775  1.00 17.74 ? 32  LYS B C   1 
ATOM   220  O O   . LYS A 1 26  ? 12.397  10.015  10.440  1.00 20.59 ? 32  LYS B O   1 
ATOM   221  C CB  . LYS A 1 26  ? 11.472  12.923  11.627  1.00 23.25 ? 32  LYS B CB  1 
ATOM   222  C CG  . LYS A 1 26  ? 12.851  12.701  12.216  1.00 26.65 ? 32  LYS B CG  1 
ATOM   223  C CD  . LYS A 1 26  ? 13.228  13.867  13.094  1.00 27.67 ? 32  LYS B CD  1 
ATOM   224  C CE  . LYS A 1 26  ? 12.185  14.141  14.149  1.00 32.63 ? 32  LYS B CE  1 
ATOM   225  N NZ  . LYS A 1 26  ? 12.516  15.364  14.898  1.00 36.07 ? 32  LYS B NZ  1 
ATOM   226  N N   . ASP A 1 27  ? 10.342  9.975   11.423  1.00 18.94 ? 33  ASP B N   1 
ATOM   227  C CA  . ASP A 1 27  ? 10.429  8.548   11.857  1.00 18.47 ? 33  ASP B CA  1 
ATOM   228  C C   . ASP A 1 27  ? 10.185  7.599   10.674  1.00 17.22 ? 33  ASP B C   1 
ATOM   229  O O   . ASP A 1 27  ? 10.257  6.367   10.891  1.00 16.76 ? 33  ASP B O   1 
ATOM   230  C CB  . ASP A 1 27  ? 9.490   8.278   13.032  1.00 18.52 ? 33  ASP B CB  1 
ATOM   231  C CG  . ASP A 1 27  ? 7.998   8.382   12.758  1.00 19.21 ? 33  ASP B CG  1 
ATOM   232  O OD1 . ASP A 1 27  ? 7.618   8.627   11.565  1.00 19.84 ? 33  ASP B OD1 1 
ATOM   233  O OD2 . ASP A 1 27  ? 7.245   8.175   13.727  1.00 22.53 ? 33  ASP B OD2 1 
ATOM   234  N N   . ARG A 1 28  ? 9.877   8.113   9.489   1.00 16.25 ? 34  ARG B N   1 
ATOM   235  C CA  . ARG A 1 28  ? 9.629   7.324   8.252   1.00 16.36 ? 34  ARG B CA  1 
ATOM   236  C C   . ARG A 1 28  ? 8.415   6.390   8.453   1.00 14.22 ? 34  ARG B C   1 
ATOM   237  O O   . ARG A 1 28  ? 8.313   5.360   7.745   1.00 14.22 ? 34  ARG B O   1 
ATOM   238  C CB  . ARG A 1 28  ? 10.909  6.620   7.805   1.00 20.12 ? 34  ARG B CB  1 
ATOM   239  C CG  . ARG A 1 28  ? 12.012  7.614   7.445   1.00 24.31 ? 34  ARG B CG  1 
ATOM   240  C CD  . ARG A 1 28  ? 13.294  7.026   6.929   1.00 33.46 ? 34  ARG B CD  1 
ATOM   241  N NE  . ARG A 1 28  ? 13.809  5.991   7.806   1.00 44.07 ? 34  ARG B NE  1 
ATOM   242  C CZ  . ARG A 1 28  ? 13.814  4.670   7.545   1.00 60.29 ? 34  ARG B CZ  1 
ATOM   243  N NH1 . ARG A 1 28  ? 13.347  4.177   6.395   1.00 57.93 ? 34  ARG B NH1 1 
ATOM   244  N NH2 . ARG A 1 28  ? 14.312  3.841   8.456   1.00 61.78 ? 34  ARG B NH2 1 
ATOM   245  N N   . ARG A 1 29  ? 7.473   6.760   9.294   1.00 13.30 ? 35  ARG B N   1 
ATOM   246  C CA  . ARG A 1 29  ? 6.274   5.935   9.548   1.00 14.25 ? 35  ARG B CA  1 
ATOM   247  C C   . ARG A 1 29  ? 5.008   6.583   9.007   1.00 14.23 ? 35  ARG B C   1 
ATOM   248  O O   . ARG A 1 29  ? 3.956   5.920   9.028   1.00 15.28 ? 35  ARG B O   1 
ATOM   249  C CB  . ARG A 1 29  ? 6.110   5.640   11.037  1.00 15.47 ? 35  ARG B CB  1 
ATOM   250  C CG  . ARG A 1 29  ? 7.279   4.821   11.552  1.00 17.44 ? 35  ARG B CG  1 
ATOM   251  C CD  . ARG A 1 29  ? 7.159   3.333   11.426  1.00 19.04 ? 35  ARG B CD  1 
ATOM   252  N NE  . ARG A 1 29  ? 6.199   2.828   12.401  1.00 20.45 ? 35  ARG B NE  1 
ATOM   253  C CZ  . ARG A 1 29  ? 5.731   1.573   12.414  1.00 20.00 ? 35  ARG B CZ  1 
ATOM   254  N NH1 . ARG A 1 29  ? 6.149   0.727   11.500  1.00 19.60 ? 35  ARG B NH1 1 
ATOM   255  N NH2 . ARG A 1 29  ? 4.862   1.191   13.334  1.00 20.52 ? 35  ARG B NH2 1 
ATOM   256  N N   . GLN A 1 30  ? 5.034   7.834   8.562   1.00 13.35 ? 36  GLN B N   1 
ATOM   257  C CA  . GLN A 1 30  ? 3.827   8.532   8.053   1.00 14.06 ? 36  GLN B CA  1 
ATOM   258  C C   . GLN A 1 30  ? 4.165   9.223   6.739   1.00 12.92 ? 36  GLN B C   1 
ATOM   259  O O   . GLN A 1 30  ? 5.331   9.634   6.504   1.00 13.65 ? 36  GLN B O   1 
ATOM   260  C CB  . GLN A 1 30  ? 3.295   9.611   9.009   1.00 16.17 ? 36  GLN B CB  1 
ATOM   261  C CG  . GLN A 1 30  ? 3.125   9.116   10.420  1.00 19.63 ? 36  GLN B CG  1 
ATOM   262  C CD  . GLN A 1 30  ? 2.384   10.130  11.253  1.00 23.21 ? 36  GLN B CD  1 
ATOM   263  O OE1 . GLN A 1 30  ? 1.743   11.045  10.742  1.00 25.75 ? 36  GLN B OE1 1 
ATOM   264  N NE2 . GLN A 1 30  ? 2.530   9.992   12.547  1.00 26.11 ? 36  GLN B NE2 1 
ATOM   265  N N   . VAL A 1 31  ? 3.176   9.316   5.862   1.00 11.74 ? 37  VAL B N   1 
ATOM   266  C CA  . VAL A 1 31  ? 3.351   10.003  4.548   1.00 12.63 ? 37  VAL B CA  1 
ATOM   267  C C   . VAL A 1 31  ? 2.064   10.737  4.203   1.00 12.44 ? 37  VAL B C   1 
ATOM   268  O O   . VAL A 1 31  ? 0.975   10.200  4.406   1.00 12.48 ? 37  VAL B O   1 
ATOM   269  C CB  . VAL A 1 31  ? 3.798   9.027   3.448   1.00 11.90 ? 37  VAL B CB  1 
ATOM   270  C CG1 . VAL A 1 31  ? 2.853   7.814   3.268   1.00 12.06 ? 37  VAL B CG1 1 
ATOM   271  C CG2 . VAL A 1 31  ? 3.999   9.736   2.119   1.00 13.18 ? 37  VAL B CG2 1 
ATOM   272  N N   . ARG A 1 32  ? 2.189   11.928  3.655   1.00 12.40 ? 38  ARG B N   1 
ATOM   273  C CA  . ARG A 1 32  ? 1.033   12.680  3.131   1.00 13.15 ? 38  ARG B CA  1 
ATOM   274  C C   . ARG A 1 32  ? 1.447   13.417  1.850   1.00 13.44 ? 38  ARG B C   1 
ATOM   275  O O   . ARG A 1 32  ? 2.628   13.620  1.579   1.00 11.97 ? 38  ARG B O   1 
ATOM   276  C CB  . ARG A 1 32  ? 0.466   13.676  4.148   1.00 14.83 ? 38  ARG B CB  1 
ATOM   277  C CG  . ARG A 1 32  ? 1.415   14.811  4.499   1.00 17.04 ? 38  ARG B CG  1 
ATOM   278  C CD  . ARG A 1 32  ? 0.855   15.615  5.673   1.00 19.34 ? 38  ARG B CD  1 
ATOM   279  N NE  . ARG A 1 32  ? 1.713   16.752  5.964   1.00 24.65 ? 38  ARG B NE  1 
ATOM   280  C CZ  . ARG A 1 32  ? 1.674   17.941  5.386   1.00 22.60 ? 38  ARG B CZ  1 
ATOM   281  N NH1 . ARG A 1 32  ? 0.855   18.204  4.389   1.00 23.79 ? 38  ARG B NH1 1 
ATOM   282  N NH2 . ARG A 1 32  ? 2.542   18.870  5.781   1.00 27.00 ? 38  ARG B NH2 1 
ATOM   283  N N   A MET A 1 33  ? 0.421   13.814  1.104   0.33 13.34 ? 39  MET B N   1 
ATOM   284  N N   B MET A 1 33  ? 0.468   13.791  1.029   0.29 13.68 ? 39  MET B N   1 
ATOM   285  C CA  A MET A 1 33  ? 0.533   14.658  -0.106  0.33 15.19 ? 39  MET B CA  1 
ATOM   286  C CA  B MET A 1 33  ? 0.759   14.544  -0.219  0.29 15.32 ? 39  MET B CA  1 
ATOM   287  C C   A MET A 1 33  ? 0.857   16.089  0.327   0.33 14.54 ? 39  MET B C   1 
ATOM   288  C C   B MET A 1 33  ? 0.787   16.039  0.106   0.29 14.77 ? 39  MET B C   1 
ATOM   289  O O   A MET A 1 33  ? 0.159   16.633  1.200   0.33 15.10 ? 39  MET B O   1 
ATOM   290  O O   B MET A 1 33  ? -0.253  16.566  0.594   0.29 14.75 ? 39  MET B O   1 
ATOM   291  C CB  A MET A 1 33  ? -0.792  14.606  -0.874  0.33 15.91 ? 39  MET B CB  1 
ATOM   292  C CB  B MET A 1 33  ? -0.270  14.277  -1.319  0.29 16.61 ? 39  MET B CB  1 
ATOM   293  C CG  A MET A 1 33  ? -0.750  15.314  -2.224  0.33 17.75 ? 39  MET B CG  1 
ATOM   294  C CG  B MET A 1 33  ? -0.006  15.125  -2.571  0.29 18.74 ? 39  MET B CG  1 
ATOM   295  S SD  A MET A 1 33  ? 0.509   14.560  -3.318  0.33 19.46 ? 39  MET B SD  1 
ATOM   296  S SD  B MET A 1 33  ? -0.800  14.454  -4.039  0.29 20.74 ? 39  MET B SD  1 
ATOM   297  C CE  A MET A 1 33  ? 0.008   15.207  -4.909  0.33 20.44 ? 39  MET B CE  1 
ATOM   298  C CE  B MET A 1 33  ? 0.364   14.985  -5.290  0.29 21.08 ? 39  MET B CE  1 
ATOM   299  N N   . GLY A 1 34  ? 1.929   16.665  -0.205  1.00 14.72 ? 40  GLY B N   1 
ATOM   300  C CA  . GLY A 1 34  ? 2.172   18.113  -0.033  1.00 16.49 ? 40  GLY B CA  1 
ATOM   301  C C   . GLY A 1 34  ? 1.370   18.907  -1.038  1.00 17.07 ? 40  GLY B C   1 
ATOM   302  O O   . GLY A 1 34  ? 0.753   18.311  -1.963  1.00 16.40 ? 40  GLY B O   1 
ATOM   303  N N   . ASP A 1 35  ? 1.417   20.237  -0.885  0.62 19.01 ? 41  ASP B N   1 
ATOM   304  C CA  . ASP A 1 35  ? 0.681   21.197  -1.757  0.62 19.65 ? 41  ASP B CA  1 
ATOM   305  C C   . ASP A 1 35  ? 1.514   21.517  -3.007  0.62 18.85 ? 41  ASP B C   1 
ATOM   306  O O   . ASP A 1 35  ? 0.963   22.134  -3.960  0.62 17.58 ? 41  ASP B O   1 
ATOM   307  C CB  . ASP A 1 35  ? 0.290   22.459  -0.977  0.62 22.72 ? 41  ASP B CB  1 
ATOM   308  C CG  . ASP A 1 35  ? 1.422   23.393  -0.596  0.62 23.43 ? 41  ASP B CG  1 
ATOM   309  O OD1 . ASP A 1 35  ? 2.575   22.941  -0.494  0.62 27.92 ? 41  ASP B OD1 1 
ATOM   310  O OD2 . ASP A 1 35  ? 1.129   24.595  -0.379  0.62 31.65 ? 41  ASP B OD2 1 
ATOM   311  N N   . THR A 1 36  ? 2.771   21.071  -3.028  1.00 16.48 ? 42  THR B N   1 
ATOM   312  C CA  . THR A 1 36  ? 3.758   21.424  -4.097  1.00 16.51 ? 42  THR B CA  1 
ATOM   313  C C   . THR A 1 36  ? 4.865   20.368  -4.146  1.00 14.81 ? 42  THR B C   1 
ATOM   314  O O   . THR A 1 36  ? 4.988   19.489  -3.222  1.00 13.36 ? 42  THR B O   1 
ATOM   315  C CB  . THR A 1 36  ? 4.364   22.825  -3.856  1.00 17.20 ? 42  THR B CB  1 
ATOM   316  O OG1 . THR A 1 36  ? 5.072   23.235  -5.021  1.00 23.19 ? 42  THR B OG1 1 
ATOM   317  C CG2 . THR A 1 36  ? 5.369   22.818  -2.726  1.00 18.92 ? 42  THR B CG2 1 
ATOM   318  N N   . HIS A 1 37  ? 5.745   20.468  -5.129  1.00 15.40 ? 43  HIS B N   1 
ATOM   319  C CA  . HIS A 1 37  ? 7.022   19.698  -5.186  1.00 15.37 ? 43  HIS B CA  1 
ATOM   320  C C   . HIS A 1 37  ? 7.808   19.925  -3.897  1.00 16.73 ? 43  HIS B C   1 
ATOM   321  O O   . HIS A 1 37  ? 7.973   21.099  -3.490  1.00 17.31 ? 43  HIS B O   1 
ATOM   322  C CB  . HIS A 1 37  ? 7.754   20.092  -6.474  1.00 14.75 ? 43  HIS B CB  1 
ATOM   323  C CG  . HIS A 1 37  ? 9.019   19.370  -6.790  1.00 13.98 ? 43  HIS B CG  1 
ATOM   324  N ND1 . HIS A 1 37  ? 10.176  19.493  -6.060  1.00 13.94 ? 43  HIS B ND1 1 
ATOM   325  C CD2 . HIS A 1 37  ? 9.326   18.587  -7.848  1.00 13.84 ? 43  HIS B CD2 1 
ATOM   326  C CE1 . HIS A 1 37  ? 11.112  18.773  -6.636  1.00 14.47 ? 43  HIS B CE1 1 
ATOM   327  N NE2 . HIS A 1 37  ? 10.617  18.194  -7.756  1.00 14.20 ? 43  HIS B NE2 1 
ATOM   328  N N   . GLN A 1 38  ? 8.379   18.860  -3.302  1.00 14.85 ? 44  GLN B N   1 
ATOM   329  C CA  . GLN A 1 38  ? 9.024   18.962  -1.980  1.00 15.34 ? 44  GLN B CA  1 
ATOM   330  C C   . GLN A 1 38  ? 10.541  19.212  -2.103  1.00 15.36 ? 44  GLN B C   1 
ATOM   331  O O   . GLN A 1 38  ? 11.278  19.026  -1.104  1.00 16.73 ? 44  GLN B O   1 
ATOM   332  C CB  . GLN A 1 38  ? 8.654   17.726  -1.146  1.00 14.60 ? 44  GLN B CB  1 
ATOM   333  C CG  . GLN A 1 38  ? 7.189   17.709  -0.820  1.00 14.91 ? 44  GLN B CG  1 
ATOM   334  C CD  . GLN A 1 38  ? 6.702   18.947  -0.128  1.00 15.63 ? 44  GLN B CD  1 
ATOM   335  O OE1 . GLN A 1 38  ? 5.690   19.567  -0.491  1.00 19.13 ? 44  GLN B OE1 1 
ATOM   336  N NE2 . GLN A 1 38  ? 7.435   19.349  0.898   1.00 13.65 ? 44  GLN B NE2 1 
ATOM   337  N N   . ASN A 1 39  ? 11.026  19.684  -3.248  1.00 14.84 ? 45  ASN B N   1 
ATOM   338  C CA  . ASN A 1 39  ? 12.403  20.269  -3.351  1.00 14.44 ? 45  ASN B CA  1 
ATOM   339  C C   . ASN A 1 39  ? 13.476  19.184  -3.271  1.00 16.53 ? 45  ASN B C   1 
ATOM   340  O O   . ASN A 1 39  ? 14.593  19.464  -2.868  1.00 17.02 ? 45  ASN B O   1 
ATOM   341  C CB  . ASN A 1 39  ? 12.632  21.435  -2.358  1.00 14.21 ? 45  ASN B CB  1 
ATOM   342  C CG  . ASN A 1 39  ? 13.743  22.361  -2.831  1.00 14.67 ? 45  ASN B CG  1 
ATOM   343  O OD1 . ASN A 1 39  ? 13.925  22.552  -4.023  1.00 13.87 ? 45  ASN B OD1 1 
ATOM   344  N ND2 . ASN A 1 39  ? 14.500  22.951  -1.912  1.00 13.36 ? 45  ASN B ND2 1 
ATOM   345  N N   . VAL A 1 40  ? 13.164  17.982  -3.770  1.00 18.35 ? 46  VAL B N   1 
ATOM   346  C CA  . VAL A 1 40  ? 14.134  16.855  -3.887  1.00 19.30 ? 46  VAL B CA  1 
ATOM   347  C C   . VAL A 1 40  ? 14.589  16.723  -5.350  1.00 17.63 ? 46  VAL B C   1 
ATOM   348  O O   . VAL A 1 40  ? 13.804  17.035  -6.213  1.00 16.77 ? 46  VAL B O   1 
ATOM   349  C CB  . VAL A 1 40  ? 13.467  15.559  -3.390  1.00 20.20 ? 46  VAL B CB  1 
ATOM   350  C CG1 . VAL A 1 40  ? 13.184  15.618  -1.896  1.00 23.71 ? 46  VAL B CG1 1 
ATOM   351  C CG2 . VAL A 1 40  ? 12.166  15.245  -4.134  1.00 23.27 ? 46  VAL B CG2 1 
ATOM   352  N N   . SER A 1 41  ? 15.783  16.193  -5.617  1.00 18.54 ? 47  SER B N   1 
ATOM   353  C CA  . SER A 1 41  ? 16.202  15.833  -6.991  1.00 19.45 ? 47  SER B CA  1 
ATOM   354  C C   . SER A 1 41  ? 15.407  14.623  -7.495  1.00 17.77 ? 47  SER B C   1 
ATOM   355  O O   . SER A 1 41  ? 14.911  13.843  -6.690  1.00 16.52 ? 47  SER B O   1 
ATOM   356  C CB  . SER A 1 41  ? 17.690  15.592  -7.091  1.00 21.46 ? 47  SER B CB  1 
ATOM   357  O OG  . SER A 1 41  ? 18.040  14.466  -6.301  1.00 24.52 ? 47  SER B OG  1 
ATOM   358  N N   . ASP A 1 42  ? 15.290  14.478  -8.813  1.00 17.66 ? 48  ASP B N   1 
ATOM   359  C CA  . ASP A 1 42  ? 14.643  13.335  -9.478  1.00 16.66 ? 48  ASP B CA  1 
ATOM   360  C C   . ASP A 1 42  ? 15.648  12.191  -9.504  1.00 17.84 ? 48  ASP B C   1 
ATOM   361  O O   . ASP A 1 42  ? 16.873  12.409  -9.390  1.00 17.84 ? 48  ASP B O   1 
ATOM   362  C CB  . ASP A 1 42  ? 14.096  13.653  -10.871 1.00 19.09 ? 48  ASP B CB  1 
ATOM   363  C CG  . ASP A 1 42  ? 12.854  12.842  -11.281 1.00 22.24 ? 48  ASP B CG  1 
ATOM   364  O OD1 . ASP A 1 42  ? 12.460  11.936  -10.524 1.00 17.30 ? 48  ASP B OD1 1 
ATOM   365  O OD2 . ASP A 1 42  ? 12.173  13.178  -12.321 1.00 25.34 ? 48  ASP B OD2 1 
ATOM   366  N N   . ASN A 1 43  ? 15.123  10.983  -9.624  1.00 16.34 ? 49  ASN B N   1 
ATOM   367  C CA  . ASN A 1 43  ? 15.929  9.745   -9.723  1.00 17.90 ? 49  ASN B CA  1 
ATOM   368  C C   . ASN A 1 43  ? 15.056  8.675   -10.374 1.00 18.63 ? 49  ASN B C   1 
ATOM   369  O O   . ASN A 1 43  ? 13.815  8.874   -10.542 1.00 18.22 ? 49  ASN B O   1 
ATOM   370  C CB  . ASN A 1 43  ? 16.541  9.344   -8.383  1.00 16.85 ? 49  ASN B CB  1 
ATOM   371  C CG  . ASN A 1 43  ? 15.522  8.818   -7.388  1.00 18.72 ? 49  ASN B CG  1 
ATOM   372  O OD1 . ASN A 1 43  ? 14.742  7.939   -7.723  1.00 20.19 ? 49  ASN B OD1 1 
ATOM   373  N ND2 . ASN A 1 43  ? 15.465  9.367   -6.213  1.00 18.14 ? 49  ASN B ND2 1 
ATOM   374  N N   . LYS A 1 44  ? 15.656  7.577   -10.813 1.00 19.09 ? 50  LYS B N   1 
ATOM   375  C CA  . LYS A 1 44  ? 14.917  6.562   -11.595 1.00 20.28 ? 50  LYS B CA  1 
ATOM   376  C C   . LYS A 1 44  ? 13.977  5.754   -10.685 1.00 17.33 ? 50  LYS B C   1 
ATOM   377  O O   . LYS A 1 44  ? 13.087  5.089   -11.260 1.00 19.06 ? 50  LYS B O   1 
ATOM   378  C CB  . LYS A 1 44  ? 15.894  5.596   -12.285 1.00 24.49 ? 50  LYS B CB  1 
ATOM   379  C CG  . LYS A 1 44  ? 16.777  4.826   -11.323 1.00 30.00 ? 50  LYS B CG  1 
ATOM   380  C CD  . LYS A 1 44  ? 17.648  3.754   -11.972 1.00 39.27 ? 50  LYS B CD  1 
ATOM   381  C CE  . LYS A 1 44  ? 18.386  2.941   -10.929 1.00 43.44 ? 50  LYS B CE  1 
ATOM   382  N NZ  . LYS A 1 44  ? 19.331  1.998   -11.570 1.00 50.16 ? 50  LYS B NZ  1 
ATOM   383  N N   . GLU A 1 45  ? 14.161  5.804   -9.371  1.00 17.38 ? 51  GLU B N   1 
ATOM   384  C CA  . GLU A 1 45  ? 13.281  5.049   -8.425  1.00 18.04 ? 51  GLU B CA  1 
ATOM   385  C C   . GLU A 1 45  ? 11.940  5.767   -8.175  1.00 16.16 ? 51  GLU B C   1 
ATOM   386  O O   . GLU A 1 45  ? 10.955  5.087   -7.775  1.00 17.11 ? 51  GLU B O   1 
ATOM   387  C CB  . GLU A 1 45  ? 13.970  4.862   -7.091  1.00 20.67 ? 51  GLU B CB  1 
ATOM   388  C CG  . GLU A 1 45  ? 15.282  4.075   -7.120  1.00 24.98 ? 51  GLU B CG  1 
ATOM   389  C CD  . GLU A 1 45  ? 15.831  3.981   -5.694  1.00 34.33 ? 51  GLU B CD  1 
ATOM   390  O OE1 . GLU A 1 45  ? 16.830  4.684   -5.383  1.00 48.50 ? 51  GLU B OE1 1 
ATOM   391  O OE2 . GLU A 1 45  ? 15.220  3.293   -4.850  1.00 44.92 ? 51  GLU B OE2 1 
ATOM   392  N N   . ARG A 1 46  ? 11.843  7.091   -8.330  1.00 14.44 ? 52  ARG B N   1 
ATOM   393  C CA  . ARG A 1 46  ? 10.631  7.817   -7.861  1.00 14.11 ? 52  ARG B CA  1 
ATOM   394  C C   . ARG A 1 46  ? 9.420   7.511   -8.731  1.00 13.70 ? 52  ARG B C   1 
ATOM   395  O O   . ARG A 1 46  ? 9.473   7.551   -9.997  1.00 14.41 ? 52  ARG B O   1 
ATOM   396  C CB  . ARG A 1 46  ? 10.868  9.332   -7.867  1.00 14.16 ? 52  ARG B CB  1 
ATOM   397  C CG  . ARG A 1 46  ? 11.906  9.816   -6.891  1.00 14.80 ? 52  ARG B CG  1 
ATOM   398  C CD  . ARG A 1 46  ? 11.759  11.343  -6.698  1.00 14.64 ? 52  ARG B CD  1 
ATOM   399  N NE  . ARG A 1 46  ? 12.847  11.813  -5.888  1.00 15.66 ? 52  ARG B NE  1 
ATOM   400  C CZ  . ARG A 1 46  ? 12.972  11.558  -4.594  1.00 16.20 ? 52  ARG B CZ  1 
ATOM   401  N NH1 . ARG A 1 46  ? 11.986  10.994  -3.895  1.00 14.40 ? 52  ARG B NH1 1 
ATOM   402  N NH2 . ARG A 1 46  ? 14.053  11.950  -3.941  1.00 19.45 ? 52  ARG B NH2 1 
ATOM   403  N N   . PHE A 1 47  ? 8.283   7.211   -8.112  1.00 13.00 ? 53  PHE B N   1 
ATOM   404  C CA  . PHE A 1 47  ? 7.019   7.118   -8.861  1.00 12.44 ? 53  PHE B CA  1 
ATOM   405  C C   . PHE A 1 47  ? 6.717   8.526   -9.425  1.00 14.19 ? 53  PHE B C   1 
ATOM   406  O O   . PHE A 1 47  ? 6.538   9.452   -8.632  1.00 15.05 ? 53  PHE B O   1 
ATOM   407  C CB  . PHE A 1 47  ? 5.871   6.586   -8.022  1.00 12.43 ? 53  PHE B CB  1 
ATOM   408  C CG  . PHE A 1 47  ? 6.014   5.119   -7.705  1.00 11.56 ? 53  PHE B CG  1 
ATOM   409  C CD1 . PHE A 1 47  ? 5.598   4.180   -8.637  1.00 11.91 ? 53  PHE B CD1 1 
ATOM   410  C CD2 . PHE A 1 47  ? 6.485   4.677   -6.482  1.00 12.44 ? 53  PHE B CD2 1 
ATOM   411  C CE1 . PHE A 1 47  ? 5.708   2.811   -8.387  1.00 12.59 ? 53  PHE B CE1 1 
ATOM   412  C CE2 . PHE A 1 47  ? 6.585   3.303   -6.238  1.00 12.97 ? 53  PHE B CE2 1 
ATOM   413  C CZ  . PHE A 1 47  ? 6.211   2.381   -7.198  1.00 11.68 ? 53  PHE B CZ  1 
ATOM   414  N N   . SER A 1 48  ? 6.542   8.655   -10.728 1.00 15.07 ? 54  SER B N   1 
ATOM   415  C CA  . SER A 1 48  ? 6.379   9.997   -11.366 1.00 15.60 ? 54  SER B CA  1 
ATOM   416  C C   . SER A 1 48  ? 4.910   10.394  -11.463 1.00 15.97 ? 54  SER B C   1 
ATOM   417  O O   . SER A 1 48  ? 4.603   11.606  -11.287 1.00 18.41 ? 54  SER B O   1 
ATOM   418  C CB  . SER A 1 48  ? 7.048   9.987   -12.728 1.00 15.69 ? 54  SER B CB  1 
ATOM   419  O OG  . SER A 1 48  ? 6.472   9.060   -13.620 1.00 16.38 ? 54  SER B OG  1 
ATOM   420  N N   . ASN A 1 49  ? 4.012   9.496   -11.777 1.00 14.47 ? 55  ASN B N   1 
ATOM   421  C CA  . ASN A 1 49  ? 2.646   9.861   -12.224 1.00 14.86 ? 55  ASN B CA  1 
ATOM   422  C C   . ASN A 1 49  ? 1.642   9.898   -11.073 1.00 14.23 ? 55  ASN B C   1 
ATOM   423  O O   . ASN A 1 49  ? 0.512   10.426  -11.242 1.00 15.18 ? 55  ASN B O   1 
ATOM   424  C CB  . ASN A 1 49  ? 2.119   8.965   -13.327 1.00 16.69 ? 55  ASN B CB  1 
ATOM   425  C CG  . ASN A 1 49  ? 2.766   9.226   -14.683 1.00 20.37 ? 55  ASN B CG  1 
ATOM   426  O OD1 . ASN A 1 49  ? 3.990   9.356   -14.800 1.00 21.60 ? 55  ASN B OD1 1 
ATOM   427  N ND2 . ASN A 1 49  ? 1.932   9.209   -15.713 1.00 23.58 ? 55  ASN B ND2 1 
ATOM   428  N N   . TYR A 1 50  ? 1.979   9.267   -9.945  1.00 12.73 ? 56  TYR B N   1 
ATOM   429  C CA  . TYR A 1 50  ? 0.989   9.064   -8.862  1.00 12.23 ? 56  TYR B CA  1 
ATOM   430  C C   . TYR A 1 50  ? 1.686   9.274   -7.526  1.00 11.86 ? 56  TYR B C   1 
ATOM   431  O O   . TYR A 1 50  ? 2.910   9.084   -7.413  1.00 12.46 ? 56  TYR B O   1 
ATOM   432  C CB  . TYR A 1 50  ? 0.497   7.617   -8.897  1.00 12.58 ? 56  TYR B CB  1 
ATOM   433  C CG  . TYR A 1 50  ? 0.053   7.104   -10.242 1.00 13.92 ? 56  TYR B CG  1 
ATOM   434  C CD1 . TYR A 1 50  ? -1.132  7.540   -10.825 1.00 15.27 ? 56  TYR B CD1 1 
ATOM   435  C CD2 . TYR A 1 50  ? 0.829   6.230   -10.980 1.00 15.23 ? 56  TYR B CD2 1 
ATOM   436  C CE1 . TYR A 1 50  ? -1.549  7.102   -12.082 1.00 17.82 ? 56  TYR B CE1 1 
ATOM   437  C CE2 . TYR A 1 50  ? 0.465   5.832   -12.248 1.00 16.26 ? 56  TYR B CE2 1 
ATOM   438  C CZ  . TYR A 1 50  ? -0.740  6.243   -12.798 1.00 16.91 ? 56  TYR B CZ  1 
ATOM   439  O OH  . TYR A 1 50  ? -1.092  5.769   -14.044 1.00 17.73 ? 56  TYR B OH  1 
ATOM   440  N N   . PRO A 1 51  ? 0.938   9.568   -6.442  1.00 11.47 ? 57  PRO B N   1 
ATOM   441  C CA  . PRO A 1 51  ? 1.508   9.863   -5.127  1.00 11.59 ? 57  PRO B CA  1 
ATOM   442  C C   . PRO A 1 51  ? 1.860   8.599   -4.317  1.00 11.55 ? 57  PRO B C   1 
ATOM   443  O O   . PRO A 1 51  ? 1.350   8.353   -3.224  1.00 11.70 ? 57  PRO B O   1 
ATOM   444  C CB  . PRO A 1 51  ? 0.412   10.701  -4.417  1.00 13.80 ? 57  PRO B CB  1 
ATOM   445  C CG  . PRO A 1 51  ? -0.627  10.944  -5.468  1.00 13.19 ? 57  PRO B CG  1 
ATOM   446  C CD  . PRO A 1 51  ? -0.485  9.881   -6.489  1.00 12.05 ? 57  PRO B CD  1 
ATOM   447  N N   . MET A 1 52  ? 2.799   7.828   -4.885  1.00 10.95 ? 58  MET B N   1 
ATOM   448  C CA  . MET A 1 52  ? 3.171   6.479   -4.408  1.00 10.47 ? 58  MET B CA  1 
ATOM   449  C C   . MET A 1 52  ? 4.554   6.478   -3.754  1.00 10.48 ? 58  MET B C   1 
ATOM   450  O O   . MET A 1 52  ? 5.460   7.301   -4.068  1.00 10.95 ? 58  MET B O   1 
ATOM   451  C CB  . MET A 1 52  ? 3.152   5.474   -5.569  1.00 10.69 ? 58  MET B CB  1 
ATOM   452  C CG  . MET A 1 52  ? 1.793   5.223   -6.089  1.00 10.56 ? 58  MET B CG  1 
ATOM   453  S SD  . MET A 1 52  ? 1.862   4.366   -7.704  1.00 12.64 ? 58  MET B SD  1 
ATOM   454  C CE  . MET A 1 52  ? 0.141   4.112   -8.104  1.00 12.48 ? 58  MET B CE  1 
ATOM   455  N N   . VAL A 1 53  ? 4.760   5.502   -2.858  1.00 10.78 ? 59  VAL B N   1 
ATOM   456  C CA  . VAL A 1 53  ? 6.065   5.308   -2.164  1.00 11.03 ? 59  VAL B CA  1 
ATOM   457  C C   . VAL A 1 53  ? 6.143   3.836   -1.756  1.00 11.39 ? 59  VAL B C   1 
ATOM   458  O O   . VAL A 1 53  ? 5.051   3.220   -1.529  1.00 11.69 ? 59  VAL B O   1 
ATOM   459  C CB  . VAL A 1 53  ? 6.216   6.277   -0.968  1.00 11.59 ? 59  VAL B CB  1 
ATOM   460  C CG1 . VAL A 1 53  ? 5.155   6.114   0.076   1.00 11.75 ? 59  VAL B CG1 1 
ATOM   461  C CG2 . VAL A 1 53  ? 7.598   6.196   -0.314  1.00 11.60 ? 59  VAL B CG2 1 
ATOM   462  N N   . LEU A 1 54  ? 7.340   3.319   -1.609  1.00 11.89 ? 60  LEU B N   1 
ATOM   463  C CA  . LEU A 1 54  ? 7.577   1.926   -1.158  1.00 11.33 ? 60  LEU B CA  1 
ATOM   464  C C   . LEU A 1 54  ? 8.105   1.899   0.263   1.00 12.56 ? 60  LEU B C   1 
ATOM   465  O O   . LEU A 1 54  ? 8.866   2.836   0.705   1.00 12.70 ? 60  LEU B O   1 
ATOM   466  C CB  . LEU A 1 54  ? 8.556   1.174   -2.071  1.00 11.92 ? 60  LEU B CB  1 
ATOM   467  C CG  . LEU A 1 54  ? 8.206   1.139   -3.538  1.00 12.51 ? 60  LEU B CG  1 
ATOM   468  C CD1 . LEU A 1 54  ? 9.137   0.256   -4.364  1.00 14.72 ? 60  LEU B CD1 1 
ATOM   469  C CD2 . LEU A 1 54  ? 6.778   0.666   -3.755  1.00 12.98 ? 60  LEU B CD2 1 
ATOM   470  N N   . GLY A 1 55  ? 7.818   0.809   0.972   1.00 11.52 ? 61  GLY B N   1 
ATOM   471  C CA  . GLY A 1 55  ? 8.585   0.516   2.199   1.00 11.83 ? 61  GLY B CA  1 
ATOM   472  C C   . GLY A 1 55  ? 10.037  0.167   1.866   1.00 11.70 ? 61  GLY B C   1 
ATOM   473  O O   . GLY A 1 55  ? 10.304  -0.346  0.783   1.00 12.38 ? 61  GLY B O   1 
ATOM   474  N N   . ALA A 1 56  ? 10.931  0.358   2.816   1.00 12.69 ? 62  ALA B N   1 
ATOM   475  C CA  . ALA A 1 56  ? 12.370  0.049   2.655   1.00 14.52 ? 62  ALA B CA  1 
ATOM   476  C C   . ALA A 1 56  ? 12.588  -1.472  2.677   1.00 15.12 ? 62  ALA B C   1 
ATOM   477  O O   . ALA A 1 56  ? 13.543  -1.975  2.024   1.00 18.34 ? 62  ALA B O   1 
ATOM   478  C CB  . ALA A 1 56  ? 13.087  0.742   3.774   1.00 15.57 ? 62  ALA B CB  1 
ATOM   479  N N   . GLN A 1 57  ? 11.756  -2.178  3.432   1.00 15.54 ? 63  GLN B N   1 
ATOM   480  C CA  . GLN A 1 57  ? 11.981  -3.631  3.685   1.00 14.95 ? 63  GLN B CA  1 
ATOM   481  C C   . GLN A 1 57  ? 11.714  -4.417  2.395   1.00 16.47 ? 63  GLN B C   1 
ATOM   482  O O   . GLN A 1 57  ? 10.765  -4.104  1.633   1.00 15.07 ? 63  GLN B O   1 
ATOM   483  C CB  . GLN A 1 57  ? 11.080  -4.089  4.835   1.00 17.00 ? 63  GLN B CB  1 
ATOM   484  C CG  . GLN A 1 57  ? 11.482  -3.565  6.209   1.00 17.95 ? 63  GLN B CG  1 
ATOM   485  C CD  . GLN A 1 57  ? 11.220  -2.080  6.375   1.00 18.89 ? 63  GLN B CD  1 
ATOM   486  O OE1 . GLN A 1 57  ? 10.231  -1.561  5.883   1.00 17.39 ? 63  GLN B OE1 1 
ATOM   487  N NE2 . GLN A 1 57  ? 12.081  -1.386  7.089   1.00 20.70 ? 63  GLN B NE2 1 
ATOM   488  N N   . ARG A 1 58  ? 12.530  -5.443  2.130   1.00 15.92 ? 64  ARG B N   1 
ATOM   489  C CA  . ARG A 1 58  ? 12.342  -6.397  1.018   1.00 15.81 ? 64  ARG B CA  1 
ATOM   490  C C   . ARG A 1 58  ? 12.095  -7.780  1.610   1.00 14.95 ? 64  ARG B C   1 
ATOM   491  O O   . ARG A 1 58  ? 12.775  -8.170  2.563   1.00 17.24 ? 64  ARG B O   1 
ATOM   492  C CB  . ARG A 1 58  ? 13.592  -6.537  0.136   1.00 20.10 ? 64  ARG B CB  1 
ATOM   493  C CG  . ARG A 1 58  ? 13.882  -5.390  -0.832  1.00 28.96 ? 64  ARG B CG  1 
ATOM   494  C CD  . ARG A 1 58  ? 13.682  -4.027  -0.203  1.00 30.31 ? 64  ARG B CD  1 
ATOM   495  N NE  . ARG A 1 58  ? 14.439  -2.809  -0.532  1.00 35.36 ? 64  ARG B NE  1 
ATOM   496  C CZ  . ARG A 1 58  ? 15.180  -2.561  -1.600  1.00 31.68 ? 64  ARG B CZ  1 
ATOM   497  N NH1 . ARG A 1 58  ? 15.782  -1.385  -1.693  1.00 36.14 ? 64  ARG B NH1 1 
ATOM   498  N NH2 . ARG A 1 58  ? 15.348  -3.452  -2.549  1.00 31.48 ? 64  ARG B NH2 1 
ATOM   499  N N   . PHE A 1 59  ? 11.066  -8.459  1.136   1.00 14.46 ? 65  PHE B N   1 
ATOM   500  C CA  . PHE A 1 59  ? 10.697  -9.811  1.642   1.00 14.16 ? 65  PHE B CA  1 
ATOM   501  C C   . PHE A 1 59  ? 10.819  -10.821 0.509   1.00 12.99 ? 65  PHE B C   1 
ATOM   502  O O   . PHE A 1 59  ? 10.268  -10.621 -0.583  1.00 12.68 ? 65  PHE B O   1 
ATOM   503  C CB  . PHE A 1 59  ? 9.240   -9.758  2.144   1.00 15.20 ? 65  PHE B CB  1 
ATOM   504  C CG  . PHE A 1 59  ? 9.017   -8.727  3.231   1.00 17.11 ? 65  PHE B CG  1 
ATOM   505  C CD1 . PHE A 1 59  ? 9.826   -8.721  4.354   1.00 19.46 ? 65  PHE B CD1 1 
ATOM   506  C CD2 . PHE A 1 59  ? 8.033   -7.774  3.123   1.00 24.38 ? 65  PHE B CD2 1 
ATOM   507  C CE1 . PHE A 1 59  ? 9.653   -7.782  5.366   1.00 22.15 ? 65  PHE B CE1 1 
ATOM   508  C CE2 . PHE A 1 59  ? 7.834   -6.855  4.153   1.00 19.58 ? 65  PHE B CE2 1 
ATOM   509  C CZ  . PHE A 1 59  ? 8.677   -6.833  5.220   1.00 20.71 ? 65  PHE B CZ  1 
ATOM   510  N N   A SER A 1 60  ? 11.506  -11.941 0.760   0.25 13.63 ? 66  SER B N   1 
ATOM   511  N N   B SER A 1 60  ? 11.524  -11.933 0.760   0.25 13.44 ? 66  SER B N   1 
ATOM   512  C CA  A SER A 1 60  ? 11.681  -13.022 -0.243  0.25 14.33 ? 66  SER B CA  1 
ATOM   513  C CA  B SER A 1 60  ? 11.729  -13.031 -0.222  0.25 14.05 ? 66  SER B CA  1 
ATOM   514  C C   A SER A 1 60  ? 11.298  -14.389 0.343   0.25 14.29 ? 66  SER B C   1 
ATOM   515  C C   B SER A 1 60  ? 11.433  -14.393 0.406   0.25 14.47 ? 66  SER B C   1 
ATOM   516  O O   A SER A 1 60  ? 11.305  -15.376 -0.418  0.25 14.00 ? 66  SER B O   1 
ATOM   517  O O   B SER A 1 60  ? 11.881  -15.402 -0.161  0.25 13.59 ? 66  SER B O   1 
ATOM   518  C CB  A SER A 1 60  ? 13.088  -12.993 -0.813  0.25 15.09 ? 66  SER B CB  1 
ATOM   519  C CB  B SER A 1 60  ? 13.134  -13.025 -0.747  0.25 14.23 ? 66  SER B CB  1 
ATOM   520  O OG  A SER A 1 60  ? 13.234  -11.881 -1.708  0.25 16.28 ? 66  SER B OG  1 
ATOM   521  O OG  B SER A 1 60  ? 14.039  -13.105 0.328   0.25 14.47 ? 66  SER B OG  1 
ATOM   522  N N   A SER A 1 61  ? 10.926  -14.432 1.629   0.25 13.81 ? 67  SER B N   1 
ATOM   523  N N   B SER A 1 61  ? 10.738  -14.413 1.543   0.25 14.98 ? 67  SER B N   1 
ATOM   524  C CA  A SER A 1 61  ? 10.468  -15.662 2.317   0.25 14.12 ? 67  SER B CA  1 
ATOM   525  C CA  B SER A 1 61  ? 10.459  -15.647 2.305   0.25 16.04 ? 67  SER B CA  1 
ATOM   526  C C   A SER A 1 61  ? 9.548   -15.295 3.481   0.25 14.61 ? 67  SER B C   1 
ATOM   527  C C   B SER A 1 61  ? 9.664   -15.316 3.567   0.25 15.70 ? 67  SER B C   1 
ATOM   528  O O   A SER A 1 61  ? 9.401   -14.099 3.770   0.25 14.56 ? 67  SER B O   1 
ATOM   529  O O   B SER A 1 61  ? 9.781   -14.168 4.056   0.25 15.44 ? 67  SER B O   1 
ATOM   530  C CB  A SER A 1 61  ? 11.657  -16.480 2.797   0.25 13.89 ? 67  SER B CB  1 
ATOM   531  C CB  B SER A 1 61  ? 11.761  -16.334 2.646   0.25 17.23 ? 67  SER B CB  1 
ATOM   532  O OG  A SER A 1 61  ? 12.327  -15.827 3.860   0.25 13.28 ? 67  SER B OG  1 
ATOM   533  O OG  B SER A 1 61  ? 11.511  -17.554 3.317   0.25 19.79 ? 67  SER B OG  1 
ATOM   534  N N   . GLY A 1 62  ? 8.934   -16.298 4.103   1.00 16.19 ? 68  GLY B N   1 
ATOM   535  C CA  . GLY A 1 62  ? 8.302   -16.119 5.413   1.00 16.43 ? 68  GLY B CA  1 
ATOM   536  C C   . GLY A 1 62  ? 6.930   -15.480 5.368   1.00 14.24 ? 68  GLY B C   1 
ATOM   537  O O   . GLY A 1 62  ? 6.334   -15.339 4.290   1.00 14.67 ? 68  GLY B O   1 
ATOM   538  N N   . LYS A 1 63  ? 6.476   -15.204 6.571   1.00 14.12 ? 69  LYS B N   1 
ATOM   539  C CA  . LYS A 1 63  ? 5.162   -14.622 6.844   1.00 15.12 ? 69  LYS B CA  1 
ATOM   540  C C   . LYS A 1 63  ? 5.431   -13.245 7.464   1.00 14.53 ? 69  LYS B C   1 
ATOM   541  O O   . LYS A 1 63  ? 6.190   -13.143 8.431   1.00 16.08 ? 69  LYS B O   1 
ATOM   542  C CB  . LYS A 1 63  ? 4.340   -15.560 7.722   1.00 17.00 ? 69  LYS B CB  1 
ATOM   543  C CG  . LYS A 1 63  ? 4.001   -16.913 7.096   1.00 16.82 ? 69  LYS B CG  1 
ATOM   544  C CD  . LYS A 1 63  ? 3.277   -17.867 8.093   1.00 19.63 ? 69  LYS B CD  1 
ATOM   545  C CE  . LYS A 1 63  ? 2.919   -19.205 7.489   1.00 23.29 ? 69  LYS B CE  1 
ATOM   546  N NZ  . LYS A 1 63  ? 2.204   -20.033 8.486   1.00 26.19 ? 69  LYS B NZ  1 
ATOM   547  N N   . MET A 1 64  ? 4.738   -12.220 6.973   1.00 13.48 ? 70  MET B N   1 
ATOM   548  C CA  . MET A 1 64  ? 4.872   -10.806 7.397   1.00 13.57 ? 70  MET B CA  1 
ATOM   549  C C   . MET A 1 64  ? 3.486   -10.198 7.611   1.00 12.69 ? 70  MET B C   1 
ATOM   550  O O   . MET A 1 64  ? 2.571   -10.506 6.848   1.00 13.05 ? 70  MET B O   1 
ATOM   551  C CB  . MET A 1 64  ? 5.534   -10.012 6.284   1.00 13.68 ? 70  MET B CB  1 
ATOM   552  C CG  . MET A 1 64  ? 7.004   -10.242 6.099   1.00 14.39 ? 70  MET B CG  1 
ATOM   553  S SD  . MET A 1 64  ? 7.557   -11.835 5.420   1.00 16.08 ? 70  MET B SD  1 
ATOM   554  C CE  . MET A 1 64  ? 6.696   -11.940 3.867   1.00 15.23 ? 70  MET B CE  1 
ATOM   555  N N   . TYR A 1 65  ? 3.346   -9.328  8.589   1.00 12.71 ? 71  TYR B N   1 
ATOM   556  C CA  . TYR A 1 65  ? 2.052   -8.672  8.908   1.00 12.82 ? 71  TYR B CA  1 
ATOM   557  C C   . TYR A 1 65  ? 2.381   -7.235  9.270   1.00 14.16 ? 71  TYR B C   1 
ATOM   558  O O   . TYR A 1 65  ? 3.346   -6.979  10.062  1.00 14.63 ? 71  TYR B O   1 
ATOM   559  C CB  . TYR A 1 65  ? 1.300   -9.381  10.039  1.00 14.64 ? 71  TYR B CB  1 
ATOM   560  C CG  . TYR A 1 65  ? 0.014   -8.703  10.429  1.00 13.79 ? 71  TYR B CG  1 
ATOM   561  C CD1 . TYR A 1 65  ? -1.107  -8.871  9.645   1.00 13.91 ? 71  TYR B CD1 1 
ATOM   562  C CD2 . TYR A 1 65  ? -0.069  -7.883  11.552  1.00 14.04 ? 71  TYR B CD2 1 
ATOM   563  C CE1 . TYR A 1 65  ? -2.317  -8.259  9.970   1.00 14.67 ? 71  TYR B CE1 1 
ATOM   564  C CE2 . TYR A 1 65  ? -1.262  -7.254  11.887  1.00 13.94 ? 71  TYR B CE2 1 
ATOM   565  C CZ  . TYR A 1 65  ? -2.378  -7.457  11.111  1.00 14.17 ? 71  TYR B CZ  1 
ATOM   566  O OH  . TYR A 1 65  ? -3.535  -6.813  11.484  1.00 16.47 ? 71  TYR B OH  1 
ATOM   567  N N   . TRP A 1 66  ? 1.591   -6.286  8.777   1.00 12.20 ? 72  TRP B N   1 
ATOM   568  C CA  . TRP A 1 66  ? 1.687   -4.882  9.255   1.00 12.98 ? 72  TRP B CA  1 
ATOM   569  C C   . TRP A 1 66  ? 0.305   -4.219  9.155   1.00 13.33 ? 72  TRP B C   1 
ATOM   570  O O   . TRP A 1 66  ? -0.606  -4.769  8.494   1.00 13.00 ? 72  TRP B O   1 
ATOM   571  C CB  . TRP A 1 66  ? 2.801   -4.075  8.524   1.00 12.18 ? 72  TRP B CB  1 
ATOM   572  C CG  . TRP A 1 66  ? 2.616   -3.881  7.060   1.00 11.86 ? 72  TRP B CG  1 
ATOM   573  C CD1 . TRP A 1 66  ? 2.093   -2.776  6.413   1.00 11.78 ? 72  TRP B CD1 1 
ATOM   574  C CD2 . TRP A 1 66  ? 2.994   -4.769  6.027   1.00 12.49 ? 72  TRP B CD2 1 
ATOM   575  N NE1 . TRP A 1 66  ? 2.178   -2.938  5.046   1.00 12.19 ? 72  TRP B NE1 1 
ATOM   576  C CE2 . TRP A 1 66  ? 2.680   -4.177  4.787   1.00 12.35 ? 72  TRP B CE2 1 
ATOM   577  C CE3 . TRP A 1 66  ? 3.558   -6.048  6.026   1.00 13.95 ? 72  TRP B CE3 1 
ATOM   578  C CZ2 . TRP A 1 66  ? 2.949   -4.775  3.573   1.00 13.94 ? 72  TRP B CZ2 1 
ATOM   579  C CZ3 . TRP A 1 66  ? 3.789   -6.665  4.822   1.00 16.63 ? 72  TRP B CZ3 1 
ATOM   580  C CH2 . TRP A 1 66  ? 3.477   -6.056  3.612   1.00 14.72 ? 72  TRP B CH2 1 
ATOM   581  N N   . GLU A 1 67  ? 0.152   -3.039  9.767   1.00 12.80 ? 73  GLU B N   1 
ATOM   582  C CA  . GLU A 1 67  ? -1.136  -2.308  9.808   1.00 12.75 ? 73  GLU B CA  1 
ATOM   583  C C   . GLU A 1 67  ? -0.925  -0.866  9.376   1.00 12.43 ? 73  GLU B C   1 
ATOM   584  O O   . GLU A 1 67  ? 0.126   -0.300  9.649   1.00 12.97 ? 73  GLU B O   1 
ATOM   585  C CB  . GLU A 1 67  ? -1.755  -2.355  11.202  1.00 14.07 ? 73  GLU B CB  1 
ATOM   586  C CG  . GLU A 1 67  ? -2.150  -3.792  11.572  1.00 16.63 ? 73  GLU B CG  1 
ATOM   587  C CD  . GLU A 1 67  ? -2.795  -3.930  12.934  1.00 20.27 ? 73  GLU B CD  1 
ATOM   588  O OE1 . GLU A 1 67  ? -2.821  -2.884  13.677  1.00 25.66 ? 73  GLU B OE1 1 
ATOM   589  O OE2 . GLU A 1 67  ? -3.353  -5.051  13.241  1.00 18.42 ? 73  GLU B OE2 1 
ATOM   590  N N   . VAL A 1 68  ? -1.911  -0.351  8.660   1.00 12.51 ? 74  VAL B N   1 
ATOM   591  C CA  . VAL A 1 68  ? -1.882  1.029   8.139   1.00 11.61 ? 74  VAL B CA  1 
ATOM   592  C C   . VAL A 1 68  ? -3.162  1.762   8.535   1.00 11.85 ? 74  VAL B C   1 
ATOM   593  O O   . VAL A 1 68  ? -4.282  1.233   8.317   1.00 12.70 ? 74  VAL B O   1 
ATOM   594  C CB  . VAL A 1 68  ? -1.725  1.044   6.615   1.00 11.79 ? 74  VAL B CB  1 
ATOM   595  C CG1 . VAL A 1 68  ? -1.564  2.471   6.137   1.00 13.53 ? 74  VAL B CG1 1 
ATOM   596  C CG2 . VAL A 1 68  ? -0.605  0.117   6.161   1.00 12.48 ? 74  VAL B CG2 1 
ATOM   597  N N   . ASP A 1 69  ? -2.978  2.987   9.032   1.00 12.15 ? 75  ASP B N   1 
ATOM   598  C CA  . ASP A 1 69  ? -4.091  3.889   9.426   1.00 13.45 ? 75  ASP B CA  1 
ATOM   599  C C   . ASP A 1 69  ? -4.499  4.696   8.206   1.00 12.22 ? 75  ASP B C   1 
ATOM   600  O O   . ASP A 1 69  ? -3.587  5.323   7.579   1.00 12.94 ? 75  ASP B O   1 
ATOM   601  C CB  . ASP A 1 69  ? -3.698  4.790   10.607  1.00 14.97 ? 75  ASP B CB  1 
ATOM   602  C CG  . ASP A 1 69  ? -4.909  5.502   11.212  1.00 17.08 ? 75  ASP B CG  1 
ATOM   603  O OD1 . ASP A 1 69  ? -5.568  6.243   10.516  1.00 17.37 ? 75  ASP B OD1 1 
ATOM   604  O OD2 . ASP A 1 69  ? -5.271  5.160   12.350  1.00 21.54 ? 75  ASP B OD2 1 
ATOM   605  N N   . VAL A 1 70  ? -5.779  4.670   7.847   1.00 12.47 ? 76  VAL B N   1 
ATOM   606  C CA  . VAL A 1 70  ? -6.358  5.377   6.672   1.00 12.97 ? 76  VAL B CA  1 
ATOM   607  C C   . VAL A 1 70  ? -7.470  6.359   7.105   1.00 13.40 ? 76  VAL B C   1 
ATOM   608  O O   . VAL A 1 70  ? -8.265  6.765   6.281   1.00 13.51 ? 76  VAL B O   1 
ATOM   609  C CB  . VAL A 1 70  ? -6.866  4.342   5.627   1.00 12.58 ? 76  VAL B CB  1 
ATOM   610  C CG1 . VAL A 1 70  ? -5.744  3.425   5.091   1.00 12.29 ? 76  VAL B CG1 1 
ATOM   611  C CG2 . VAL A 1 70  ? -8.024  3.483   6.157   1.00 12.63 ? 76  VAL B CG2 1 
ATOM   612  N N   . THR A 1 71  ? -7.541  6.691   8.387   1.00 13.62 ? 77  THR B N   1 
ATOM   613  C CA  . THR A 1 71  ? -8.593  7.552   8.969   1.00 14.77 ? 77  THR B CA  1 
ATOM   614  C C   . THR A 1 71  ? -8.792  8.813   8.106   1.00 15.33 ? 77  THR B C   1 
ATOM   615  O O   . THR A 1 71  ? -7.817  9.518   7.797   1.00 15.23 ? 77  THR B O   1 
ATOM   616  C CB  . THR A 1 71  ? -8.201  7.964   10.386  1.00 15.48 ? 77  THR B CB  1 
ATOM   617  O OG1 . THR A 1 71  ? -8.128  6.794   11.222  1.00 17.64 ? 77  THR B OG1 1 
ATOM   618  C CG2 . THR A 1 71  ? -9.232  8.927   10.921  1.00 18.97 ? 77  THR B CG2 1 
ATOM   619  N N   . GLN A 1 72  ? -10.055 9.043   7.758   1.00 19.41 ? 78  GLN B N   1 
ATOM   620  C CA  . GLN A 1 72  ? -10.661 10.219  7.066   1.00 22.06 ? 78  GLN B CA  1 
ATOM   621  C C   . GLN A 1 72  ? -10.104 10.405  5.657   1.00 23.15 ? 78  GLN B C   1 
ATOM   622  O O   . GLN A 1 72  ? -10.381 11.455  5.028   1.00 26.08 ? 78  GLN B O   1 
ATOM   623  C CB  . GLN A 1 72  ? -10.533 11.471  7.931   1.00 29.10 ? 78  GLN B CB  1 
ATOM   624  C CG  . GLN A 1 72  ? -9.106  11.967  8.135   1.00 38.24 ? 78  GLN B CG  1 
ATOM   625  C CD  . GLN A 1 72  ? -8.970  13.474  8.046   1.00 44.00 ? 78  GLN B CD  1 
ATOM   626  O OE1 . GLN A 1 72  ? -8.181  14.087  8.773   1.00 48.53 ? 78  GLN B OE1 1 
ATOM   627  N NE2 . GLN A 1 72  ? -9.694  14.070  7.100   1.00 46.81 ? 78  GLN B NE2 1 
ATOM   628  N N   . LYS A 1 73  ? -9.397  9.440   5.090   1.00 15.24 ? 79  LYS B N   1 
ATOM   629  C CA  . LYS A 1 73  ? -9.058  9.552   3.666   1.00 13.90 ? 79  LYS B CA  1 
ATOM   630  C C   . LYS A 1 73  ? -10.215 9.140   2.744   1.00 13.08 ? 79  LYS B C   1 
ATOM   631  O O   . LYS A 1 73  ? -11.026 8.223   3.094   1.00 14.84 ? 79  LYS B O   1 
ATOM   632  C CB  . LYS A 1 73  ? -7.816  8.716   3.377   1.00 13.79 ? 79  LYS B CB  1 
ATOM   633  C CG  . LYS A 1 73  ? -6.557  9.235   4.076   1.00 13.64 ? 79  LYS B CG  1 
ATOM   634  C CD  . LYS A 1 73  ? -5.244  8.617   3.641   1.00 14.08 ? 79  LYS B CD  1 
ATOM   635  C CE  . LYS A 1 73  ? -4.858  8.914   2.211   1.00 13.51 ? 79  LYS B CE  1 
ATOM   636  N NZ  . LYS A 1 73  ? -4.829  10.374  1.866   1.00 12.10 ? 79  LYS B NZ  1 
ATOM   637  N N   . GLU A 1 74  ? -10.295 9.800   1.600   1.00 11.65 ? 80  GLU B N   1 
ATOM   638  C CA  . GLU A 1 74  ? -11.285 9.535   0.534   1.00 12.09 ? 80  GLU B CA  1 
ATOM   639  C C   . GLU A 1 74  ? -10.728 8.599   -0.540  1.00 11.83 ? 80  GLU B C   1 
ATOM   640  O O   . GLU A 1 74  ? -11.476 8.059   -1.356  1.00 12.82 ? 80  GLU B O   1 
ATOM   641  C CB  . GLU A 1 74  ? -11.733 10.842  -0.146  1.00 13.36 ? 80  GLU B CB  1 
ATOM   642  C CG  . GLU A 1 74  ? -12.419 11.813  0.787   1.00 14.62 ? 80  GLU B CG  1 
ATOM   643  C CD  . GLU A 1 74  ? -12.734 13.139  0.069   1.00 15.96 ? 80  GLU B CD  1 
ATOM   644  O OE1 . GLU A 1 74  ? -13.505 13.911  0.613   1.00 18.38 ? 80  GLU B OE1 1 
ATOM   645  O OE2 . GLU A 1 74  ? -12.164 13.382  -1.029  1.00 18.64 ? 80  GLU B OE2 1 
ATOM   646  N N   . ALA A 1 75  ? -9.406  8.483   -0.638  1.00 11.78 ? 81  ALA B N   1 
ATOM   647  C CA  . ALA A 1 75  ? -8.788  7.712   -1.734  1.00 11.87 ? 81  ALA B CA  1 
ATOM   648  C C   . ALA A 1 75  ? -7.405  7.255   -1.284  1.00 11.93 ? 81  ALA B C   1 
ATOM   649  O O   . ALA A 1 75  ? -6.647  8.048   -0.692  1.00 11.84 ? 81  ALA B O   1 
ATOM   650  C CB  . ALA A 1 75  ? -8.645  8.505   -3.023  1.00 12.86 ? 81  ALA B CB  1 
ATOM   651  N N   . TRP A 1 76  ? -7.057  6.007   -1.601  1.00 10.77 ? 82  TRP B N   1 
ATOM   652  C CA  . TRP A 1 76  ? -5.726  5.420   -1.277  1.00 10.75 ? 82  TRP B CA  1 
ATOM   653  C C   . TRP A 1 76  ? -5.630  4.051   -1.927  1.00 11.15 ? 82  TRP B C   1 
ATOM   654  O O   . TRP A 1 76  ? -6.664  3.482   -2.271  1.00 11.30 ? 82  TRP B O   1 
ATOM   655  C CB  . TRP A 1 76  ? -5.486  5.299   0.237   1.00 11.20 ? 82  TRP B CB  1 
ATOM   656  C CG  . TRP A 1 76  ? -6.598  4.660   1.019   1.00 10.79 ? 82  TRP B CG  1 
ATOM   657  C CD1 . TRP A 1 76  ? -7.547  5.290   1.762   1.00 12.88 ? 82  TRP B CD1 1 
ATOM   658  C CD2 . TRP A 1 76  ? -6.913  3.257   1.160   1.00 10.95 ? 82  TRP B CD2 1 
ATOM   659  N NE1 . TRP A 1 76  ? -8.404  4.419   2.359   1.00 12.60 ? 82  TRP B NE1 1 
ATOM   660  C CE2 . TRP A 1 76  ? -8.045  3.148   1.992   1.00 12.08 ? 82  TRP B CE2 1 
ATOM   661  C CE3 . TRP A 1 76  ? -6.335  2.072   0.663   1.00 12.12 ? 82  TRP B CE3 1 
ATOM   662  C CZ2 . TRP A 1 76  ? -8.610  1.946   2.385   1.00 11.83 ? 82  TRP B CZ2 1 
ATOM   663  C CZ3 . TRP A 1 76  ? -6.922  0.873   1.010   1.00 11.70 ? 82  TRP B CZ3 1 
ATOM   664  C CH2 . TRP A 1 76  ? -8.052  0.820   1.838   1.00 12.42 ? 82  TRP B CH2 1 
ATOM   665  N N   . ASP A 1 77  ? -4.398  3.592   -2.128  1.00 10.66 ? 83  ASP B N   1 
ATOM   666  C CA  . ASP A 1 77  ? -4.107  2.188   -2.536  1.00 11.11 ? 83  ASP B CA  1 
ATOM   667  C C   . ASP A 1 77  ? -3.127  1.622   -1.494  1.00 11.22 ? 83  ASP B C   1 
ATOM   668  O O   . ASP A 1 77  ? -2.198  2.362   -1.094  1.00 10.96 ? 83  ASP B O   1 
ATOM   669  C CB  . ASP A 1 77  ? -3.464  2.080   -3.918  1.00 12.69 ? 83  ASP B CB  1 
ATOM   670  C CG  . ASP A 1 77  ? -4.043  2.940   -5.029  1.00 15.91 ? 83  ASP B CG  1 
ATOM   671  O OD1 . ASP A 1 77  ? -5.233  3.034   -5.075  1.00 18.42 ? 83  ASP B OD1 1 
ATOM   672  O OD2 . ASP A 1 77  ? -3.289  3.401   -5.893  1.00 17.77 ? 83  ASP B OD2 1 
ATOM   673  N N   . LEU A 1 78  ? -3.266  0.353   -1.120  1.00 10.19 ? 84  LEU B N   1 
ATOM   674  C CA  . LEU A 1 78  ? -2.348  -0.323  -0.166  1.00 10.43 ? 84  LEU B CA  1 
ATOM   675  C C   . LEU A 1 78  ? -2.111  -1.761  -0.606  1.00 10.00 ? 84  LEU B C   1 
ATOM   676  O O   . LEU A 1 78  ? -3.014  -2.411  -1.124  1.00 9.73  ? 84  LEU B O   1 
ATOM   677  C CB  . LEU A 1 78  ? -2.924  -0.376  1.236   1.00 11.01 ? 84  LEU B CB  1 
ATOM   678  C CG  . LEU A 1 78  ? -3.000  0.935   1.997   1.00 12.22 ? 84  LEU B CG  1 
ATOM   679  C CD1 . LEU A 1 78  ? -3.794  0.695   3.286   1.00 13.76 ? 84  LEU B CD1 1 
ATOM   680  C CD2 . LEU A 1 78  ? -1.612  1.467   2.255   1.00 12.61 ? 84  LEU B CD2 1 
ATOM   681  N N   . GLY A 1 79  ? -0.879  -2.209  -0.364  1.00 9.42  ? 85  GLY B N   1 
ATOM   682  C CA  . GLY A 1 79  ? -0.600  -3.649  -0.457  1.00 10.31 ? 85  GLY B CA  1 
ATOM   683  C C   . GLY A 1 79  ? 0.880   -3.902  -0.542  1.00 9.29  ? 85  GLY B C   1 
ATOM   684  O O   . GLY A 1 79  ? 1.625   -3.373  0.265   1.00 9.93  ? 85  GLY B O   1 
ATOM   685  N N   A VAL A 1 80  ? 1.266   -4.795  -1.462  0.25 9.51  ? 86  VAL B N   1 
ATOM   686  N N   B VAL A 1 80  ? 1.282   -4.695  -1.528  0.25 10.03 ? 86  VAL B N   1 
ATOM   687  C CA  A VAL A 1 80  ? 2.685   -5.146  -1.761  0.25 9.64  ? 86  VAL B CA  1 
ATOM   688  C CA  B VAL A 1 80  ? 2.695   -5.125  -1.688  0.25 10.46 ? 86  VAL B CA  1 
ATOM   689  C C   A VAL A 1 80  ? 2.917   -5.074  -3.263  0.25 9.92  ? 86  VAL B C   1 
ATOM   690  C C   B VAL A 1 80  ? 2.957   -5.258  -3.194  0.25 10.35 ? 86  VAL B C   1 
ATOM   691  O O   A VAL A 1 80  ? 1.966   -5.142  -4.055  0.25 10.38 ? 86  VAL B O   1 
ATOM   692  O O   B VAL A 1 80  ? 2.024   -5.561  -3.937  0.25 10.78 ? 86  VAL B O   1 
ATOM   693  C CB  A VAL A 1 80  ? 3.091   -6.551  -1.280  0.25 9.78  ? 86  VAL B CB  1 
ATOM   694  C CB  B VAL A 1 80  ? 2.937   -6.420  -0.886  0.25 11.55 ? 86  VAL B CB  1 
ATOM   695  C CG1 A VAL A 1 80  ? 3.215   -6.576  0.225   0.25 9.50  ? 86  VAL B CG1 1 
ATOM   696  C CG1 B VAL A 1 80  ? 2.266   -7.619  -1.534  0.25 11.73 ? 86  VAL B CG1 1 
ATOM   697  C CG2 A VAL A 1 80  ? 2.130   -7.619  -1.771  0.25 9.97  ? 86  VAL B CG2 1 
ATOM   698  C CG2 B VAL A 1 80  ? 4.406   -6.694  -0.639  0.25 11.96 ? 86  VAL B CG2 1 
ATOM   699  N N   . CYS A 1 81  ? 4.182   -4.993  -3.654  1.00 10.20 ? 87  CYS B N   1 
ATOM   700  C CA  . CYS A 1 81  ? 4.527   -5.069  -5.075  1.00 11.04 ? 87  CYS B CA  1 
ATOM   701  C C   . CYS A 1 81  ? 5.922   -5.655  -5.216  1.00 11.17 ? 87  CYS B C   1 
ATOM   702  O O   . CYS A 1 81  ? 6.712   -5.664  -4.247  1.00 10.93 ? 87  CYS B O   1 
ATOM   703  C CB  . CYS A 1 81  ? 4.444   -3.693  -5.732  1.00 12.77 ? 87  CYS B CB  1 
ATOM   704  S SG  . CYS A 1 81  ? 5.643   -2.471  -5.111  1.00 12.67 ? 87  CYS B SG  1 
ATOM   705  N N   A ARG A 1 82  ? 6.213   -6.135  -6.412  0.25 11.87 ? 88  ARG B N   1 
ATOM   706  N N   B ARG A 1 82  ? 6.218   -6.140  -6.412  0.25 10.59 ? 88  ARG B N   1 
ATOM   707  C CA  A ARG A 1 82  ? 7.585   -6.544  -6.781  0.25 12.77 ? 88  ARG B CA  1 
ATOM   708  C CA  B ARG A 1 82  ? 7.577   -6.611  -6.783  0.25 10.57 ? 88  ARG B CA  1 
ATOM   709  C C   A ARG A 1 82  ? 8.534   -5.360  -6.626  0.25 12.30 ? 88  ARG B C   1 
ATOM   710  C C   B ARG A 1 82  ? 8.550   -5.420  -6.753  0.25 11.16 ? 88  ARG B C   1 
ATOM   711  O O   A ARG A 1 82  ? 8.150   -4.203  -6.879  0.25 11.94 ? 88  ARG B O   1 
ATOM   712  O O   B ARG A 1 82  ? 8.191   -4.308  -7.229  0.25 11.06 ? 88  ARG B O   1 
ATOM   713  C CB  A ARG A 1 82  ? 7.615   -7.028  -8.227  0.25 14.55 ? 88  ARG B CB  1 
ATOM   714  C CB  B ARG A 1 82  ? 7.512   -7.279  -8.163  0.25 10.40 ? 88  ARG B CB  1 
ATOM   715  C CG  A ARG A 1 82  ? 6.829   -8.309  -8.417  0.25 16.25 ? 88  ARG B CG  1 
ATOM   716  C CG  B ARG A 1 82  ? 8.722   -8.136  -8.501  0.25 10.01 ? 88  ARG B CG  1 
ATOM   717  C CD  A ARG A 1 82  ? 7.037   -8.884  -9.799  0.25 18.03 ? 88  ARG B CD  1 
ATOM   718  C CD  B ARG A 1 82  ? 8.688   -8.672  -9.915  0.25 9.77  ? 88  ARG B CD  1 
ATOM   719  N NE  A ARG A 1 82  ? 6.063   -9.930  -10.055 0.25 17.91 ? 88  ARG B NE  1 
ATOM   720  N NE  B ARG A 1 82  ? 7.530   -9.519  -10.075 0.25 9.80  ? 88  ARG B NE  1 
ATOM   721  C CZ  A ARG A 1 82  ? 5.406   -10.055 -11.194 0.25 18.73 ? 88  ARG B CZ  1 
ATOM   722  C CZ  B ARG A 1 82  ? 6.559   -9.331  -10.976 0.25 9.59  ? 88  ARG B CZ  1 
ATOM   723  N NH1 A ARG A 1 82  ? 5.615   -9.190  -12.168 0.25 18.63 ? 88  ARG B NH1 1 
ATOM   724  N NH1 B ARG A 1 82  ? 6.658   -8.376  -11.868 0.25 10.52 ? 88  ARG B NH1 1 
ATOM   725  N NH2 A ARG A 1 82  ? 4.553   -11.044 -11.358 0.25 21.23 ? 88  ARG B NH2 1 
ATOM   726  N NH2 B ARG A 1 82  ? 5.496   -10.119 -10.989 0.25 9.57  ? 88  ARG B NH2 1 
ATOM   727  N N   . ASP A 1 83  ? 9.772   -5.652  -6.271  1.00 12.80 ? 89  ASP B N   1 
ATOM   728  C CA  . ASP A 1 83  ? 10.795  -4.581  -6.191  1.00 13.85 ? 89  ASP B CA  1 
ATOM   729  C C   . ASP A 1 83  ? 10.970  -3.957  -7.575  1.00 15.87 ? 89  ASP B C   1 
ATOM   730  O O   . ASP A 1 83  ? 11.315  -2.769  -7.623  1.00 17.00 ? 89  ASP B O   1 
ATOM   731  C CB  . ASP A 1 83  ? 12.095  -5.146  -5.628  1.00 15.67 ? 89  ASP B CB  1 
ATOM   732  C CG  . ASP A 1 83  ? 12.763  -6.239  -6.439  1.00 17.00 ? 89  ASP B CG  1 
ATOM   733  O OD1 . ASP A 1 83  ? 12.159  -6.776  -7.422  1.00 19.15 ? 89  ASP B OD1 1 
ATOM   734  O OD2 . ASP A 1 83  ? 13.927  -6.551  -6.071  1.00 20.30 ? 89  ASP B OD2 1 
ATOM   735  N N   . SER A 1 84  ? 10.727  -4.678  -8.676  1.00 13.57 ? 90  SER B N   1 
ATOM   736  C CA  . SER A 1 84  ? 11.038  -4.186  -10.041 1.00 15.18 ? 90  SER B CA  1 
ATOM   737  C C   . SER A 1 84  ? 9.826   -3.583  -10.770 1.00 13.44 ? 90  SER B C   1 
ATOM   738  O O   . SER A 1 84  ? 9.880   -3.466  -11.990 1.00 14.98 ? 90  SER B O   1 
ATOM   739  C CB  . SER A 1 84  ? 11.668  -5.287  -10.830 1.00 17.27 ? 90  SER B CB  1 
ATOM   740  O OG  . SER A 1 84  ? 10.831  -6.408  -10.848 1.00 16.45 ? 90  SER B OG  1 
ATOM   741  N N   . VAL A 1 85  ? 8.757   -3.227  -10.064 1.00 13.03 ? 91  VAL B N   1 
ATOM   742  C CA  . VAL A 1 85  ? 7.615   -2.572  -10.756 1.00 13.89 ? 91  VAL B CA  1 
ATOM   743  C C   . VAL A 1 85  ? 8.093   -1.293  -11.458 1.00 13.39 ? 91  VAL B C   1 
ATOM   744  O O   . VAL A 1 85  ? 9.025   -0.595  -10.982 1.00 14.51 ? 91  VAL B O   1 
ATOM   745  C CB  . VAL A 1 85  ? 6.419   -2.275  -9.826  1.00 12.64 ? 91  VAL B CB  1 
ATOM   746  C CG1 . VAL A 1 85  ? 5.779   -3.565  -9.374  1.00 12.55 ? 91  VAL B CG1 1 
ATOM   747  C CG2 . VAL A 1 85  ? 6.750   -1.382  -8.653  1.00 12.22 ? 91  VAL B CG2 1 
ATOM   748  N N   . GLN A 1 86  ? 7.406   -1.011  -12.557 1.00 14.53 ? 92  GLN B N   1 
ATOM   749  C CA  . GLN A 1 86  ? 7.539   0.269   -13.323 1.00 16.16 ? 92  GLN B CA  1 
ATOM   750  C C   . GLN A 1 86  ? 7.347   1.449   -12.359 1.00 14.92 ? 92  GLN B C   1 
ATOM   751  O O   . GLN A 1 86  ? 6.432   1.433   -11.553 1.00 14.65 ? 92  GLN B O   1 
ATOM   752  C CB  . GLN A 1 86  ? 6.498   0.225   -14.449 1.00 18.54 ? 92  GLN B CB  1 
ATOM   753  C CG  . GLN A 1 86  ? 6.385   1.463   -15.331 1.00 20.73 ? 92  GLN B CG  1 
ATOM   754  C CD  . GLN A 1 86  ? 5.203   1.364   -16.287 1.00 23.14 ? 92  GLN B CD  1 
ATOM   755  O OE1 . GLN A 1 86  ? 4.611   0.291   -16.513 1.00 25.08 ? 92  GLN B OE1 1 
ATOM   756  N NE2 . GLN A 1 86  ? 4.797   2.499   -16.857 1.00 24.69 ? 92  GLN B NE2 1 
ATOM   757  N N   . ARG A 1 87  ? 8.127   2.506   -12.535 1.00 13.73 ? 93  ARG B N   1 
ATOM   758  C CA  . ARG A 1 87  ? 8.091   3.728   -11.680 1.00 13.25 ? 93  ARG B CA  1 
ATOM   759  C C   . ARG A 1 87  ? 7.570   4.905   -12.514 1.00 14.31 ? 93  ARG B C   1 
ATOM   760  O O   . ARG A 1 87  ? 6.984   5.776   -11.908 1.00 14.97 ? 93  ARG B O   1 
ATOM   761  C CB  . ARG A 1 87  ? 9.449   4.069   -11.077 1.00 13.55 ? 93  ARG B CB  1 
ATOM   762  C CG  . ARG A 1 87  ? 10.122  2.936   -10.320 1.00 13.14 ? 93  ARG B CG  1 
ATOM   763  C CD  . ARG A 1 87  ? 9.238   2.369   -9.217  1.00 14.17 ? 93  ARG B CD  1 
ATOM   764  N NE  . ARG A 1 87  ? 9.872   1.153   -8.662  1.00 15.93 ? 93  ARG B NE  1 
ATOM   765  C CZ  . ARG A 1 87  ? 10.801  1.133   -7.719  1.00 15.20 ? 93  ARG B CZ  1 
ATOM   766  N NH1 . ARG A 1 87  ? 11.214  2.254   -7.168  1.00 16.56 ? 93  ARG B NH1 1 
ATOM   767  N NH2 . ARG A 1 87  ? 11.359  -0.017  -7.368  1.00 16.47 ? 93  ARG B NH2 1 
ATOM   768  N N   . LYS A 1 88  ? 7.840   4.948   -13.818 1.00 14.06 ? 94  LYS B N   1 
ATOM   769  C CA  . LYS A 1 88  ? 7.569   6.132   -14.673 1.00 14.81 ? 94  LYS B CA  1 
ATOM   770  C C   . LYS A 1 88  ? 6.407   5.882   -15.614 1.00 17.31 ? 94  LYS B C   1 
ATOM   771  O O   . LYS A 1 88  ? 6.266   4.751   -16.117 1.00 18.49 ? 94  LYS B O   1 
ATOM   772  C CB  . LYS A 1 88  ? 8.829   6.478   -15.467 1.00 15.26 ? 94  LYS B CB  1 
ATOM   773  C CG  . LYS A 1 88  ? 10.090  6.606   -14.653 1.00 16.34 ? 94  LYS B CG  1 
ATOM   774  C CD  . LYS A 1 88  ? 10.041  7.645   -13.552 1.00 16.78 ? 94  LYS B CD  1 
ATOM   775  C CE  . LYS A 1 88  ? 11.356  7.762   -12.845 1.00 17.60 ? 94  LYS B CE  1 
ATOM   776  N NZ  . LYS A 1 88  ? 11.298  8.761   -11.755 1.00 19.23 ? 94  LYS B NZ  1 
ATOM   777  N N   . GLY A 1 89  ? 5.607   6.904   -15.849 1.00 17.22 ? 95  GLY B N   1 
ATOM   778  C CA  . GLY A 1 89  ? 4.470   6.800   -16.766 1.00 18.10 ? 95  GLY B CA  1 
ATOM   779  C C   . GLY A 1 89  ? 3.240   6.174   -16.152 1.00 18.88 ? 95  GLY B C   1 
ATOM   780  O O   . GLY A 1 89  ? 3.185   6.016   -14.875 1.00 17.79 ? 95  GLY B O   1 
ATOM   781  N N   . GLN A 1 90  ? 2.268   5.875   -17.011 1.00 18.93 ? 96  GLN B N   1 
ATOM   782  C CA  . GLN A 1 90  ? 0.937   5.380   -16.621 1.00 20.87 ? 96  GLN B CA  1 
ATOM   783  C C   . GLN A 1 90  ? 0.959   3.859   -16.565 1.00 19.41 ? 96  GLN B C   1 
ATOM   784  O O   . GLN A 1 90  ? 1.674   3.226   -17.358 1.00 20.10 ? 96  GLN B O   1 
ATOM   785  C CB  . GLN A 1 90  ? -0.119  5.866   -17.615 1.00 24.50 ? 96  GLN B CB  1 
ATOM   786  C CG  . GLN A 1 90  ? -0.295  7.365   -17.559 1.00 32.87 ? 96  GLN B CG  1 
ATOM   787  C CD  . GLN A 1 90  ? -1.101  7.843   -18.732 1.00 43.04 ? 96  GLN B CD  1 
ATOM   788  O OE1 . GLN A 1 90  ? -2.331  7.762   -18.723 1.00 51.72 ? 96  GLN B OE1 1 
ATOM   789  N NE2 . GLN A 1 90  ? -0.394  8.313   -19.754 1.00 46.62 ? 96  GLN B NE2 1 
ATOM   790  N N   . PHE A 1 91  ? 0.287   3.300   -15.569 1.00 17.31 ? 97  PHE B N   1 
ATOM   791  C CA  . PHE A 1 91  ? 0.152   1.835   -15.421 1.00 16.92 ? 97  PHE B CA  1 
ATOM   792  C C   . PHE A 1 91  ? -1.027  1.544   -14.509 1.00 16.96 ? 97  PHE B C   1 
ATOM   793  O O   . PHE A 1 91  ? -1.454  2.398   -13.723 1.00 18.53 ? 97  PHE B O   1 
ATOM   794  C CB  . PHE A 1 91  ? 1.439   1.229   -14.855 1.00 16.68 ? 97  PHE B CB  1 
ATOM   795  C CG  . PHE A 1 91  ? 1.864   1.806   -13.533 1.00 16.17 ? 97  PHE B CG  1 
ATOM   796  C CD1 . PHE A 1 91  ? 1.341   1.304   -12.354 1.00 17.28 ? 97  PHE B CD1 1 
ATOM   797  C CD2 . PHE A 1 91  ? 2.816   2.801   -13.458 1.00 17.93 ? 97  PHE B CD2 1 
ATOM   798  C CE1 . PHE A 1 91  ? 1.772   1.789   -11.133 1.00 16.25 ? 97  PHE B CE1 1 
ATOM   799  C CE2 . PHE A 1 91  ? 3.254   3.271   -12.233 1.00 16.71 ? 97  PHE B CE2 1 
ATOM   800  C CZ  . PHE A 1 91  ? 2.733   2.755   -11.075 1.00 16.80 ? 97  PHE B CZ  1 
ATOM   801  N N   A SER A 1 92  ? -1.581  0.340   -14.636 0.25 17.83 ? 98  SER B N   1 
ATOM   802  N N   B SER A 1 92  ? -1.563  0.330   -14.647 0.25 16.94 ? 98  SER B N   1 
ATOM   803  C CA  A SER A 1 92  ? -2.668  -0.172  -13.766 0.25 17.91 ? 98  SER B CA  1 
ATOM   804  C CA  B SER A 1 92  ? -2.650  -0.228  -13.806 0.25 16.53 ? 98  SER B CA  1 
ATOM   805  C C   A SER A 1 92  ? -2.067  -1.025  -12.650 0.25 16.39 ? 98  SER B C   1 
ATOM   806  C C   B SER A 1 92  ? -2.039  -1.012  -12.641 0.25 15.66 ? 98  SER B C   1 
ATOM   807  O O   A SER A 1 92  ? -1.048  -1.717  -12.893 0.25 16.34 ? 98  SER B O   1 
ATOM   808  O O   B SER A 1 92  ? -0.955  -1.628  -12.834 0.25 15.78 ? 98  SER B O   1 
ATOM   809  C CB  A SER A 1 92  ? -3.655  -0.971  -14.549 0.25 20.76 ? 98  SER B CB  1 
ATOM   810  C CB  B SER A 1 92  ? -3.561  -1.109  -14.618 0.25 17.98 ? 98  SER B CB  1 
ATOM   811  O OG  A SER A 1 92  ? -2.987  -1.673  -15.580 0.25 23.53 ? 98  SER B OG  1 
ATOM   812  O OG  B SER A 1 92  ? -4.338  -0.325  -15.521 0.25 18.62 ? 98  SER B OG  1 
ATOM   813  N N   . LEU A 1 93  ? -2.704  -0.993  -11.484 1.00 15.04 ? 99  LEU B N   1 
ATOM   814  C CA  . LEU A 1 93  ? -2.330  -1.861  -10.356 1.00 15.08 ? 99  LEU B CA  1 
ATOM   815  C C   . LEU A 1 93  ? -2.958  -3.236  -10.589 1.00 14.96 ? 99  LEU B C   1 
ATOM   816  O O   . LEU A 1 93  ? -4.159  -3.409  -10.469 1.00 16.45 ? 99  LEU B O   1 
ATOM   817  C CB  . LEU A 1 93  ? -2.818  -1.253  -9.045  1.00 15.67 ? 99  LEU B CB  1 
ATOM   818  C CG  . LEU A 1 93  ? -2.210  0.091   -8.676  1.00 17.47 ? 99  LEU B CG  1 
ATOM   819  C CD1 . LEU A 1 93  ? -2.830  0.598   -7.377  1.00 19.10 ? 99  LEU B CD1 1 
ATOM   820  C CD2 . LEU A 1 93  ? -0.696  0.048   -8.568  1.00 17.94 ? 99  LEU B CD2 1 
ATOM   821  N N   . SER A 1 94  ? -2.165  -4.250  -10.944 1.00 13.64 ? 100 SER B N   1 
ATOM   822  C CA  . SER A 1 94  ? -2.637  -5.613  -11.251 1.00 13.72 ? 100 SER B CA  1 
ATOM   823  C C   . SER A 1 94  ? -1.517  -6.577  -10.936 1.00 12.32 ? 100 SER B C   1 
ATOM   824  O O   . SER A 1 94  ? -0.346  -6.204  -11.015 1.00 12.16 ? 100 SER B O   1 
ATOM   825  C CB  . SER A 1 94  ? -3.031  -5.811  -12.707 1.00 15.26 ? 100 SER B CB  1 
ATOM   826  O OG  . SER A 1 94  ? -1.888  -5.655  -13.535 1.00 18.61 ? 100 SER B OG  1 
ATOM   827  N N   . PRO A 1 95  ? -1.821  -7.833  -10.654 1.00 12.22 ? 101 PRO B N   1 
ATOM   828  C CA  . PRO A 1 95  ? -0.770  -8.836  -10.488 1.00 13.35 ? 101 PRO B CA  1 
ATOM   829  C C   . PRO A 1 95  ? 0.111   -9.003  -11.739 1.00 13.57 ? 101 PRO B C   1 
ATOM   830  O O   . PRO A 1 95  ? 1.338   -9.165  -11.596 1.00 13.50 ? 101 PRO B O   1 
ATOM   831  C CB  . PRO A 1 95  ? -1.570  -10.101 -10.140 1.00 14.15 ? 101 PRO B CB  1 
ATOM   832  C CG  . PRO A 1 95  ? -2.827  -9.568  -9.454  1.00 14.17 ? 101 PRO B CG  1 
ATOM   833  C CD  . PRO A 1 95  ? -3.150  -8.357  -10.302 1.00 13.73 ? 101 PRO B CD  1 
ATOM   834  N N   . GLU A 1 96  ? -0.468  -8.842  -12.934 1.00 14.92 ? 102 GLU B N   1 
ATOM   835  C CA  . GLU A 1 96  ? 0.324   -8.896  -14.201 1.00 17.30 ? 102 GLU B CA  1 
ATOM   836  C C   . GLU A 1 96  ? 1.439   -7.839  -14.178 1.00 16.95 ? 102 GLU B C   1 
ATOM   837  O O   . GLU A 1 96  ? 2.524   -8.055  -14.735 1.00 17.72 ? 102 GLU B O   1 
ATOM   838  C CB  . GLU A 1 96  ? -0.592  -8.718  -15.409 1.00 21.35 ? 102 GLU B CB  1 
ATOM   839  C CG  . GLU A 1 96  ? -1.697  -9.756  -15.454 1.00 30.89 ? 102 GLU B CG  1 
ATOM   840  C CD  . GLU A 1 96  ? -3.077  -9.295  -14.971 1.00 38.31 ? 102 GLU B CD  1 
ATOM   841  O OE1 . GLU A 1 96  ? -3.346  -9.289  -13.693 1.00 25.53 ? 102 GLU B OE1 1 
ATOM   842  O OE2 . GLU A 1 96  ? -3.911  -8.958  -15.891 1.00 42.92 ? 102 GLU B OE2 1 
ATOM   843  N N   . ASN A 1 97  ? 1.180   -6.663  -13.586 1.00 15.19 ? 103 ASN B N   1 
ATOM   844  C CA  . ASN A 1 97  ? 2.182   -5.581  -13.479 1.00 14.10 ? 103 ASN B CA  1 
ATOM   845  C C   . ASN A 1 97  ? 2.970   -5.658  -12.174 1.00 13.66 ? 103 ASN B C   1 
ATOM   846  O O   . ASN A 1 97  ? 3.838   -4.801  -11.979 1.00 15.05 ? 103 ASN B O   1 
ATOM   847  C CB  . ASN A 1 97  ? 1.541   -4.192  -13.619 1.00 15.37 ? 103 ASN B CB  1 
ATOM   848  C CG  . ASN A 1 97  ? 1.064   -3.896  -15.018 1.00 17.16 ? 103 ASN B CG  1 
ATOM   849  O OD1 . ASN A 1 97  ? 1.547   -4.488  -15.998 1.00 19.02 ? 103 ASN B OD1 1 
ATOM   850  N ND2 . ASN A 1 97  ? 0.074   -3.015  -15.128 1.00 19.64 ? 103 ASN B ND2 1 
ATOM   851  N N   . GLY A 1 98  ? 2.809   -6.688  -11.346 1.00 12.27 ? 104 GLY B N   1 
ATOM   852  C CA  . GLY A 1 98  ? 3.588   -6.849  -10.114 1.00 11.59 ? 104 GLY B CA  1 
ATOM   853  C C   . GLY A 1 98  ? 3.021   -6.193  -8.878  1.00 11.12 ? 104 GLY B C   1 
ATOM   854  O O   . GLY A 1 98  ? 3.787   -5.958  -7.949  1.00 11.29 ? 104 GLY B O   1 
ATOM   855  N N   . PHE A 1 99  ? 1.696   -6.007  -8.814  1.00 11.44 ? 105 PHE B N   1 
ATOM   856  C CA  . PHE A 1 99  ? 1.043   -5.383  -7.632  1.00 10.91 ? 105 PHE B CA  1 
ATOM   857  C C   . PHE A 1 99  ? -0.051  -6.291  -7.059  1.00 10.67 ? 105 PHE B C   1 
ATOM   858  O O   . PHE A 1 99  ? -0.889  -6.772  -7.871  1.00 11.82 ? 105 PHE B O   1 
ATOM   859  C CB  . PHE A 1 99  ? 0.395   -4.033  -7.988  1.00 11.46 ? 105 PHE B CB  1 
ATOM   860  C CG  . PHE A 1 99  ? 1.357   -2.994  -8.503  1.00 10.90 ? 105 PHE B CG  1 
ATOM   861  C CD1 . PHE A 1 99  ? 1.629   -2.900  -9.854  1.00 11.80 ? 105 PHE B CD1 1 
ATOM   862  C CD2 . PHE A 1 99  ? 1.958   -2.101  -7.637  1.00 10.46 ? 105 PHE B CD2 1 
ATOM   863  C CE1 . PHE A 1 99  ? 2.522   -1.950  -10.325 1.00 12.96 ? 105 PHE B CE1 1 
ATOM   864  C CE2 . PHE A 1 99  ? 2.823   -1.127  -8.112  1.00 12.39 ? 105 PHE B CE2 1 
ATOM   865  C CZ  . PHE A 1 99  ? 3.088   -1.057  -9.453  1.00 11.61 ? 105 PHE B CZ  1 
ATOM   866  N N   . TRP A 1 100 ? -0.150  -6.374  -5.733  1.00 9.76  ? 106 TRP B N   1 
ATOM   867  C CA  . TRP A 1 100 ? -1.229  -7.076  -4.986  1.00 10.17 ? 106 TRP B CA  1 
ATOM   868  C C   . TRP A 1 100 ? -1.776  -6.063  -3.992  1.00 8.97  ? 106 TRP B C   1 
ATOM   869  O O   . TRP A 1 100 ? -1.174  -5.841  -2.911  1.00 9.47  ? 106 TRP B O   1 
ATOM   870  C CB  . TRP A 1 100 ? -0.696  -8.370  -4.344  1.00 9.85  ? 106 TRP B CB  1 
ATOM   871  C CG  . TRP A 1 100 ? -0.227  -9.343  -5.395  1.00 10.57 ? 106 TRP B CG  1 
ATOM   872  C CD1 . TRP A 1 100 ? -0.951  -10.348 -5.978  1.00 12.36 ? 106 TRP B CD1 1 
ATOM   873  C CD2 . TRP A 1 100 ? 1.084   -9.384  -6.006  1.00 10.86 ? 106 TRP B CD2 1 
ATOM   874  N NE1 . TRP A 1 100 ? -0.191  -10.975 -6.947  1.00 12.10 ? 106 TRP B NE1 1 
ATOM   875  C CE2 . TRP A 1 100 ? 1.057   -10.422 -6.972  1.00 12.06 ? 106 TRP B CE2 1 
ATOM   876  C CE3 . TRP A 1 100 ? 2.267   -8.657  -5.813  1.00 11.15 ? 106 TRP B CE3 1 
ATOM   877  C CZ2 . TRP A 1 100 ? 2.173   -10.703 -7.778  1.00 12.98 ? 106 TRP B CZ2 1 
ATOM   878  C CZ3 . TRP A 1 100 ? 3.365   -8.960  -6.599  1.00 12.31 ? 106 TRP B CZ3 1 
ATOM   879  C CH2 . TRP A 1 100 ? 3.288   -9.932  -7.590  1.00 12.81 ? 106 TRP B CH2 1 
ATOM   880  N N   . THR A 1 101 ? -2.898  -5.427  -4.380  1.00 10.13 ? 107 THR B N   1 
ATOM   881  C CA  . THR A 1 101 ? -3.356  -4.189  -3.714  1.00 9.94  ? 107 THR B CA  1 
ATOM   882  C C   . THR A 1 101 ? -4.884  -4.190  -3.593  1.00 10.20 ? 107 THR B C   1 
ATOM   883  O O   . THR A 1 101 ? -5.574  -4.854  -4.368  1.00 10.05 ? 107 THR B O   1 
ATOM   884  C CB  . THR A 1 101 ? -2.926  -2.918  -4.458  1.00 10.61 ? 107 THR B CB  1 
ATOM   885  O OG1 . THR A 1 101 ? -3.503  -2.907  -5.749  1.00 10.92 ? 107 THR B OG1 1 
ATOM   886  C CG2 . THR A 1 101 ? -1.413  -2.818  -4.528  1.00 11.21 ? 107 THR B CG2 1 
ATOM   887  N N   . ILE A 1 102 ? -5.364  -3.375  -2.659  1.00 10.16 ? 108 ILE B N   1 
ATOM   888  C CA  . ILE A 1 102 ? -6.786  -2.929  -2.600  1.00 10.30 ? 108 ILE B CA  1 
ATOM   889  C C   . ILE A 1 102 ? -6.771  -1.399  -2.575  1.00 10.54 ? 108 ILE B C   1 
ATOM   890  O O   . ILE A 1 102 ? -5.745  -0.777  -2.247  1.00 10.31 ? 108 ILE B O   1 
ATOM   891  C CB  . ILE A 1 102 ? -7.560  -3.535  -1.401  1.00 11.02 ? 108 ILE B CB  1 
ATOM   892  C CG1 . ILE A 1 102 ? -7.065  -2.998  -0.062  1.00 11.85 ? 108 ILE B CG1 1 
ATOM   893  C CG2 . ILE A 1 102 ? -7.497  -5.059  -1.427  1.00 11.82 ? 108 ILE B CG2 1 
ATOM   894  C CD1 . ILE A 1 102 ? -7.946  -3.340  1.137   1.00 12.38 ? 108 ILE B CD1 1 
ATOM   895  N N   . TRP A 1 103 ? -7.944  -0.837  -2.780  1.00 10.58 ? 109 TRP B N   1 
ATOM   896  C CA  . TRP A 1 103 ? -8.077  0.622   -2.751  1.00 10.85 ? 109 TRP B CA  1 
ATOM   897  C C   . TRP A 1 103 ? -9.466  1.066   -2.369  1.00 10.96 ? 109 TRP B C   1 
ATOM   898  O O   . TRP A 1 103 ? -10.451 0.319   -2.448  1.00 11.52 ? 109 TRP B O   1 
ATOM   899  C CB  . TRP A 1 103 ? -7.690  1.231   -4.050  1.00 13.81 ? 109 TRP B CB  1 
ATOM   900  C CG  . TRP A 1 103 ? -8.520  0.864   -5.223  1.00 15.52 ? 109 TRP B CG  1 
ATOM   901  C CD1 . TRP A 1 103 ? -9.763  1.333   -5.538  1.00 16.44 ? 109 TRP B CD1 1 
ATOM   902  C CD2 . TRP A 1 103 ? -8.058  0.109   -6.334  1.00 17.53 ? 109 TRP B CD2 1 
ATOM   903  N NE1 . TRP A 1 103 ? -10.111 0.915   -6.786  1.00 20.01 ? 109 TRP B NE1 1 
ATOM   904  C CE2 . TRP A 1 103 ? -9.088  0.165   -7.301  1.00 17.86 ? 109 TRP B CE2 1 
ATOM   905  C CE3 . TRP A 1 103 ? -6.866  -0.558  -6.617  1.00 18.64 ? 109 TRP B CE3 1 
ATOM   906  C CZ2 . TRP A 1 103 ? -8.983  -0.494  -8.519  1.00 20.34 ? 109 TRP B CZ2 1 
ATOM   907  C CZ3 . TRP A 1 103 ? -6.753  -1.161  -7.841  1.00 20.45 ? 109 TRP B CZ3 1 
ATOM   908  C CH2 . TRP A 1 103 ? -7.778  -1.117  -8.770  1.00 19.28 ? 109 TRP B CH2 1 
ATOM   909  N N   . LEU A 1 104 ? -9.511  2.357   -1.978  1.00 11.30 ? 110 LEU B N   1 
ATOM   910  C CA  . LEU A 1 104 ? -10.749 3.131   -1.826  1.00 11.47 ? 110 LEU B CA  1 
ATOM   911  C C   . LEU A 1 104 ? -10.743 4.201   -2.910  1.00 11.29 ? 110 LEU B C   1 
ATOM   912  O O   . LEU A 1 104 ? -9.734  4.890   -3.070  1.00 11.33 ? 110 LEU B O   1 
ATOM   913  C CB  . LEU A 1 104 ? -10.776 3.760   -0.439  1.00 11.88 ? 110 LEU B CB  1 
ATOM   914  C CG  . LEU A 1 104 ? -11.882 4.798   -0.196  1.00 11.78 ? 110 LEU B CG  1 
ATOM   915  C CD1 . LEU A 1 104 ? -13.267 4.196   -0.306  1.00 12.44 ? 110 LEU B CD1 1 
ATOM   916  C CD2 . LEU A 1 104 ? -11.708 5.506   1.130   1.00 13.07 ? 110 LEU B CD2 1 
ATOM   917  N N   . TRP A 1 105 ? -11.888 4.362   -3.577  1.00 11.88 ? 111 TRP B N   1 
ATOM   918  C CA  . TRP A 1 105 ? -12.057 5.392   -4.616  1.00 13.71 ? 111 TRP B CA  1 
ATOM   919  C C   . TRP A 1 105 ? -13.540 5.671   -4.756  1.00 15.09 ? 111 TRP B C   1 
ATOM   920  O O   . TRP A 1 105 ? -14.308 4.699   -4.941  1.00 14.79 ? 111 TRP B O   1 
ATOM   921  C CB  . TRP A 1 105 ? -11.467 4.828   -5.907  1.00 18.41 ? 111 TRP B CB  1 
ATOM   922  C CG  . TRP A 1 105 ? -11.775 5.620   -7.106  1.00 22.53 ? 111 TRP B CG  1 
ATOM   923  C CD1 . TRP A 1 105 ? -12.606 5.342   -8.166  1.00 21.80 ? 111 TRP B CD1 1 
ATOM   924  C CD2 . TRP A 1 105 ? -11.192 6.889   -7.334  1.00 23.80 ? 111 TRP B CD2 1 
ATOM   925  N NE1 . TRP A 1 105 ? -12.552 6.370   -9.048  1.00 24.28 ? 111 TRP B NE1 1 
ATOM   926  C CE2 . TRP A 1 105 ? -11.669 7.312   -8.583  1.00 22.51 ? 111 TRP B CE2 1 
ATOM   927  C CE3 . TRP A 1 105 ? -10.263 7.659   -6.635  1.00 22.81 ? 111 TRP B CE3 1 
ATOM   928  C CZ2 . TRP A 1 105 ? -11.303 8.530   -9.123  1.00 28.24 ? 111 TRP B CZ2 1 
ATOM   929  C CZ3 . TRP A 1 105 ? -9.922  8.879   -7.158  1.00 27.72 ? 111 TRP B CZ3 1 
ATOM   930  C CH2 . TRP A 1 105 ? -10.439 9.306   -8.378  1.00 28.53 ? 111 TRP B CH2 1 
ATOM   931  N N   . GLN A 1 106 ? -13.944 6.948   -4.624  1.00 14.54 ? 112 GLN B N   1 
ATOM   932  C CA  . GLN A 1 106 ? -15.362 7.339   -4.860  1.00 14.38 ? 112 GLN B CA  1 
ATOM   933  C C   . GLN A 1 106 ? -16.304 6.464   -4.061  1.00 15.44 ? 112 GLN B C   1 
ATOM   934  O O   . GLN A 1 106 ? -17.324 5.957   -4.653  1.00 16.80 ? 112 GLN B O   1 
ATOM   935  C CB  . GLN A 1 106 ? -15.632 7.352   -6.368  1.00 16.49 ? 112 GLN B CB  1 
ATOM   936  C CG  . GLN A 1 106 ? -14.757 8.359   -7.098  1.00 17.36 ? 112 GLN B CG  1 
ATOM   937  C CD  . GLN A 1 106 ? -15.130 8.617   -8.539  1.00 19.31 ? 112 GLN B CD  1 
ATOM   938  O OE1 . GLN A 1 106 ? -14.681 9.612   -9.143  1.00 22.73 ? 112 GLN B OE1 1 
ATOM   939  N NE2 . GLN A 1 106 ? -15.984 7.774   -9.073  1.00 17.59 ? 112 GLN B NE2 1 
ATOM   940  N N   . ASP A 1 107 ? -16.055 6.355   -2.769  1.00 16.11 ? 113 ASP B N   1 
ATOM   941  C CA  . ASP A 1 107 ? -16.965 5.696   -1.812  1.00 20.42 ? 113 ASP B CA  1 
ATOM   942  C C   . ASP A 1 107 ? -17.098 4.185   -2.072  1.00 20.89 ? 113 ASP B C   1 
ATOM   943  O O   . ASP A 1 107 ? -17.994 3.575   -1.446  1.00 27.22 ? 113 ASP B O   1 
ATOM   944  C CB  . ASP A 1 107 ? -18.348 6.349   -1.958  1.00 25.17 ? 113 ASP B CB  1 
ATOM   945  C CG  . ASP A 1 107 ? -19.139 6.450   -0.684  1.00 36.10 ? 113 ASP B CG  1 
ATOM   946  O OD1 . ASP A 1 107 ? -18.536 6.314   0.400   1.00 41.00 ? 113 ASP B OD1 1 
ATOM   947  O OD2 . ASP A 1 107 ? -20.366 6.726   -0.796  1.00 51.51 ? 113 ASP B OD2 1 
ATOM   948  N N   . SER A 1 108 ? -16.253 3.571   -2.894  1.00 16.50 ? 114 SER B N   1 
ATOM   949  C CA  . SER A 1 108 ? -16.254 2.086   -3.022  1.00 18.39 ? 114 SER B CA  1 
ATOM   950  C C   . SER A 1 108 ? -14.850 1.526   -2.803  1.00 15.66 ? 114 SER B C   1 
ATOM   951  O O   . SER A 1 108 ? -13.818 2.197   -3.109  1.00 14.53 ? 114 SER B O   1 
ATOM   952  C CB  . SER A 1 108 ? -16.927 1.677   -4.316  1.00 22.73 ? 114 SER B CB  1 
ATOM   953  O OG  . SER A 1 108 ? -16.073 1.834   -5.411  1.00 32.33 ? 114 SER B OG  1 
ATOM   954  N N   . TYR A 1 109 ? -14.802 0.304   -2.314  1.00 13.63 ? 115 TYR B N   1 
ATOM   955  C CA  . TYR A 1 109 ? -13.540 -0.439  -2.098  1.00 12.87 ? 115 TYR B CA  1 
ATOM   956  C C   . TYR A 1 109 ? -13.436 -1.519  -3.167  1.00 12.40 ? 115 TYR B C   1 
ATOM   957  O O   . TYR A 1 109 ? -14.421 -2.207  -3.452  1.00 13.29 ? 115 TYR B O   1 
ATOM   958  C CB  . TYR A 1 109 ? -13.514 -1.022  -0.695  1.00 12.10 ? 115 TYR B CB  1 
ATOM   959  C CG  . TYR A 1 109 ? -13.581 0.001   0.421   1.00 12.92 ? 115 TYR B CG  1 
ATOM   960  C CD1 . TYR A 1 109 ? -14.788 0.394   0.947   1.00 13.23 ? 115 TYR B CD1 1 
ATOM   961  C CD2 . TYR A 1 109 ? -12.443 0.486   1.023   1.00 12.13 ? 115 TYR B CD2 1 
ATOM   962  C CE1 . TYR A 1 109 ? -14.860 1.291   2.004   1.00 13.97 ? 115 TYR B CE1 1 
ATOM   963  C CE2 . TYR A 1 109 ? -12.494 1.423   2.045   1.00 12.50 ? 115 TYR B CE2 1 
ATOM   964  C CZ  . TYR A 1 109 ? -13.714 1.820   2.549   1.00 13.82 ? 115 TYR B CZ  1 
ATOM   965  O OH  . TYR A 1 109 ? -13.802 2.736   3.570   1.00 15.05 ? 115 TYR B OH  1 
ATOM   966  N N   A GLU A 1 110 ? -12.255 -1.671  -3.771  0.25 12.64 ? 116 GLU B N   1 
ATOM   967  N N   B GLU A 1 110 ? -12.253 -1.642  -3.777  0.25 12.60 ? 116 GLU B N   1 
ATOM   968  C CA  A GLU A 1 110 ? -12.032 -2.687  -4.838  0.25 12.93 ? 116 GLU B CA  1 
ATOM   969  C CA  B GLU A 1 110 ? -11.976 -2.634  -4.853  0.25 12.91 ? 116 GLU B CA  1 
ATOM   970  C C   A GLU A 1 110 ? -10.655 -3.331  -4.681  0.25 11.72 ? 116 GLU B C   1 
ATOM   971  C C   B GLU A 1 110 ? -10.666 -3.372  -4.548  0.25 11.57 ? 116 GLU B C   1 
ATOM   972  O O   A GLU A 1 110 ? -9.706  -2.643  -4.295  0.25 11.61 ? 116 GLU B O   1 
ATOM   973  O O   B GLU A 1 110 ? -9.782  -2.811  -3.863  0.25 10.96 ? 116 GLU B O   1 
ATOM   974  C CB  A GLU A 1 110 ? -12.153 -2.050  -6.218  0.25 14.16 ? 116 GLU B CB  1 
ATOM   975  C CB  B GLU A 1 110 ? -11.889 -1.945  -6.215  0.25 14.11 ? 116 GLU B CB  1 
ATOM   976  C CG  A GLU A 1 110 ? -13.544 -1.500  -6.497  0.25 15.64 ? 116 GLU B CG  1 
ATOM   977  C CG  B GLU A 1 110 ? -13.145 -1.171  -6.602  0.25 16.16 ? 116 GLU B CG  1 
ATOM   978  C CD  A GLU A 1 110 ? -13.633 -0.744  -7.805  0.25 17.62 ? 116 GLU B CD  1 
ATOM   979  C CD  B GLU A 1 110 ? -14.239 -2.005  -7.254  0.25 17.59 ? 116 GLU B CD  1 
ATOM   980  O OE1 A GLU A 1 110 ? -12.657 -0.058  -8.137  0.25 19.33 ? 116 GLU B OE1 1 
ATOM   981  O OE1 B GLU A 1 110 ? -13.932 -3.081  -7.805  0.25 20.65 ? 116 GLU B OE1 1 
ATOM   982  O OE2 A GLU A 1 110 ? -14.676 -0.850  -8.488  0.25 17.49 ? 116 GLU B OE2 1 
ATOM   983  O OE2 B GLU A 1 110 ? -15.392 -1.551  -7.250  0.25 22.84 ? 116 GLU B OE2 1 
ATOM   984  N N   . ALA A 1 111 ? -10.556 -4.616  -5.026  1.00 11.45 ? 117 ALA B N   1 
ATOM   985  C CA  . ALA A 1 111 ? -9.258  -5.297  -5.124  1.00 11.58 ? 117 ALA B CA  1 
ATOM   986  C C   . ALA A 1 111 ? -8.692  -5.078  -6.518  1.00 11.66 ? 117 ALA B C   1 
ATOM   987  O O   . ALA A 1 111 ? -9.393  -5.137  -7.536  1.00 11.60 ? 117 ALA B O   1 
ATOM   988  C CB  . ALA A 1 111 ? -9.372  -6.777  -4.817  1.00 11.43 ? 117 ALA B CB  1 
ATOM   989  N N   . GLY A 1 112 ? -7.384  -4.841  -6.566  1.00 11.52 ? 118 GLY B N   1 
ATOM   990  C CA  . GLY A 1 112 ? -6.585  -4.607  -7.781  1.00 12.54 ? 118 GLY B CA  1 
ATOM   991  C C   . GLY A 1 112 ? -6.326  -5.861  -8.591  1.00 12.88 ? 118 GLY B C   1 
ATOM   992  O O   . GLY A 1 112 ? -5.219  -6.133  -8.935  1.00 14.58 ? 118 GLY B O   1 
ATOM   993  N N   . THR A 1 113 ? -7.355  -6.593  -8.951  1.00 14.39 ? 119 THR B N   1 
ATOM   994  C CA  . THR A 1 113 ? -7.302  -7.626  -9.995  1.00 15.96 ? 119 THR B CA  1 
ATOM   995  C C   . THR A 1 113 ? -7.510  -6.973  -11.363 1.00 15.24 ? 119 THR B C   1 
ATOM   996  O O   . THR A 1 113 ? -7.836  -5.780  -11.403 1.00 18.45 ? 119 THR B O   1 
ATOM   997  C CB  . THR A 1 113 ? -8.368  -8.657  -9.656  1.00 13.72 ? 119 THR B CB  1 
ATOM   998  O OG1 . THR A 1 113 ? -9.645  -8.009  -9.495  1.00 14.24 ? 119 THR B OG1 1 
ATOM   999  C CG2 . THR A 1 113 ? -8.089  -9.436  -8.408  1.00 15.72 ? 119 THR B CG2 1 
ATOM   1000 N N   . SER A 1 114 ? -7.401  -7.747  -12.449 1.00 18.99 ? 120 SER B N   1 
ATOM   1001 C CA  . SER A 1 114 ? -7.653  -7.232  -13.806 1.00 22.74 ? 120 SER B CA  1 
ATOM   1002 C C   . SER A 1 114 ? -8.710  -8.109  -14.476 1.00 22.70 ? 120 SER B C   1 
ATOM   1003 O O   . SER A 1 114 ? -8.461  -9.270  -14.790 1.00 24.93 ? 120 SER B O   1 
ATOM   1004 C CB  . SER A 1 114 ? -6.381  -7.147  -14.623 1.00 28.48 ? 120 SER B CB  1 
ATOM   1005 O OG  . SER A 1 114 ? -6.665  -6.506  -15.868 1.00 30.14 ? 120 SER B OG  1 
ATOM   1006 N N   . PRO A 1 115 ? -9.956  -7.625  -14.595 1.00 21.84 ? 121 PRO B N   1 
ATOM   1007 C CA  . PRO A 1 115 ? -10.365 -6.310  -14.122 1.00 21.58 ? 121 PRO B CA  1 
ATOM   1008 C C   . PRO A 1 115 ? -10.600 -6.322  -12.602 1.00 18.07 ? 121 PRO B C   1 
ATOM   1009 O O   . PRO A 1 115 ? -10.556 -7.384  -11.956 1.00 17.16 ? 121 PRO B O   1 
ATOM   1010 C CB  . PRO A 1 115 ? -11.680 -6.052  -14.859 1.00 24.78 ? 121 PRO B CB  1 
ATOM   1011 C CG  . PRO A 1 115 ? -12.266 -7.431  -15.035 1.00 24.49 ? 121 PRO B CG  1 
ATOM   1012 C CD  . PRO A 1 115 ? -11.088 -8.381  -15.173 1.00 23.14 ? 121 PRO B CD  1 
ATOM   1013 N N   . GLN A 1 116 ? -10.839 -5.152  -12.040 1.00 17.67 ? 122 GLN B N   1 
ATOM   1014 C CA  . GLN A 1 116 ? -10.910 -4.983  -10.567 1.00 16.76 ? 122 GLN B CA  1 
ATOM   1015 C C   . GLN A 1 116 ? -12.151 -5.690  -10.001 1.00 14.85 ? 122 GLN B C   1 
ATOM   1016 O O   . GLN A 1 116 ? -13.141 -5.873  -10.731 1.00 15.35 ? 122 GLN B O   1 
ATOM   1017 C CB  . GLN A 1 116 ? -10.843 -3.518  -10.135 1.00 21.68 ? 122 GLN B CB  1 
ATOM   1018 C CG  . GLN A 1 116 ? -12.047 -2.694  -10.503 1.00 29.07 ? 122 GLN B CG  1 
ATOM   1019 C CD  . GLN A 1 116 ? -11.754 -1.807  -11.681 1.00 39.07 ? 122 GLN B CD  1 
ATOM   1020 O OE1 . GLN A 1 116 ? -11.137 -2.216  -12.677 1.00 46.52 ? 122 GLN B OE1 1 
ATOM   1021 N NE2 . GLN A 1 116 ? -12.258 -0.593  -11.581 1.00 47.75 ? 122 GLN B NE2 1 
ATOM   1022 N N   . THR A 1 117 ? -12.057 -6.068  -8.739  1.00 13.33 ? 123 THR B N   1 
ATOM   1023 C CA  . THR A 1 117 ? -13.086 -6.837  -8.017  1.00 12.22 ? 123 THR B CA  1 
ATOM   1024 C C   . THR A 1 117 ? -13.723 -5.959  -6.949  1.00 11.83 ? 123 THR B C   1 
ATOM   1025 O O   . THR A 1 117 ? -13.011 -5.466  -6.034  1.00 12.84 ? 123 THR B O   1 
ATOM   1026 C CB  . THR A 1 117 ? -12.505 -8.132  -7.442  1.00 12.10 ? 123 THR B CB  1 
ATOM   1027 O OG1 . THR A 1 117 ? -11.948 -8.876  -8.521  1.00 13.82 ? 123 THR B OG1 1 
ATOM   1028 C CG2 . THR A 1 117 ? -13.561 -8.933  -6.721  1.00 13.11 ? 123 THR B CG2 1 
ATOM   1029 N N   . THR A 1 118 ? -15.053 -5.867  -6.943  1.00 12.74 ? 124 THR B N   1 
ATOM   1030 C CA  . THR A 1 118 ? -15.838 -5.213  -5.873  1.00 13.03 ? 124 THR B CA  1 
ATOM   1031 C C   . THR A 1 118 ? -15.619 -5.848  -4.505  1.00 12.56 ? 124 THR B C   1 
ATOM   1032 O O   . THR A 1 118 ? -15.705 -7.116  -4.397  1.00 14.42 ? 124 THR B O   1 
ATOM   1033 C CB  . THR A 1 118 ? -17.322 -5.259  -6.265  1.00 15.62 ? 124 THR B CB  1 
ATOM   1034 O OG1 . THR A 1 118 ? -17.468 -4.512  -7.463  1.00 18.84 ? 124 THR B OG1 1 
ATOM   1035 C CG2 . THR A 1 118 ? -18.186 -4.746  -5.149  1.00 18.19 ? 124 THR B CG2 1 
ATOM   1036 N N   . LEU A 1 119 ? -15.333 -5.070  -3.474  1.00 11.22 ? 125 LEU B N   1 
ATOM   1037 C CA  . LEU A 1 119 ? -15.211 -5.545  -2.082  1.00 11.34 ? 125 LEU B CA  1 
ATOM   1038 C C   . LEU A 1 119 ? -16.531 -5.229  -1.360  1.00 13.33 ? 125 LEU B C   1 
ATOM   1039 O O   . LEU A 1 119 ? -17.277 -4.327  -1.790  1.00 16.79 ? 125 LEU B O   1 
ATOM   1040 C CB  . LEU A 1 119 ? -14.010 -4.923  -1.350  1.00 11.91 ? 125 LEU B CB  1 
ATOM   1041 C CG  . LEU A 1 119 ? -12.676 -5.191  -2.044  1.00 11.05 ? 125 LEU B CG  1 
ATOM   1042 C CD1 . LEU A 1 119 ? -11.514 -4.442  -1.393  1.00 11.43 ? 125 LEU B CD1 1 
ATOM   1043 C CD2 . LEU A 1 119 ? -12.343 -6.684  -2.056  1.00 12.18 ? 125 LEU B CD2 1 
ATOM   1044 N N   . HIS A 1 120 ? -16.822 -6.005  -0.343  1.00 12.65 ? 126 HIS B N   1 
ATOM   1045 C CA  . HIS A 1 120 ? -18.097 -5.898  0.414   1.00 13.06 ? 126 HIS B CA  1 
ATOM   1046 C C   . HIS A 1 120 ? -17.718 -5.506  1.830   1.00 14.74 ? 126 HIS B C   1 
ATOM   1047 O O   . HIS A 1 120 ? -17.376 -6.393  2.653   1.00 19.52 ? 126 HIS B O   1 
ATOM   1048 C CB  . HIS A 1 120 ? -18.845 -7.239  0.360   1.00 13.76 ? 126 HIS B CB  1 
ATOM   1049 C CG  . HIS A 1 120 ? -19.223 -7.655  -1.030  1.00 14.55 ? 126 HIS B CG  1 
ATOM   1050 N ND1 . HIS A 1 120 ? -18.458 -8.536  -1.772  1.00 15.49 ? 126 HIS B ND1 1 
ATOM   1051 C CD2 . HIS A 1 120 ? -20.219 -7.268  -1.832  1.00 16.28 ? 126 HIS B CD2 1 
ATOM   1052 C CE1 . HIS A 1 120 ? -19.027 -8.693  -2.958  1.00 17.19 ? 126 HIS B CE1 1 
ATOM   1053 N NE2 . HIS A 1 120 ? -20.116 -7.947  -3.024  1.00 16.74 ? 126 HIS B NE2 1 
ATOM   1054 N N   . ILE A 1 121 ? -17.745 -4.228  2.132   1.00 17.79 ? 127 ILE B N   1 
ATOM   1055 C CA  . ILE A 1 121 ? -17.314 -3.689  3.451   1.00 20.03 ? 127 ILE B CA  1 
ATOM   1056 C C   . ILE A 1 121 ? -18.518 -2.958  4.094   1.00 19.46 ? 127 ILE B C   1 
ATOM   1057 O O   . ILE A 1 121 ? -19.011 -1.977  3.527   1.00 25.80 ? 127 ILE B O   1 
ATOM   1058 C CB  . ILE A 1 121 ? -16.070 -2.796  3.224   1.00 20.83 ? 127 ILE B CB  1 
ATOM   1059 C CG1 . ILE A 1 121 ? -14.890 -3.645  2.710   1.00 19.75 ? 127 ILE B CG1 1 
ATOM   1060 C CG2 . ILE A 1 121 ? -15.778 -2.032  4.510   1.00 25.57 ? 127 ILE B CG2 1 
ATOM   1061 C CD1 . ILE A 1 121 ? -13.546 -2.948  2.655   1.00 21.96 ? 127 ILE B CD1 1 
ATOM   1062 N N   . GLN A 1 122 ? -19.004 -3.478  5.199   1.00 22.56 ? 128 GLN B N   1 
ATOM   1063 C CA  . GLN A 1 122 ? -20.164 -2.896  5.937   1.00 24.26 ? 128 GLN B CA  1 
ATOM   1064 C C   . GLN A 1 122 ? -19.648 -1.802  6.885   1.00 22.14 ? 128 GLN B C   1 
ATOM   1065 O O   . GLN A 1 122 ? -20.363 -0.776  7.025   1.00 22.42 ? 128 GLN B O   1 
ATOM   1066 C CB  . GLN A 1 122 ? -20.901 -4.019  6.681   1.00 28.73 ? 128 GLN B CB  1 
ATOM   1067 C CG  . GLN A 1 122 ? -22.090 -3.532  7.514   1.00 37.83 ? 128 GLN B CG  1 
ATOM   1068 C CD  . GLN A 1 122 ? -23.183 -2.898  6.677   1.00 42.71 ? 128 GLN B CD  1 
ATOM   1069 O OE1 . GLN A 1 122 ? -23.271 -3.110  5.468   1.00 47.77 ? 128 GLN B OE1 1 
ATOM   1070 N NE2 . GLN A 1 122 ? -24.021 -2.083  7.311   1.00 43.40 ? 128 GLN B NE2 1 
ATOM   1071 N N   . VAL A 1 123 ? -18.427 -1.952  7.405   1.00 19.99 ? 129 VAL B N   1 
ATOM   1072 C CA  . VAL A 1 123 ? -17.846 -0.995  8.399   1.00 19.09 ? 129 VAL B CA  1 
ATOM   1073 C C   . VAL A 1 123 ? -16.620 -0.326  7.782   1.00 18.74 ? 129 VAL B C   1 
ATOM   1074 O O   . VAL A 1 123 ? -15.586 -0.985  7.632   1.00 17.97 ? 129 VAL B O   1 
ATOM   1075 C CB  . VAL A 1 123 ? -17.479 -1.703  9.707   1.00 20.65 ? 129 VAL B CB  1 
ATOM   1076 C CG1 . VAL A 1 123 ? -16.815 -0.751  10.697  1.00 21.42 ? 129 VAL B CG1 1 
ATOM   1077 C CG2 . VAL A 1 123 ? -18.694 -2.358  10.356  1.00 22.11 ? 129 VAL B CG2 1 
ATOM   1078 N N   . PRO A 1 124 ? -16.704 0.924   7.277   1.00 17.61 ? 130 PRO B N   1 
ATOM   1079 C CA  . PRO A 1 124 ? -15.558 1.558   6.611   1.00 17.75 ? 130 PRO B CA  1 
ATOM   1080 C C   . PRO A 1 124 ? -14.345 1.469   7.513   1.00 16.78 ? 130 PRO B C   1 
ATOM   1081 O O   . PRO A 1 124 ? -14.384 1.849   8.659   1.00 16.18 ? 130 PRO B O   1 
ATOM   1082 C CB  . PRO A 1 124 ? -16.036 3.012   6.393   1.00 19.36 ? 130 PRO B CB  1 
ATOM   1083 C CG  . PRO A 1 124 ? -17.551 2.814   6.206   1.00 20.13 ? 130 PRO B CG  1 
ATOM   1084 C CD  . PRO A 1 124 ? -17.913 1.780   7.220   1.00 19.82 ? 130 PRO B CD  1 
ATOM   1085 N N   . PRO A 1 125 ? -13.224 0.884   7.066   1.00 14.68 ? 131 PRO B N   1 
ATOM   1086 C CA  . PRO A 1 125 ? -12.064 0.734   7.921   1.00 15.35 ? 131 PRO B CA  1 
ATOM   1087 C C   . PRO A 1 125 ? -11.314 2.040   8.202   1.00 13.93 ? 131 PRO B C   1 
ATOM   1088 O O   . PRO A 1 125 ? -11.144 2.842   7.293   1.00 15.90 ? 131 PRO B O   1 
ATOM   1089 C CB  . PRO A 1 125 ? -11.164 -0.257  7.175   1.00 16.28 ? 131 PRO B CB  1 
ATOM   1090 C CG  . PRO A 1 125 ? -11.657 -0.279  5.783   1.00 17.19 ? 131 PRO B CG  1 
ATOM   1091 C CD  . PRO A 1 125 ? -13.082 0.180   5.779   1.00 15.17 ? 131 PRO B CD  1 
ATOM   1092 N N   . CYS A 1 126 ? -10.874 2.196   9.441   1.00 14.38 ? 132 CYS B N   1 
ATOM   1093 C CA  . CYS A 1 126 ? -9.901  3.257   9.830   1.00 15.96 ? 132 CYS B CA  1 
ATOM   1094 C C   . CYS A 1 126 ? -8.476  2.692   9.846   1.00 14.63 ? 132 CYS B C   1 
ATOM   1095 O O   . CYS A 1 126 ? -7.506  3.452   9.751   1.00 13.40 ? 132 CYS B O   1 
ATOM   1096 C CB  . CYS A 1 126 ? -10.223 3.851   11.188  1.00 18.83 ? 132 CYS B CB  1 
ATOM   1097 S SG  . CYS A 1 126 ? -11.831 4.699   11.165  1.00 24.50 ? 132 CYS B SG  1 
ATOM   1098 N N   A GLN A 1 127 ? -8.317  1.371   10.001  0.25 14.43 ? 133 GLN B N   1 
ATOM   1099 N N   B GLN A 1 127 ? -8.361  1.363   9.944   0.25 15.36 ? 133 GLN B N   1 
ATOM   1100 C CA  A GLN A 1 127 ? -6.977  0.725   9.904   0.25 14.59 ? 133 GLN B CA  1 
ATOM   1101 C CA  B GLN A 1 127 ? -7.053  0.657   9.944   0.25 16.30 ? 133 GLN B CA  1 
ATOM   1102 C C   A GLN A 1 127 ? -7.121  -0.614  9.176   0.25 14.06 ? 133 GLN B C   1 
ATOM   1103 C C   B GLN A 1 127 ? -7.189  -0.604  9.085   0.25 14.98 ? 133 GLN B C   1 
ATOM   1104 O O   A GLN A 1 127 ? -8.114  -1.319  9.421   0.25 13.02 ? 133 GLN B O   1 
ATOM   1105 O O   B GLN A 1 127 ? -8.273  -1.224  9.089   0.25 13.36 ? 133 GLN B O   1 
ATOM   1106 C CB  A GLN A 1 127 ? -6.304  0.482   11.258  0.25 15.73 ? 133 GLN B CB  1 
ATOM   1107 C CB  B GLN A 1 127 ? -6.598  0.333   11.368  0.25 19.36 ? 133 GLN B CB  1 
ATOM   1108 C CG  A GLN A 1 127 ? -6.023  1.730   12.075  0.25 17.03 ? 133 GLN B CG  1 
ATOM   1109 C CG  B GLN A 1 127 ? -6.113  1.543   12.144  0.25 21.73 ? 133 GLN B CG  1 
ATOM   1110 C CD  A GLN A 1 127 ? -7.153  2.041   13.019  0.25 17.50 ? 133 GLN B CD  1 
ATOM   1111 C CD  B GLN A 1 127 ? -5.404  1.190   13.429  0.25 23.32 ? 133 GLN B CD  1 
ATOM   1112 O OE1 A GLN A 1 127 ? -7.848  1.147   13.504  0.25 17.92 ? 133 GLN B OE1 1 
ATOM   1113 O OE1 B GLN A 1 127 ? -4.789  0.129   13.581  0.25 26.78 ? 133 GLN B OE1 1 
ATOM   1114 N NE2 A GLN A 1 127 ? -7.355  3.326   13.266  0.25 17.98 ? 133 GLN B NE2 1 
ATOM   1115 N NE2 B GLN A 1 127 ? -5.467  2.113   14.366  0.25 25.85 ? 133 GLN B NE2 1 
ATOM   1116 N N   . ILE A 1 128 ? -6.148  -0.900  8.304   1.00 13.79 ? 134 ILE B N   1 
ATOM   1117 C CA  . ILE A 1 128 ? -6.100  -2.092  7.413   1.00 13.54 ? 134 ILE B CA  1 
ATOM   1118 C C   . ILE A 1 128 ? -4.930  -2.937  7.891   1.00 13.24 ? 134 ILE B C   1 
ATOM   1119 O O   . ILE A 1 128 ? -3.777  -2.416  8.076   1.00 12.63 ? 134 ILE B O   1 
ATOM   1120 C CB  . ILE A 1 128 ? -5.894  -1.637  5.970   1.00 14.40 ? 134 ILE B CB  1 
ATOM   1121 C CG1 . ILE A 1 128 ? -7.006  -0.716  5.454   1.00 16.61 ? 134 ILE B CG1 1 
ATOM   1122 C CG2 . ILE A 1 128 ? -5.686  -2.854  5.074   1.00 15.11 ? 134 ILE B CG2 1 
ATOM   1123 C CD1 . ILE A 1 128 ? -8.300  -1.384  5.249   1.00 15.16 ? 134 ILE B CD1 1 
ATOM   1124 N N   . GLY A 1 129 ? -5.150  -4.240  8.071   1.00 12.78 ? 135 GLY B N   1 
ATOM   1125 C CA  . GLY A 1 129 ? -4.062  -5.214  8.266   1.00 12.18 ? 135 GLY B CA  1 
ATOM   1126 C C   . GLY A 1 129 ? -3.709  -5.932  6.983   1.00 12.38 ? 135 GLY B C   1 
ATOM   1127 O O   . GLY A 1 129 ? -4.586  -6.241  6.191   1.00 12.10 ? 135 GLY B O   1 
ATOM   1128 N N   . ILE A 1 130 ? -2.408  -6.036  6.711   1.00 11.85 ? 136 ILE B N   1 
ATOM   1129 C CA  . ILE A 1 130 ? -1.878  -6.699  5.488   1.00 11.82 ? 136 ILE B CA  1 
ATOM   1130 C C   . ILE A 1 130 ? -1.000  -7.880  5.896   1.00 12.71 ? 136 ILE B C   1 
ATOM   1131 O O   . ILE A 1 130 ? -0.087  -7.711  6.697   1.00 11.87 ? 136 ILE B O   1 
ATOM   1132 C CB  . ILE A 1 130 ? -1.079  -5.702  4.643   1.00 12.99 ? 136 ILE B CB  1 
ATOM   1133 C CG1 . ILE A 1 130 ? -1.961  -4.509  4.292   1.00 14.61 ? 136 ILE B CG1 1 
ATOM   1134 C CG2 . ILE A 1 130 ? -0.471  -6.358  3.390   1.00 13.32 ? 136 ILE B CG2 1 
ATOM   1135 C CD1 . ILE A 1 130 ? -1.264  -3.407  3.576   1.00 16.82 ? 136 ILE B CD1 1 
ATOM   1136 N N   . PHE A 1 131 ? -1.338  -9.046  5.404   1.00 12.30 ? 137 PHE B N   1 
ATOM   1137 C CA  . PHE A 1 131 ? -0.621  -10.310 5.677   1.00 11.75 ? 137 PHE B CA  1 
ATOM   1138 C C   . PHE A 1 131 ? -0.088  -10.853 4.365   1.00 10.55 ? 137 PHE B C   1 
ATOM   1139 O O   . PHE A 1 131 ? -0.823  -11.024 3.390   1.00 11.14 ? 137 PHE B O   1 
ATOM   1140 C CB  . PHE A 1 131 ? -1.574  -11.338 6.277   1.00 13.85 ? 137 PHE B CB  1 
ATOM   1141 C CG  . PHE A 1 131 ? -0.941  -12.695 6.507   1.00 14.12 ? 137 PHE B CG  1 
ATOM   1142 C CD1 . PHE A 1 131 ? 0.034   -12.859 7.470   1.00 15.79 ? 137 PHE B CD1 1 
ATOM   1143 C CD2 . PHE A 1 131 ? -1.371  -13.808 5.804   1.00 15.63 ? 137 PHE B CD2 1 
ATOM   1144 C CE1 . PHE A 1 131 ? 0.577   -14.118 7.714   1.00 18.25 ? 137 PHE B CE1 1 
ATOM   1145 C CE2 . PHE A 1 131 ? -0.798  -15.058 6.023   1.00 17.63 ? 137 PHE B CE2 1 
ATOM   1146 C CZ  . PHE A 1 131 ? 0.178   -15.202 6.976   1.00 16.35 ? 137 PHE B CZ  1 
ATOM   1147 N N   . VAL A 1 132 ? 1.198   -11.204 4.371   1.00 11.37 ? 138 VAL B N   1 
ATOM   1148 C CA  . VAL A 1 132 ? 1.867   -11.839 3.210   1.00 11.85 ? 138 VAL B CA  1 
ATOM   1149 C C   . VAL A 1 132 ? 2.483   -13.173 3.654   1.00 11.48 ? 138 VAL B C   1 
ATOM   1150 O O   . VAL A 1 132 ? 3.271   -13.208 4.613   1.00 12.72 ? 138 VAL B O   1 
ATOM   1151 C CB  . VAL A 1 132 ? 2.945   -10.945 2.591   1.00 12.01 ? 138 VAL B CB  1 
ATOM   1152 C CG1 . VAL A 1 132 ? 3.596   -11.653 1.406   1.00 13.68 ? 138 VAL B CG1 1 
ATOM   1153 C CG2 . VAL A 1 132 ? 2.358   -9.591  2.190   1.00 13.99 ? 138 VAL B CG2 1 
ATOM   1154 N N   . ASP A 1 133 ? 2.127   -14.241 2.958   1.00 11.69 ? 139 ASP B N   1 
ATOM   1155 C CA  . ASP A 1 133 ? 2.787   -15.561 3.110   1.00 13.19 ? 139 ASP B CA  1 
ATOM   1156 C C   . ASP A 1 133 ? 3.508   -15.839 1.801   1.00 11.98 ? 139 ASP B C   1 
ATOM   1157 O O   . ASP A 1 133 ? 2.885   -16.164 0.779   1.00 11.88 ? 139 ASP B O   1 
ATOM   1158 C CB  . ASP A 1 133 ? 1.790   -16.630 3.501   1.00 12.96 ? 139 ASP B CB  1 
ATOM   1159 C CG  . ASP A 1 133 ? 2.434   -17.996 3.738   1.00 16.00 ? 139 ASP B CG  1 
ATOM   1160 O OD1 . ASP A 1 133 ? 3.546   -18.253 3.203   1.00 16.44 ? 139 ASP B OD1 1 
ATOM   1161 O OD2 . ASP A 1 133 ? 1.742   -18.804 4.428   1.00 19.41 ? 139 ASP B OD2 1 
ATOM   1162 N N   . TYR A 1 134 ? 4.830   -15.613 1.814   1.00 12.54 ? 140 TYR B N   1 
ATOM   1163 C CA  . TYR A 1 134 ? 5.626   -15.692 0.580   1.00 12.65 ? 140 TYR B CA  1 
ATOM   1164 C C   . TYR A 1 134 ? 5.566   -17.113 -0.005  1.00 13.05 ? 140 TYR B C   1 
ATOM   1165 O O   . TYR A 1 134 ? 5.231   -17.281 -1.169  1.00 14.80 ? 140 TYR B O   1 
ATOM   1166 C CB  . TYR A 1 134 ? 7.067   -15.233 0.828   1.00 12.70 ? 140 TYR B CB  1 
ATOM   1167 C CG  . TYR A 1 134 ? 7.761   -14.906 -0.482  1.00 13.16 ? 140 TYR B CG  1 
ATOM   1168 C CD1 . TYR A 1 134 ? 8.165   -15.893 -1.369  1.00 13.28 ? 140 TYR B CD1 1 
ATOM   1169 C CD2 . TYR A 1 134 ? 7.886   -13.591 -0.912  1.00 13.39 ? 140 TYR B CD2 1 
ATOM   1170 C CE1 . TYR A 1 134 ? 8.696   -15.607 -2.616  1.00 13.76 ? 140 TYR B CE1 1 
ATOM   1171 C CE2 . TYR A 1 134 ? 8.421   -13.284 -2.156  1.00 12.90 ? 140 TYR B CE2 1 
ATOM   1172 C CZ  . TYR A 1 134 ? 8.878   -14.287 -3.002  1.00 12.41 ? 140 TYR B CZ  1 
ATOM   1173 O OH  . TYR A 1 134 ? 9.378   -14.008 -4.243  1.00 12.88 ? 140 TYR B OH  1 
ATOM   1174 N N   . GLU A 1 135 ? 5.811   -18.110 0.815   1.00 14.91 ? 141 GLU B N   1 
ATOM   1175 C CA  . GLU A 1 135 ? 5.890   -19.506 0.307   1.00 16.00 ? 141 GLU B CA  1 
ATOM   1176 C C   . GLU A 1 135 ? 4.539   -19.941 -0.240  1.00 14.38 ? 141 GLU B C   1 
ATOM   1177 O O   . GLU A 1 135 ? 4.475   -20.537 -1.336  1.00 16.52 ? 141 GLU B O   1 
ATOM   1178 C CB  . GLU A 1 135 ? 6.395   -20.440 1.404   1.00 17.34 ? 141 GLU B CB  1 
ATOM   1179 C CG  . GLU A 1 135 ? 7.936   -20.473 1.460   1.00 25.33 ? 141 GLU B CG  1 
ATOM   1180 C CD  . GLU A 1 135 ? 8.527   -19.164 1.871   1.00 29.15 ? 141 GLU B CD  1 
ATOM   1181 O OE1 . GLU A 1 135 ? 9.531   -18.794 1.319   1.00 26.95 ? 141 GLU B OE1 1 
ATOM   1182 O OE2 . GLU A 1 135 ? 7.905   -18.490 2.729   1.00 33.52 ? 141 GLU B OE2 1 
ATOM   1183 N N   . ALA A 1 136 ? 3.448   -19.609 0.438   1.00 13.21 ? 142 ALA B N   1 
ATOM   1184 C CA  . ALA A 1 136 ? 2.103   -20.042 0.031   1.00 14.86 ? 142 ALA B CA  1 
ATOM   1185 C C   . ALA A 1 136 ? 1.578   -19.234 -1.163  1.00 15.24 ? 142 ALA B C   1 
ATOM   1186 O O   . ALA A 1 136 ? 0.627   -19.687 -1.811  1.00 16.29 ? 142 ALA B O   1 
ATOM   1187 C CB  . ALA A 1 136 ? 1.158   -19.918 1.200   1.00 16.44 ? 142 ALA B CB  1 
ATOM   1188 N N   . GLY A 1 137 ? 2.173   -18.081 -1.485  1.00 13.07 ? 143 GLY B N   1 
ATOM   1189 C CA  . GLY A 1 137 ? 1.666   -17.195 -2.534  1.00 11.89 ? 143 GLY B CA  1 
ATOM   1190 C C   . GLY A 1 137 ? 0.336   -16.553 -2.138  1.00 11.12 ? 143 GLY B C   1 
ATOM   1191 O O   . GLY A 1 137 ? -0.580  -16.604 -2.957  1.00 12.14 ? 143 GLY B O   1 
ATOM   1192 N N   . VAL A 1 138 ? 0.252   -15.963 -0.957  1.00 11.99 ? 144 VAL B N   1 
ATOM   1193 C CA  . VAL A 1 138 ? -0.984  -15.339 -0.386  1.00 11.97 ? 144 VAL B CA  1 
ATOM   1194 C C   . VAL A 1 138 ? -0.717  -13.907 0.042   1.00 11.82 ? 144 VAL B C   1 
ATOM   1195 O O   . VAL A 1 138 ? 0.290   -13.646 0.755   1.00 12.61 ? 144 VAL B O   1 
ATOM   1196 C CB  . VAL A 1 138 ? -1.462  -16.155 0.810   1.00 13.56 ? 144 VAL B CB  1 
ATOM   1197 C CG1 . VAL A 1 138 ? -2.568  -15.440 1.594   1.00 14.12 ? 144 VAL B CG1 1 
ATOM   1198 C CG2 . VAL A 1 138 ? -1.907  -17.516 0.312   1.00 14.73 ? 144 VAL B CG2 1 
ATOM   1199 N N   . VAL A 1 139 ? -1.637  -13.011 -0.319  1.00 11.38 ? 145 VAL B N   1 
ATOM   1200 C CA  . VAL A 1 139 ? -1.714  -11.652 0.278   1.00 10.73 ? 145 VAL B CA  1 
ATOM   1201 C C   . VAL A 1 139 ? -3.155  -11.429 0.768   1.00 10.04 ? 145 VAL B C   1 
ATOM   1202 O O   . VAL A 1 139 ? -4.079  -11.525 -0.078  1.00 11.61 ? 145 VAL B O   1 
ATOM   1203 C CB  . VAL A 1 139 ? -1.327  -10.569 -0.744  1.00 11.02 ? 145 VAL B CB  1 
ATOM   1204 C CG1 . VAL A 1 139 ? -1.310  -9.198  -0.073  1.00 11.01 ? 145 VAL B CG1 1 
ATOM   1205 C CG2 . VAL A 1 139 ? 0.011   -10.871 -1.387  1.00 11.16 ? 145 VAL B CG2 1 
ATOM   1206 N N   . SER A 1 140 ? -3.311  -11.174 2.049   1.00 10.19 ? 146 SER B N   1 
ATOM   1207 C CA  . SER A 1 140 ? -4.658  -10.988 2.637   1.00 11.27 ? 146 SER B CA  1 
ATOM   1208 C C   . SER A 1 140 ? -4.751  -9.628  3.323   1.00 10.97 ? 146 SER B C   1 
ATOM   1209 O O   . SER A 1 140 ? -3.781  -9.129  3.872   1.00 11.58 ? 146 SER B O   1 
ATOM   1210 C CB  . SER A 1 140 ? -4.972  -12.110 3.605   1.00 12.03 ? 146 SER B CB  1 
ATOM   1211 O OG  . SER A 1 140 ? -5.118  -13.364 2.921   1.00 12.63 ? 146 SER B OG  1 
ATOM   1212 N N   . PHE A 1 141 ? -5.950  -9.087  3.321   1.00 10.45 ? 147 PHE B N   1 
ATOM   1213 C CA  . PHE A 1 141 ? -6.278  -7.762  3.862   1.00 10.56 ? 147 PHE B CA  1 
ATOM   1214 C C   . PHE A 1 141 ? -7.384  -7.937  4.890   1.00 10.98 ? 147 PHE B C   1 
ATOM   1215 O O   . PHE A 1 141 ? -8.406  -8.636  4.605   1.00 11.11 ? 147 PHE B O   1 
ATOM   1216 C CB  . PHE A 1 141 ? -6.723  -6.802  2.739   1.00 10.65 ? 147 PHE B CB  1 
ATOM   1217 C CG  . PHE A 1 141 ? -5.634  -6.536  1.728   1.00 10.53 ? 147 PHE B CG  1 
ATOM   1218 C CD1 . PHE A 1 141 ? -5.431  -7.407  0.655   1.00 10.38 ? 147 PHE B CD1 1 
ATOM   1219 C CD2 . PHE A 1 141 ? -4.854  -5.384  1.813   1.00 10.58 ? 147 PHE B CD2 1 
ATOM   1220 C CE1 . PHE A 1 141 ? -4.373  -7.183  -0.232  1.00 9.96  ? 147 PHE B CE1 1 
ATOM   1221 C CE2 . PHE A 1 141 ? -3.836  -5.159  0.890   1.00 10.22 ? 147 PHE B CE2 1 
ATOM   1222 C CZ  . PHE A 1 141 ? -3.634  -6.029  -0.155  1.00 9.74  ? 147 PHE B CZ  1 
ATOM   1223 N N   . TYR A 1 142 ? -7.224  -7.246  6.020   1.00 10.96 ? 148 TYR B N   1 
ATOM   1224 C CA  . TYR A 1 142 ? -8.132  -7.356  7.187   1.00 12.57 ? 148 TYR B CA  1 
ATOM   1225 C C   . TYR A 1 142 ? -8.632  -5.976  7.627   1.00 13.58 ? 148 TYR B C   1 
ATOM   1226 O O   . TYR A 1 142 ? -7.902  -4.983  7.609   1.00 13.80 ? 148 TYR B O   1 
ATOM   1227 C CB  . TYR A 1 142 ? -7.477  -8.124  8.333   1.00 12.69 ? 148 TYR B CB  1 
ATOM   1228 C CG  . TYR A 1 142 ? -7.096  -9.533  7.951   1.00 13.47 ? 148 TYR B CG  1 
ATOM   1229 C CD1 . TYR A 1 142 ? -8.002  -10.563 8.034   1.00 14.06 ? 148 TYR B CD1 1 
ATOM   1230 C CD2 . TYR A 1 142 ? -5.838  -9.836  7.451   1.00 14.07 ? 148 TYR B CD2 1 
ATOM   1231 C CE1 . TYR A 1 142 ? -7.695  -11.855 7.630   1.00 15.40 ? 148 TYR B CE1 1 
ATOM   1232 C CE2 . TYR A 1 142 ? -5.508  -11.128 7.067   1.00 14.59 ? 148 TYR B CE2 1 
ATOM   1233 C CZ  . TYR A 1 142 ? -6.422  -12.159 7.185   1.00 15.01 ? 148 TYR B CZ  1 
ATOM   1234 O OH  . TYR A 1 142 ? -6.102  -13.425 6.748   1.00 16.95 ? 148 TYR B OH  1 
ATOM   1235 N N   . ASN A 1 143 ? -9.882  -5.950  8.066   1.00 13.98 ? 149 ASN B N   1 
ATOM   1236 C CA  . ASN A 1 143 ? -10.572 -4.717  8.559   1.00 13.52 ? 149 ASN B CA  1 
ATOM   1237 C C   . ASN A 1 143 ? -10.348 -4.635  10.078  1.00 14.87 ? 149 ASN B C   1 
ATOM   1238 O O   . ASN A 1 143 ? -11.091 -5.271  10.858  1.00 15.04 ? 149 ASN B O   1 
ATOM   1239 C CB  . ASN A 1 143 ? -12.050 -4.753  8.165   1.00 13.69 ? 149 ASN B CB  1 
ATOM   1240 C CG  . ASN A 1 143 ? -12.796 -3.470  8.523   1.00 14.72 ? 149 ASN B CG  1 
ATOM   1241 O OD1 . ASN A 1 143 ? -12.302 -2.697  9.353   1.00 15.67 ? 149 ASN B OD1 1 
ATOM   1242 N ND2 . ASN A 1 143 ? -13.928 -3.257  7.901   1.00 15.46 ? 149 ASN B ND2 1 
ATOM   1243 N N   . ILE A 1 144 ? -9.384  -3.858  10.556  1.00 15.36 ? 150 ILE B N   1 
ATOM   1244 C CA  . ILE A 1 144 ? -9.034  -3.837  11.996  1.00 15.92 ? 150 ILE B CA  1 
ATOM   1245 C C   . ILE A 1 144 ? -10.220 -3.193  12.755  1.00 17.91 ? 150 ILE B C   1 
ATOM   1246 O O   . ILE A 1 144 ? -10.486 -3.603  13.905  1.00 19.17 ? 150 ILE B O   1 
ATOM   1247 C CB  . ILE A 1 144 ? -7.705  -3.093  12.213  1.00 17.17 ? 150 ILE B CB  1 
ATOM   1248 C CG1 . ILE A 1 144 ? -6.530  -3.669  11.410  1.00 17.83 ? 150 ILE B CG1 1 
ATOM   1249 C CG2 . ILE A 1 144 ? -7.349  -2.988  13.695  1.00 18.53 ? 150 ILE B CG2 1 
ATOM   1250 C CD1 . ILE A 1 144 ? -6.462  -5.150  11.436  1.00 21.47 ? 150 ILE B CD1 1 
ATOM   1251 N N   . THR A 1 145 ? -10.891 -2.228  12.155  1.00 17.43 ? 151 THR B N   1 
ATOM   1252 C CA  . THR A 1 145 ? -12.041 -1.502  12.781  1.00 17.91 ? 151 THR B CA  1 
ATOM   1253 C C   . THR A 1 145 ? -13.181 -2.478  13.056  1.00 20.59 ? 151 THR B C   1 
ATOM   1254 O O   . THR A 1 145 ? -13.898 -2.296  14.070  1.00 24.04 ? 151 THR B O   1 
ATOM   1255 C CB  . THR A 1 145 ? -12.504 -0.375  11.844  1.00 16.01 ? 151 THR B CB  1 
ATOM   1256 O OG1 . THR A 1 145 ? -11.355 0.411   11.546  1.00 16.50 ? 151 THR B OG1 1 
ATOM   1257 C CG2 . THR A 1 145 ? -13.553 0.485   12.503  1.00 18.18 ? 151 THR B CG2 1 
ATOM   1258 N N   . ASP A 1 146 ? -13.368 -3.477  12.197  1.00 18.74 ? 152 ASP B N   1 
ATOM   1259 C CA  . ASP A 1 146 ? -14.426 -4.520  12.331  1.00 19.16 ? 152 ASP B CA  1 
ATOM   1260 C C   . ASP A 1 146 ? -13.829 -5.831  12.867  1.00 20.84 ? 152 ASP B C   1 
ATOM   1261 O O   . ASP A 1 146 ? -14.038 -6.850  12.231  1.00 21.34 ? 152 ASP B O   1 
ATOM   1262 C CB  . ASP A 1 146 ? -15.147 -4.654  11.012  1.00 18.60 ? 152 ASP B CB  1 
ATOM   1263 C CG  . ASP A 1 146 ? -16.318 -5.603  11.067  1.00 23.35 ? 152 ASP B CG  1 
ATOM   1264 O OD1 . ASP A 1 146 ? -17.080 -5.520  12.041  1.00 23.52 ? 152 ASP B OD1 1 
ATOM   1265 O OD2 . ASP A 1 146 ? -16.457 -6.396  10.109  1.00 24.59 ? 152 ASP B OD2 1 
ATOM   1266 N N   . HIS A 1 147 ? -13.147 -5.800  14.006  1.00 21.35 ? 153 HIS B N   1 
ATOM   1267 C CA  . HIS A 1 147 ? -12.632 -6.994  14.737  1.00 26.02 ? 153 HIS B CA  1 
ATOM   1268 C C   . HIS A 1 147 ? -11.807 -7.877  13.784  1.00 24.13 ? 153 HIS B C   1 
ATOM   1269 O O   . HIS A 1 147 ? -11.845 -9.105  13.883  1.00 25.33 ? 153 HIS B O   1 
ATOM   1270 C CB  . HIS A 1 147 ? -13.762 -7.859  15.310  1.00 30.04 ? 153 HIS B CB  1 
ATOM   1271 C CG  . HIS A 1 147 ? -14.895 -7.134  15.963  1.00 38.53 ? 153 HIS B CG  1 
ATOM   1272 N ND1 . HIS A 1 147 ? -14.789 -6.581  17.230  1.00 46.43 ? 153 HIS B ND1 1 
ATOM   1273 C CD2 . HIS A 1 147 ? -16.166 -6.930  15.551  1.00 43.39 ? 153 HIS B CD2 1 
ATOM   1274 C CE1 . HIS A 1 147 ? -15.944 -6.030  17.560  1.00 50.79 ? 153 HIS B CE1 1 
ATOM   1275 N NE2 . HIS A 1 147 ? -16.814 -6.237  16.546  1.00 47.57 ? 153 HIS B NE2 1 
ATOM   1276 N N   . GLY A 1 148 ? -11.105 -7.286  12.827  1.00 19.62 ? 154 GLY B N   1 
ATOM   1277 C CA  . GLY A 1 148 ? -10.146 -8.070  12.021  1.00 17.11 ? 154 GLY B CA  1 
ATOM   1278 C C   . GLY A 1 148 ? -10.789 -8.850  10.888  1.00 15.84 ? 154 GLY B C   1 
ATOM   1279 O O   . GLY A 1 148 ? -10.188 -9.805  10.480  1.00 15.75 ? 154 GLY B O   1 
ATOM   1280 N N   . SER A 1 149 ? -12.010 -8.537  10.504  1.00 15.51 ? 155 SER B N   1 
ATOM   1281 C CA  . SER A 1 149 ? -12.763 -9.303  9.482   1.00 13.72 ? 155 SER B CA  1 
ATOM   1282 C C   . SER A 1 149 ? -12.010 -9.317  8.149   1.00 14.48 ? 155 SER B C   1 
ATOM   1283 O O   . SER A 1 149 ? -11.355 -8.309  7.770   1.00 14.18 ? 155 SER B O   1 
ATOM   1284 C CB  . SER A 1 149 ? -14.164 -8.795  9.302   1.00 15.06 ? 155 SER B CB  1 
ATOM   1285 O OG  . SER A 1 149 ? -14.243 -7.409  8.966   1.00 15.77 ? 155 SER B OG  1 
ATOM   1286 N N   . LEU A 1 150 ? -12.072 -10.420 7.436   1.00 14.20 ? 156 LEU B N   1 
ATOM   1287 C CA  . LEU A 1 150 ? -11.408 -10.487 6.109   1.00 12.33 ? 156 LEU B CA  1 
ATOM   1288 C C   . LEU A 1 150 ? -12.040 -9.541  5.096   1.00 11.75 ? 156 LEU B C   1 
ATOM   1289 O O   . LEU A 1 150 ? -13.278 -9.523  4.874   1.00 12.95 ? 156 LEU B O   1 
ATOM   1290 C CB  . LEU A 1 150 ? -11.460 -11.931 5.607   1.00 12.66 ? 156 LEU B CB  1 
ATOM   1291 C CG  . LEU A 1 150 ? -10.802 -12.220 4.246   1.00 12.45 ? 156 LEU B CG  1 
ATOM   1292 C CD1 . LEU A 1 150 ? -9.280  -12.099 4.300   1.00 12.80 ? 156 LEU B CD1 1 
ATOM   1293 C CD2 . LEU A 1 150 ? -11.166 -13.657 3.776   1.00 13.95 ? 156 LEU B CD2 1 
ATOM   1294 N N   . ILE A 1 151 ? -11.186 -8.798  4.396   1.00 11.40 ? 157 ILE B N   1 
ATOM   1295 C CA  . ILE A 1 151 ? -11.574 -7.969  3.244   1.00 12.26 ? 157 ILE B CA  1 
ATOM   1296 C C   . ILE A 1 151 ? -11.353 -8.740  1.936   1.00 11.13 ? 157 ILE B C   1 
ATOM   1297 O O   . ILE A 1 151 ? -12.219 -8.749  1.055   1.00 11.16 ? 157 ILE B O   1 
ATOM   1298 C CB  . ILE A 1 151 ? -10.815 -6.631  3.279   1.00 12.68 ? 157 ILE B CB  1 
ATOM   1299 C CG1 . ILE A 1 151 ? -11.171 -5.802  4.510   1.00 12.31 ? 157 ILE B CG1 1 
ATOM   1300 C CG2 . ILE A 1 151 ? -11.060 -5.830  1.999   1.00 12.58 ? 157 ILE B CG2 1 
ATOM   1301 C CD1 . ILE A 1 151 ? -10.277 -4.589  4.720   1.00 13.46 ? 157 ILE B CD1 1 
ATOM   1302 N N   . TYR A 1 152 ? -10.135 -9.271  1.740   1.00 10.68 ? 158 TYR B N   1 
ATOM   1303 C CA  . TYR A 1 152 ? -9.814  -9.890  0.432   1.00 10.37 ? 158 TYR B CA  1 
ATOM   1304 C C   . TYR A 1 152 ? -8.549  -10.749 0.566   1.00 10.26 ? 158 TYR B C   1 
ATOM   1305 O O   . TYR A 1 152 ? -7.635  -10.360 1.317   1.00 10.62 ? 158 TYR B O   1 
ATOM   1306 C CB  . TYR A 1 152 ? -9.495  -8.838  -0.665  1.00 10.92 ? 158 TYR B CB  1 
ATOM   1307 C CG  . TYR A 1 152 ? -9.446  -9.415  -2.043  1.00 10.41 ? 158 TYR B CG  1 
ATOM   1308 C CD1 . TYR A 1 152 ? -10.603 -9.714  -2.752  1.00 11.22 ? 158 TYR B CD1 1 
ATOM   1309 C CD2 . TYR A 1 152 ? -8.227  -9.733  -2.634  1.00 10.42 ? 158 TYR B CD2 1 
ATOM   1310 C CE1 . TYR A 1 152 ? -10.550 -10.310 -3.996  1.00 11.59 ? 158 TYR B CE1 1 
ATOM   1311 C CE2 . TYR A 1 152 ? -8.177  -10.313 -3.890  1.00 10.71 ? 158 TYR B CE2 1 
ATOM   1312 C CZ  . TYR A 1 152 ? -9.333  -10.637 -4.565  1.00 11.06 ? 158 TYR B CZ  1 
ATOM   1313 O OH  . TYR A 1 152 ? -9.340  -11.249 -5.788  1.00 13.32 ? 158 TYR B OH  1 
ATOM   1314 N N   . THR A 1 153 ? -8.520  -11.888 -0.135  1.00 10.35 ? 159 THR B N   1 
ATOM   1315 C CA  . THR A 1 153 ? -7.341  -12.768 -0.255  1.00 10.61 ? 159 THR B CA  1 
ATOM   1316 C C   . THR A 1 153 ? -7.004  -12.956 -1.714  1.00 10.79 ? 159 THR B C   1 
ATOM   1317 O O   . THR A 1 153 ? -7.792  -13.490 -2.493  1.00 11.94 ? 159 THR B O   1 
ATOM   1318 C CB  . THR A 1 153 ? -7.559  -14.128 0.434   1.00 11.68 ? 159 THR B CB  1 
ATOM   1319 O OG1 . THR A 1 153 ? -7.606  -13.901 1.836   1.00 11.86 ? 159 THR B OG1 1 
ATOM   1320 C CG2 . THR A 1 153 ? -6.432  -15.103 0.120   1.00 12.28 ? 159 THR B CG2 1 
ATOM   1321 N N   . PHE A 1 154 ? -5.790  -12.524 -2.085  1.00 10.60 ? 160 PHE B N   1 
ATOM   1322 C CA  . PHE A 1 154 ? -5.153  -12.938 -3.356  1.00 11.02 ? 160 PHE B CA  1 
ATOM   1323 C C   . PHE A 1 154 ? -4.426  -14.260 -3.076  1.00 11.20 ? 160 PHE B C   1 
ATOM   1324 O O   . PHE A 1 154 ? -3.553  -14.307 -2.195  1.00 11.65 ? 160 PHE B O   1 
ATOM   1325 C CB  . PHE A 1 154 ? -4.065  -11.971 -3.793  1.00 11.36 ? 160 PHE B CB  1 
ATOM   1326 C CG  . PHE A 1 154 ? -4.536  -10.622 -4.279  1.00 9.91  ? 160 PHE B CG  1 
ATOM   1327 C CD1 . PHE A 1 154 ? -4.668  -9.568  -3.395  1.00 9.70  ? 160 PHE B CD1 1 
ATOM   1328 C CD2 . PHE A 1 154 ? -4.711  -10.367 -5.629  1.00 10.04 ? 160 PHE B CD2 1 
ATOM   1329 C CE1 . PHE A 1 154 ? -5.015  -8.312  -3.867  1.00 10.67 ? 160 PHE B CE1 1 
ATOM   1330 C CE2 . PHE A 1 154 ? -5.058  -9.102  -6.099  1.00 10.99 ? 160 PHE B CE2 1 
ATOM   1331 C CZ  . PHE A 1 154 ? -5.211  -8.086  -5.199  1.00 10.35 ? 160 PHE B CZ  1 
ATOM   1332 N N   . SER A 1 155 ? -4.821  -15.307 -3.791  1.00 13.35 ? 161 SER B N   1 
ATOM   1333 C CA  . SER A 1 155 ? -4.122  -16.589 -3.669  1.00 13.54 ? 161 SER B CA  1 
ATOM   1334 C C   . SER A 1 155 ? -3.538  -16.987 -5.018  1.00 13.11 ? 161 SER B C   1 
ATOM   1335 O O   . SER A 1 155 ? -3.827  -16.361 -6.053  1.00 14.41 ? 161 SER B O   1 
ATOM   1336 C CB  . SER A 1 155 ? -5.043  -17.615 -3.098  1.00 15.13 ? 161 SER B CB  1 
ATOM   1337 O OG  . SER A 1 155 ? -6.066  -17.947 -3.987  1.00 17.60 ? 161 SER B OG  1 
ATOM   1338 N N   . GLU A 1 156 ? -2.668  -18.012 -4.988  1.00 15.00 ? 162 GLU B N   1 
ATOM   1339 C CA  . GLU A 1 156 ? -1.937  -18.453 -6.202  1.00 15.68 ? 162 GLU B CA  1 
ATOM   1340 C C   . GLU A 1 156 ? -1.156  -17.268 -6.778  1.00 14.45 ? 162 GLU B C   1 
ATOM   1341 O O   . GLU A 1 156 ? -1.055  -17.122 -8.022  1.00 15.68 ? 162 GLU B O   1 
ATOM   1342 C CB  . GLU A 1 156 ? -2.874  -18.979 -7.286  1.00 19.69 ? 162 GLU B CB  1 
ATOM   1343 C CG  . GLU A 1 156 ? -3.929  -19.946 -6.797  1.00 25.41 ? 162 GLU B CG  1 
ATOM   1344 C CD  . GLU A 1 156 ? -4.670  -20.573 -7.961  1.00 36.04 ? 162 GLU B CD  1 
ATOM   1345 O OE1 . GLU A 1 156 ? -5.527  -19.877 -8.582  1.00 39.08 ? 162 GLU B OE1 1 
ATOM   1346 O OE2 . GLU A 1 156 ? -4.301  -21.710 -8.321  1.00 44.52 ? 162 GLU B OE2 1 
ATOM   1347 N N   . CYS A 1 157 ? -0.592  -16.460 -5.887  1.00 14.00 ? 163 CYS B N   1 
ATOM   1348 C CA  . CYS A 1 157 ? 0.191   -15.278 -6.311  1.00 12.31 ? 163 CYS B CA  1 
ATOM   1349 C C   . CYS A 1 157 ? 1.520   -15.740 -6.930  1.00 13.82 ? 163 CYS B C   1 
ATOM   1350 O O   . CYS A 1 157 ? 2.158   -16.692 -6.371  1.00 14.80 ? 163 CYS B O   1 
ATOM   1351 C CB  . CYS A 1 157 ? 0.521   -14.342 -5.160  1.00 12.02 ? 163 CYS B CB  1 
ATOM   1352 S SG  . CYS A 1 157 ? -0.949  -13.550 -4.438  1.00 13.48 ? 163 CYS B SG  1 
ATOM   1353 N N   . VAL A 1 158 ? 1.910   -15.119 -8.032  1.00 12.88 ? 164 VAL B N   1 
ATOM   1354 C CA  . VAL A 1 158 ? 3.217   -15.429 -8.641  1.00 14.09 ? 164 VAL B CA  1 
ATOM   1355 C C   . VAL A 1 158 ? 4.095   -14.198 -8.414  1.00 13.32 ? 164 VAL B C   1 
ATOM   1356 O O   . VAL A 1 158 ? 4.184   -13.309 -9.267  1.00 15.26 ? 164 VAL B O   1 
ATOM   1357 C CB  . VAL A 1 158 ? 3.033   -15.872 -10.105 1.00 16.64 ? 164 VAL B CB  1 
ATOM   1358 C CG1 . VAL A 1 158 ? 4.409   -16.142 -10.714 1.00 18.02 ? 164 VAL B CG1 1 
ATOM   1359 C CG2 . VAL A 1 158 ? 2.128   -17.109 -10.185 1.00 17.50 ? 164 VAL B CG2 1 
ATOM   1360 N N   . PHE A 1 159 ? 4.734   -14.092 -7.258  1.00 12.51 ? 165 PHE B N   1 
ATOM   1361 C CA  . PHE A 1 159 ? 5.467   -12.870 -6.871  1.00 13.19 ? 165 PHE B CA  1 
ATOM   1362 C C   . PHE A 1 159 ? 6.604   -12.593 -7.860  1.00 13.95 ? 165 PHE B C   1 
ATOM   1363 O O   . PHE A 1 159 ? 6.805   -11.442 -8.265  1.00 13.39 ? 165 PHE B O   1 
ATOM   1364 C CB  . PHE A 1 159 ? 5.897   -12.960 -5.418  1.00 13.29 ? 165 PHE B CB  1 
ATOM   1365 C CG  . PHE A 1 159 ? 4.771   -13.060 -4.413  1.00 11.90 ? 165 PHE B CG  1 
ATOM   1366 C CD1 . PHE A 1 159 ? 3.716   -12.160 -4.450  1.00 11.46 ? 165 PHE B CD1 1 
ATOM   1367 C CD2 . PHE A 1 159 ? 4.781   -14.034 -3.425  1.00 13.22 ? 165 PHE B CD2 1 
ATOM   1368 C CE1 . PHE A 1 159 ? 2.670   -12.272 -3.542  1.00 11.69 ? 165 PHE B CE1 1 
ATOM   1369 C CE2 . PHE A 1 159 ? 3.768   -14.101 -2.480  1.00 13.02 ? 165 PHE B CE2 1 
ATOM   1370 C CZ  . PHE A 1 159 ? 2.723   -13.210 -2.538  1.00 12.37 ? 165 PHE B CZ  1 
ATOM   1371 N N   . ALA A 1 160 ? 7.376   -13.622 -8.202  1.00 13.42 ? 166 ALA B N   1 
ATOM   1372 C CA  . ALA A 1 160 ? 8.418   -13.550 -9.252  1.00 13.36 ? 166 ALA B CA  1 
ATOM   1373 C C   . ALA A 1 160 ? 9.520   -12.546 -8.880  1.00 14.31 ? 166 ALA B C   1 
ATOM   1374 O O   . ALA A 1 160 ? 10.216  -12.051 -9.803  1.00 14.64 ? 166 ALA B O   1 
ATOM   1375 C CB  . ALA A 1 160 ? 7.827   -13.276 -10.593 1.00 13.80 ? 166 ALA B CB  1 
ATOM   1376 N N   . GLY A 1 161 ? 9.752   -12.310 -7.607  1.00 14.02 ? 167 GLY B N   1 
ATOM   1377 C CA  . GLY A 1 161 ? 10.820  -11.411 -7.139  1.00 14.24 ? 167 GLY B CA  1 
ATOM   1378 C C   . GLY A 1 161 ? 10.651  -11.041 -5.682  1.00 13.62 ? 167 GLY B C   1 
ATOM   1379 O O   . GLY A 1 161 ? 9.634   -11.410 -5.044  1.00 13.56 ? 167 GLY B O   1 
ATOM   1380 N N   . PRO A 1 162 ? 11.587  -10.279 -5.119  1.00 12.65 ? 168 PRO B N   1 
ATOM   1381 C CA  . PRO A 1 162 ? 11.423  -9.720  -3.784  1.00 12.08 ? 168 PRO B CA  1 
ATOM   1382 C C   . PRO A 1 162 ? 10.188  -8.800  -3.764  1.00 12.69 ? 168 PRO B C   1 
ATOM   1383 O O   . PRO A 1 162 ? 9.888   -8.126  -4.757  1.00 13.19 ? 168 PRO B O   1 
ATOM   1384 C CB  . PRO A 1 162 ? 12.699  -8.915  -3.506  1.00 12.67 ? 168 PRO B CB  1 
ATOM   1385 C CG  . PRO A 1 162 ? 13.672  -9.424  -4.563  1.00 12.81 ? 168 PRO B CG  1 
ATOM   1386 C CD  . PRO A 1 162 ? 12.844  -9.840  -5.741  1.00 11.90 ? 168 PRO B CD  1 
ATOM   1387 N N   . LEU A 1 163 ? 9.549   -8.755  -2.614  1.00 12.39 ? 169 LEU B N   1 
ATOM   1388 C CA  . LEU A 1 163 ? 8.342   -7.894  -2.419  1.00 12.11 ? 169 LEU B CA  1 
ATOM   1389 C C   . LEU A 1 163 ? 8.693   -6.702  -1.546  1.00 12.54 ? 169 LEU B C   1 
ATOM   1390 O O   . LEU A 1 163 ? 9.428   -6.831  -0.589  1.00 12.77 ? 169 LEU B O   1 
ATOM   1391 C CB  . LEU A 1 163 ? 7.197   -8.667  -1.753  1.00 12.58 ? 169 LEU B CB  1 
ATOM   1392 C CG  . LEU A 1 163 ? 6.546   -9.764  -2.589  1.00 13.15 ? 169 LEU B CG  1 
ATOM   1393 C CD1 . LEU A 1 163 ? 5.531   -10.509 -1.744  1.00 13.20 ? 169 LEU B CD1 1 
ATOM   1394 C CD2 . LEU A 1 163 ? 5.896   -9.170  -3.833  1.00 13.51 ? 169 LEU B CD2 1 
ATOM   1395 N N   . ARG A 1 164 ? 8.039   -5.574  -1.825  1.00 11.65 ? 170 ARG B N   1 
ATOM   1396 C CA  . ARG A 1 164 ? 8.110   -4.380  -0.975  1.00 11.61 ? 170 ARG B CA  1 
ATOM   1397 C C   . ARG A 1 164 ? 6.719   -3.895  -0.574  1.00 10.21 ? 170 ARG B C   1 
ATOM   1398 O O   . ARG A 1 164 ? 5.798   -3.954  -1.384  1.00 10.87 ? 170 ARG B O   1 
ATOM   1399 C CB  . ARG A 1 164 ? 8.869   -3.266  -1.704  1.00 12.98 ? 170 ARG B CB  1 
ATOM   1400 C CG  . ARG A 1 164 ? 10.310  -3.686  -1.982  1.00 13.80 ? 170 ARG B CG  1 
ATOM   1401 C CD  . ARG A 1 164 ? 11.189  -2.650  -2.646  1.00 16.07 ? 170 ARG B CD  1 
ATOM   1402 N NE  . ARG A 1 164 ? 11.360  -1.524  -1.759  1.00 14.70 ? 170 ARG B NE  1 
ATOM   1403 C CZ  . ARG A 1 164 ? 12.108  -0.467  -2.066  1.00 16.27 ? 170 ARG B CZ  1 
ATOM   1404 N NH1 . ARG A 1 164 ? 12.789  -0.470  -3.190  1.00 15.58 ? 170 ARG B NH1 1 
ATOM   1405 N NH2 . ARG A 1 164 ? 12.231  0.531   -1.204  1.00 15.88 ? 170 ARG B NH2 1 
ATOM   1406 N N   . PRO A 1 165 ? 6.540   -3.401  0.665   1.00 10.66 ? 171 PRO B N   1 
ATOM   1407 C CA  . PRO A 1 165 ? 5.271   -2.748  1.023   1.00 10.09 ? 171 PRO B CA  1 
ATOM   1408 C C   . PRO A 1 165 ? 5.024   -1.576  0.067   1.00 10.75 ? 171 PRO B C   1 
ATOM   1409 O O   . PRO A 1 165 ? 5.943   -0.874  -0.314  1.00 10.72 ? 171 PRO B O   1 
ATOM   1410 C CB  . PRO A 1 165 ? 5.486   -2.232  2.442   1.00 10.90 ? 171 PRO B CB  1 
ATOM   1411 C CG  . PRO A 1 165 ? 6.606   -3.154  3.001   1.00 12.29 ? 171 PRO B CG  1 
ATOM   1412 C CD  . PRO A 1 165 ? 7.478   -3.377  1.790   1.00 12.23 ? 171 PRO B CD  1 
ATOM   1413 N N   . PHE A 1 166 ? 3.765   -1.405  -0.335  1.00 9.75  ? 172 PHE B N   1 
ATOM   1414 C CA  . PHE A 1 166 ? 3.333   -0.433  -1.354  1.00 10.13 ? 172 PHE B CA  1 
ATOM   1415 C C   . PHE A 1 166 ? 2.238   0.481   -0.793  1.00 9.57  ? 172 PHE B C   1 
ATOM   1416 O O   . PHE A 1 166 ? 1.290   0.015   -0.142  1.00 9.04  ? 172 PHE B O   1 
ATOM   1417 C CB  . PHE A 1 166 ? 2.825   -1.166  -2.600  1.00 10.33 ? 172 PHE B CB  1 
ATOM   1418 C CG  . PHE A 1 166 ? 2.226   -0.225  -3.622  1.00 10.61 ? 172 PHE B CG  1 
ATOM   1419 C CD1 . PHE A 1 166 ? 3.038   0.499   -4.483  1.00 11.58 ? 172 PHE B CD1 1 
ATOM   1420 C CD2 . PHE A 1 166 ? 0.854   -0.002  -3.683  1.00 11.14 ? 172 PHE B CD2 1 
ATOM   1421 C CE1 . PHE A 1 166 ? 2.479   1.378   -5.411  1.00 11.48 ? 172 PHE B CE1 1 
ATOM   1422 C CE2 . PHE A 1 166 ? 0.307   0.885   -4.595  1.00 11.27 ? 172 PHE B CE2 1 
ATOM   1423 C CZ  . PHE A 1 166 ? 1.117   1.558   -5.467  1.00 11.14 ? 172 PHE B CZ  1 
ATOM   1424 N N   . PHE A 1 167 ? 2.342   1.790   -1.098  1.00 9.51  ? 173 PHE B N   1 
ATOM   1425 C CA  . PHE A 1 167 ? 1.423   2.833   -0.591  1.00 10.00 ? 173 PHE B CA  1 
ATOM   1426 C C   . PHE A 1 167 ? 1.100   3.818   -1.694  1.00 10.76 ? 173 PHE B C   1 
ATOM   1427 O O   . PHE A 1 167 ? 2.031   4.266   -2.371  1.00 10.82 ? 173 PHE B O   1 
ATOM   1428 C CB  . PHE A 1 167 ? 2.040   3.593   0.599   1.00 10.47 ? 173 PHE B CB  1 
ATOM   1429 C CG  . PHE A 1 167 ? 2.591   2.712   1.698   1.00 10.78 ? 173 PHE B CG  1 
ATOM   1430 C CD1 . PHE A 1 167 ? 3.875   2.198   1.598   1.00 10.74 ? 173 PHE B CD1 1 
ATOM   1431 C CD2 . PHE A 1 167 ? 1.832   2.385   2.818   1.00 11.56 ? 173 PHE B CD2 1 
ATOM   1432 C CE1 . PHE A 1 167 ? 4.377   1.304   2.551   1.00 11.18 ? 173 PHE B CE1 1 
ATOM   1433 C CE2 . PHE A 1 167 ? 2.366   1.568   3.804   1.00 11.84 ? 173 PHE B CE2 1 
ATOM   1434 C CZ  . PHE A 1 167 ? 3.629   1.009   3.657   1.00 12.03 ? 173 PHE B CZ  1 
ATOM   1435 N N   . ASN A 1 168 ? -0.156  4.279   -1.715  1.00 10.33 ? 174 ASN B N   1 
ATOM   1436 C CA  . ASN A 1 168 ? -0.543  5.456   -2.524  1.00 10.02 ? 174 ASN B CA  1 
ATOM   1437 C C   . ASN A 1 168 ? -1.426  6.321   -1.634  1.00 10.04 ? 174 ASN B C   1 
ATOM   1438 O O   . ASN A 1 168 ? -2.506  5.824   -1.231  1.00 10.64 ? 174 ASN B O   1 
ATOM   1439 C CB  . ASN A 1 168 ? -1.246  5.046   -3.816  1.00 10.46 ? 174 ASN B CB  1 
ATOM   1440 C CG  . ASN A 1 168 ? -1.587  6.215   -4.709  1.00 12.49 ? 174 ASN B CG  1 
ATOM   1441 O OD1 . ASN A 1 168 ? -1.341  7.351   -4.391  1.00 13.13 ? 174 ASN B OD1 1 
ATOM   1442 N ND2 . ASN A 1 168 ? -2.145  5.898   -5.865  1.00 14.24 ? 174 ASN B ND2 1 
ATOM   1443 N N   . VAL A 1 169 ? -1.014  7.570   -1.344  1.00 10.69 ? 175 VAL B N   1 
ATOM   1444 C CA  . VAL A 1 169 ? -1.839  8.450   -0.470  1.00 11.77 ? 175 VAL B CA  1 
ATOM   1445 C C   . VAL A 1 169 ? -3.028  9.009   -1.259  1.00 11.21 ? 175 VAL B C   1 
ATOM   1446 O O   . VAL A 1 169 ? -3.899  9.659   -0.645  1.00 12.57 ? 175 VAL B O   1 
ATOM   1447 C CB  . VAL A 1 169 ? -1.037  9.601   0.169   1.00 12.68 ? 175 VAL B CB  1 
ATOM   1448 C CG1 . VAL A 1 169 ? -0.003  9.054   1.099   1.00 13.35 ? 175 VAL B CG1 1 
ATOM   1449 C CG2 . VAL A 1 169 ? -0.407  10.542  -0.855  1.00 13.51 ? 175 VAL B CG2 1 
ATOM   1450 N N   . GLY A 1 170 ? -2.999  8.879   -2.597  1.00 11.21 ? 176 GLY B N   1 
ATOM   1451 C CA  . GLY A 1 170 ? -4.047  9.451   -3.470  1.00 12.20 ? 176 GLY B CA  1 
ATOM   1452 C C   . GLY A 1 170 ? -3.899  10.935  -3.717  1.00 11.58 ? 176 GLY B C   1 
ATOM   1453 O O   . GLY A 1 170 ? -3.194  11.639  -2.989  1.00 11.39 ? 176 GLY B O   1 
ATOM   1454 N N   . PHE A 1 171 ? -4.593  11.408  -4.743  1.00 12.60 ? 177 PHE B N   1 
ATOM   1455 C CA  . PHE A 1 171 ? -4.650  12.849  -5.058  1.00 12.02 ? 177 PHE B CA  1 
ATOM   1456 C C   . PHE A 1 171 ? -5.538  13.554  -4.057  1.00 12.79 ? 177 PHE B C   1 
ATOM   1457 O O   . PHE A 1 171 ? -6.278  12.933  -3.305  1.00 11.25 ? 177 PHE B O   1 
ATOM   1458 C CB  . PHE A 1 171 ? -5.063  13.072  -6.510  1.00 13.59 ? 177 PHE B CB  1 
ATOM   1459 C CG  . PHE A 1 171 ? -4.042  12.612  -7.520  1.00 15.63 ? 177 PHE B CG  1 
ATOM   1460 C CD1 . PHE A 1 171 ? -2.856  13.300  -7.678  1.00 18.59 ? 177 PHE B CD1 1 
ATOM   1461 C CD2 . PHE A 1 171 ? -4.281  11.500  -8.296  1.00 17.95 ? 177 PHE B CD2 1 
ATOM   1462 C CE1 . PHE A 1 171 ? -1.916  12.877  -8.619  1.00 19.89 ? 177 PHE B CE1 1 
ATOM   1463 C CE2 . PHE A 1 171 ? -3.352  11.088  -9.243  1.00 18.79 ? 177 PHE B CE2 1 
ATOM   1464 C CZ  . PHE A 1 171 ? -2.195  11.777  -9.388  1.00 18.06 ? 177 PHE B CZ  1 
ATOM   1465 N N   . ASN A 1 172 ? -5.484  14.875  -4.085  1.00 12.29 ? 178 ASN B N   1 
ATOM   1466 C CA  . ASN A 1 172 ? -6.333  15.679  -3.169  1.00 10.99 ? 178 ASN B CA  1 
ATOM   1467 C C   . ASN A 1 172 ? -6.954  16.818  -3.993  1.00 11.83 ? 178 ASN B C   1 
ATOM   1468 O O   . ASN A 1 172 ? -6.895  17.996  -3.567  1.00 13.60 ? 178 ASN B O   1 
ATOM   1469 C CB  . ASN A 1 172 ? -5.555  16.197  -1.974  1.00 11.90 ? 178 ASN B CB  1 
ATOM   1470 C CG  . ASN A 1 172 ? -6.430  16.918  -0.986  1.00 12.64 ? 178 ASN B CG  1 
ATOM   1471 O OD1 . ASN A 1 172 ? -7.605  16.625  -0.831  1.00 12.49 ? 178 ASN B OD1 1 
ATOM   1472 N ND2 . ASN A 1 172 ? -5.849  17.855  -0.253  1.00 14.61 ? 178 ASN B ND2 1 
ATOM   1473 N N   . TYR A 1 173 ? -7.588  16.484  -5.097  1.00 12.53 ? 179 TYR B N   1 
ATOM   1474 C CA  . TYR A 1 173 ? -8.344  17.472  -5.918  1.00 12.44 ? 179 TYR B CA  1 
ATOM   1475 C C   . TYR A 1 173 ? -9.558  17.984  -5.139  1.00 13.60 ? 179 TYR B C   1 
ATOM   1476 O O   . TYR A 1 173 ? -10.018 19.139  -5.405  1.00 14.22 ? 179 TYR B O   1 
ATOM   1477 C CB  . TYR A 1 173 ? -8.762  16.835  -7.248  1.00 13.72 ? 179 TYR B CB  1 
ATOM   1478 C CG  . TYR A 1 173 ? -7.626  16.497  -8.176  1.00 16.23 ? 179 TYR B CG  1 
ATOM   1479 C CD1 . TYR A 1 173 ? -6.873  17.506  -8.760  1.00 20.94 ? 179 TYR B CD1 1 
ATOM   1480 C CD2 . TYR A 1 173 ? -7.311  15.187  -8.455  1.00 18.50 ? 179 TYR B CD2 1 
ATOM   1481 C CE1 . TYR A 1 173 ? -5.787  17.221  -9.585  1.00 21.04 ? 179 TYR B CE1 1 
ATOM   1482 C CE2 . TYR A 1 173 ? -6.240  14.891  -9.297  1.00 18.62 ? 179 TYR B CE2 1 
ATOM   1483 C CZ  . TYR A 1 173 ? -5.479  15.906  -9.842  1.00 20.39 ? 179 TYR B CZ  1 
ATOM   1484 O OH  . TYR A 1 173 ? -4.435  15.626  -10.695 1.00 25.33 ? 179 TYR B OH  1 
ATOM   1485 N N   . SER A 1 174 ? -10.133 17.209  -4.232  1.00 12.16 ? 180 SER B N   1 
ATOM   1486 C CA  . SER A 1 174 ? -11.416 17.526  -3.558  1.00 13.25 ? 180 SER B CA  1 
ATOM   1487 C C   . SER A 1 174 ? -11.183 18.406  -2.326  1.00 13.35 ? 180 SER B C   1 
ATOM   1488 O O   . SER A 1 174 ? -12.168 18.926  -1.779  1.00 14.72 ? 180 SER B O   1 
ATOM   1489 C CB  . SER A 1 174 ? -12.121 16.294  -3.078  1.00 13.77 ? 180 SER B CB  1 
ATOM   1490 O OG  . SER A 1 174 ? -11.323 15.600  -2.103  1.00 14.11 ? 180 SER B OG  1 
ATOM   1491 N N   . GLY A 1 175 ? -9.961  18.468  -1.836  1.00 12.54 ? 181 GLY B N   1 
ATOM   1492 C CA  . GLY A 1 175 ? -9.706  19.104  -0.531  1.00 12.20 ? 181 GLY B CA  1 
ATOM   1493 C C   . GLY A 1 175 ? -10.113 18.244  0.640   1.00 13.73 ? 181 GLY B C   1 
ATOM   1494 O O   . GLY A 1 175 ? -9.928  18.694  1.792   1.00 15.50 ? 181 GLY B O   1 
ATOM   1495 N N   . GLY A 1 176 ? -10.593 17.018  0.409   1.00 13.24 ? 182 GLY B N   1 
ATOM   1496 C CA  . GLY A 1 176 ? -11.018 16.116  1.491   1.00 12.67 ? 182 GLY B CA  1 
ATOM   1497 C C   . GLY A 1 176 ? -10.067 14.931  1.702   1.00 13.71 ? 182 GLY B C   1 
ATOM   1498 O O   . GLY A 1 176 ? -10.411 14.077  2.535   1.00 14.21 ? 182 GLY B O   1 
ATOM   1499 N N   . ASN A 1 177 ? -8.931  14.886  1.006   1.00 11.26 ? 183 ASN B N   1 
ATOM   1500 C CA  . ASN A 1 177 ? -8.029  13.714  1.059   1.00 11.23 ? 183 ASN B CA  1 
ATOM   1501 C C   . ASN A 1 177 ? -6.609  14.098  1.491   1.00 11.60 ? 183 ASN B C   1 
ATOM   1502 O O   . ASN A 1 177 ? -5.681  13.363  1.163   1.00 12.45 ? 183 ASN B O   1 
ATOM   1503 C CB  . ASN A 1 177 ? -7.974  12.960  -0.266  1.00 11.21 ? 183 ASN B CB  1 
ATOM   1504 C CG  . ASN A 1 177 ? -7.414  11.563  -0.082  1.00 11.01 ? 183 ASN B CG  1 
ATOM   1505 O OD1 . ASN A 1 177 ? -7.722  10.920  0.909   1.00 11.59 ? 183 ASN B OD1 1 
ATOM   1506 N ND2 . ASN A 1 177 ? -6.675  11.098  -1.066  1.00 11.81 ? 183 ASN B ND2 1 
ATOM   1507 N N   . ALA A 1 178 ? -6.431  15.112  2.330   1.00 12.09 ? 184 ALA B N   1 
ATOM   1508 C CA  . ALA A 1 178 ? -5.072  15.544  2.748   1.00 12.16 ? 184 ALA B CA  1 
ATOM   1509 C C   . ALA A 1 178 ? -4.492  14.620  3.827   1.00 12.15 ? 184 ALA B C   1 
ATOM   1510 O O   . ALA A 1 178 ? -3.259  14.680  4.032   1.00 14.05 ? 184 ALA B O   1 
ATOM   1511 C CB  . ALA A 1 178 ? -5.107  16.982  3.289   1.00 12.60 ? 184 ALA B CB  1 
ATOM   1512 N N   . ALA A 1 179 ? -5.327  13.856  4.539   1.00 12.78 ? 185 ALA B N   1 
ATOM   1513 C CA  . ALA A 1 179 ? -4.841  13.092  5.714   1.00 12.72 ? 185 ALA B CA  1 
ATOM   1514 C C   . ALA A 1 179 ? -3.734  12.121  5.287   1.00 12.80 ? 185 ALA B C   1 
ATOM   1515 O O   . ALA A 1 179 ? -3.734  11.576  4.171   1.00 12.15 ? 185 ALA B O   1 
ATOM   1516 C CB  . ALA A 1 179 ? -5.985  12.387  6.388   1.00 12.79 ? 185 ALA B CB  1 
ATOM   1517 N N   . PRO A 1 180 ? -2.794  11.833  6.210   1.00 12.53 ? 186 PRO B N   1 
ATOM   1518 C CA  . PRO A 1 180 ? -1.708  10.894  5.931   1.00 12.05 ? 186 PRO B CA  1 
ATOM   1519 C C   . PRO A 1 180 ? -2.115  9.403   5.952   1.00 11.51 ? 186 PRO B C   1 
ATOM   1520 O O   . PRO A 1 180 ? -3.147  9.064   6.533   1.00 11.95 ? 186 PRO B O   1 
ATOM   1521 C CB  . PRO A 1 180 ? -0.757  11.143  7.111   1.00 13.31 ? 186 PRO B CB  1 
ATOM   1522 C CG  . PRO A 1 180 ? -1.663  11.511  8.236   1.00 14.96 ? 186 PRO B CG  1 
ATOM   1523 C CD  . PRO A 1 180 ? -2.736  12.384  7.583   1.00 14.65 ? 186 PRO B CD  1 
ATOM   1524 N N   . LEU A 1 181 ? -1.297  8.549   5.329   1.00 11.68 ? 187 LEU B N   1 
ATOM   1525 C CA  . LEU A 1 181 ? -1.218  7.126   5.709   1.00 11.48 ? 187 LEU B CA  1 
ATOM   1526 C C   . LEU A 1 181 ? -0.220  7.020   6.865   1.00 12.09 ? 187 LEU B C   1 
ATOM   1527 O O   . LEU A 1 181 ? 0.879   7.642   6.773   1.00 13.78 ? 187 LEU B O   1 
ATOM   1528 C CB  . LEU A 1 181 ? -0.779  6.303   4.508   1.00 12.00 ? 187 LEU B CB  1 
ATOM   1529 C CG  . LEU A 1 181 ? -1.727  6.256   3.320   1.00 12.63 ? 187 LEU B CG  1 
ATOM   1530 C CD1 . LEU A 1 181 ? -1.095  5.547   2.137   1.00 13.71 ? 187 LEU B CD1 1 
ATOM   1531 C CD2 . LEU A 1 181 ? -3.032  5.585   3.689   1.00 14.14 ? 187 LEU B CD2 1 
ATOM   1532 N N   . LYS A 1 182 ? -0.532  6.211   7.870   1.00 12.25 ? 188 LYS B N   1 
ATOM   1533 C CA  . LYS A 1 182 ? 0.389   6.023   9.024   1.00 12.89 ? 188 LYS B CA  1 
ATOM   1534 C C   . LYS A 1 182 ? 0.612   4.541   9.262   1.00 13.23 ? 188 LYS B C   1 
ATOM   1535 O O   . LYS A 1 182 ? -0.394  3.795   9.420   1.00 13.30 ? 188 LYS B O   1 
ATOM   1536 C CB  . LYS A 1 182 ? -0.152  6.688   10.293  1.00 14.87 ? 188 LYS B CB  1 
ATOM   1537 C CG  . LYS A 1 182 ? -0.594  8.134   10.170  1.00 18.21 ? 188 LYS B CG  1 
ATOM   1538 C CD  . LYS A 1 182 ? -0.947  8.712   11.526  1.00 22.91 ? 188 LYS B CD  1 
ATOM   1539 C CE  . LYS A 1 182 ? -1.556  10.091  11.476  1.00 28.39 ? 188 LYS B CE  1 
ATOM   1540 N NZ  . LYS A 1 182 ? -2.078  10.458  12.819  1.00 35.12 ? 188 LYS B NZ  1 
ATOM   1541 N N   . LEU A 1 183 ? 1.846   4.144   9.431   1.00 13.47 ? 189 LEU B N   1 
ATOM   1542 C CA  . LEU A 1 183 ? 2.159   2.763   9.892   1.00 13.14 ? 189 LEU B CA  1 
ATOM   1543 C C   . LEU A 1 183 ? 1.899   2.713   11.395  1.00 15.00 ? 189 LEU B C   1 
ATOM   1544 O O   . LEU A 1 183 ? 2.537   3.498   12.147  1.00 17.93 ? 189 LEU B O   1 
ATOM   1545 C CB  . LEU A 1 183 ? 3.590   2.421   9.489   1.00 14.25 ? 189 LEU B CB  1 
ATOM   1546 C CG  . LEU A 1 183 ? 3.673   2.078   7.993   1.00 15.54 ? 189 LEU B CG  1 
ATOM   1547 C CD1 . LEU A 1 183 ? 5.044   2.333   7.392   1.00 19.87 ? 189 LEU B CD1 1 
ATOM   1548 C CD2 . LEU A 1 183 ? 3.227   0.636   7.735   1.00 14.16 ? 189 LEU B CD2 1 
ATOM   1549 N N   . CYS A 1 184 ? 1.015   1.823   11.821  1.00 17.02 ? 190 CYS B N   1 
ATOM   1550 C CA  . CYS A 1 184 ? 0.527   1.764   13.229  1.00 19.93 ? 190 CYS B CA  1 
ATOM   1551 C C   . CYS A 1 184 ? 1.503   0.944   14.037  1.00 22.09 ? 190 CYS B C   1 
ATOM   1552 O O   . CYS A 1 184 ? 2.023   -0.037  13.550  1.00 22.45 ? 190 CYS B O   1 
ATOM   1553 C CB  . CYS A 1 184 ? -0.744  0.959   13.411  1.00 21.71 ? 190 CYS B CB  1 
ATOM   1554 S SG  . CYS A 1 184 ? -2.065  1.354   12.269  1.00 21.92 ? 190 CYS B SG  1 
ATOM   1555 N N   . PRO A 1 185 ? 1.689   1.288   15.321  1.00 28.47 ? 191 PRO B N   1 
ATOM   1556 C CA  . PRO A 1 185 ? 2.615   0.569   16.172  1.00 33.76 ? 191 PRO B CA  1 
ATOM   1557 C C   . PRO A 1 185 ? 2.071   -0.835  16.433  1.00 31.97 ? 191 PRO B C   1 
ATOM   1558 O O   . PRO A 1 185 ? 0.842   -1.016  16.441  1.00 32.21 ? 191 PRO B O   1 
ATOM   1559 C CB  . PRO A 1 185 ? 2.691   1.455   17.435  1.00 33.14 ? 191 PRO B CB  1 
ATOM   1560 C CG  . PRO A 1 185 ? 1.385   2.225   17.446  1.00 32.92 ? 191 PRO B CG  1 
ATOM   1561 C CD  . PRO A 1 185 ? 1.044   2.433   15.989  1.00 29.37 ? 191 PRO B CD  1 
ATOM   1562 N N   . LEU A 1 186 ? 3.029   -1.749  16.576  1.00 37.64 ? 192 LEU B N   1 
ATOM   1563 C CA  . LEU A 1 186 ? 2.956   -3.130  17.116  1.00 39.72 ? 192 LEU B CA  1 
ATOM   1564 C C   . LEU A 1 186 ? 2.484   -3.088  18.569  1.00 44.16 ? 192 LEU B C   1 
ATOM   1565 O O   . LEU A 1 186 ? 1.857   -4.083  18.952  1.00 53.78 ? 192 LEU B O   1 
ATOM   1566 C CB  . LEU A 1 186 ? 4.364   -3.734  17.021  1.00 39.14 ? 192 LEU B CB  1 
HETATM 1567 C C1  . U78 B 2 .   ? -4.551  23.717  -4.838  0.62 23.59 ? 201 U78 B C1  1 
HETATM 1568 C C2  . U78 B 2 .   ? -3.993  25.104  -4.870  0.62 23.33 ? 201 U78 B C2  1 
HETATM 1569 O O1  . U78 B 2 .   ? -4.720  26.070  -5.120  0.62 21.84 ? 201 U78 B O1  1 
HETATM 1570 N N1  . U78 B 2 .   ? -2.669  25.211  -4.645  0.62 25.65 ? 201 U78 B N1  1 
HETATM 1571 C C3  . U78 B 2 .   ? -1.990  26.469  -4.334  0.62 25.48 ? 201 U78 B C3  1 
HETATM 1572 C C4  . U78 B 2 .   ? -0.467  26.350  -4.212  0.62 25.79 ? 201 U78 B C4  1 
HETATM 1573 C C5  . U78 B 2 .   ? 0.216   27.703  -4.319  0.62 23.66 ? 201 U78 B C5  1 
HETATM 1574 C C6  . U78 B 2 .   ? 0.524   28.200  -5.582  0.62 23.76 ? 201 U78 B C6  1 
HETATM 1575 C C7  . U78 B 2 .   ? 1.082   29.449  -5.754  0.62 23.56 ? 201 U78 B C7  1 
HETATM 1576 C C8  . U78 B 2 .   ? 1.368   30.225  -4.655  0.62 23.88 ? 201 U78 B C8  1 
HETATM 1577 C C9  . U78 B 2 .   ? 1.093   29.747  -3.389  0.62 23.03 ? 201 U78 B C9  1 
HETATM 1578 C C10 . U78 B 2 .   ? 0.514   28.503  -3.193  0.62 23.22 ? 201 U78 B C10 1 
HETATM 1579 C C11 . U78 B 2 .   ? 0.238   28.065  -1.762  0.62 22.59 ? 201 U78 B C11 1 
HETATM 1580 C C1  . EDO C 3 .   ? 3.170   11.947  -21.646 1.00 35.84 ? 202 EDO B C1  1 
HETATM 1581 O O1  . EDO C 3 .   ? 3.496   11.378  -20.394 1.00 30.97 ? 202 EDO B O1  1 
HETATM 1582 C C2  . EDO C 3 .   ? 1.722   12.047  -21.832 1.00 35.04 ? 202 EDO B C2  1 
HETATM 1583 O O2  . EDO C 3 .   ? 1.233   13.020  -20.960 1.00 42.11 ? 202 EDO B O2  1 
HETATM 1584 S S   . SO4 D 4 .   ? -1.561  -1.229  -18.085 1.00 39.81 ? 203 SO4 B S   1 
HETATM 1585 O O1  . SO4 D 4 .   ? -0.519  -0.926  -17.155 1.00 24.79 ? 203 SO4 B O1  1 
HETATM 1586 O O2  . SO4 D 4 .   ? -1.087  -1.025  -19.418 1.00 43.58 ? 203 SO4 B O2  1 
HETATM 1587 O O3  . SO4 D 4 .   ? -1.965  -2.614  -17.911 1.00 44.98 ? 203 SO4 B O3  1 
HETATM 1588 O O4  . SO4 D 4 .   ? -2.706  -0.374  -17.863 1.00 41.97 ? 203 SO4 B O4  1 
HETATM 1589 O O   . HOH E 5 .   ? 3.368   -13.007 -11.964 1.00 19.96 ? 301 HOH B O   1 
HETATM 1590 O O   . HOH E 5 .   ? -10.222 1.220   13.891  1.00 26.12 ? 302 HOH B O   1 
HETATM 1591 O O   . HOH E 5 .   ? 7.296   24.158  -4.778  1.00 30.62 ? 303 HOH B O   1 
HETATM 1592 O O   . HOH E 5 .   ? 3.428   21.329  1.136   1.00 24.54 ? 304 HOH B O   1 
HETATM 1593 O O   . HOH E 5 .   ? 11.106  -18.147 -0.447  1.00 15.04 ? 305 HOH B O   1 
HETATM 1594 O O   . HOH E 5 .   ? 13.637  1.565   -5.599  1.00 21.04 ? 306 HOH B O   1 
HETATM 1595 O O   . HOH E 5 .   ? -14.083 2.500   -6.733  1.00 33.26 ? 307 HOH B O   1 
HETATM 1596 O O   . HOH E 5 .   ? 12.806  3.905   -13.489 1.00 28.12 ? 308 HOH B O   1 
HETATM 1597 O O   . HOH E 5 .   ? -15.056 13.481  2.609   1.00 30.57 ? 309 HOH B O   1 
HETATM 1598 O O   . HOH E 5 .   ? 9.960   13.190  2.612   1.00 20.85 ? 310 HOH B O   1 
HETATM 1599 O O   . HOH E 5 .   ? -12.155 13.813  4.405   1.00 39.21 ? 311 HOH B O   1 
HETATM 1600 O O   . HOH E 5 .   ? -14.428 18.241  -0.751  1.00 36.15 ? 312 HOH B O   1 
HETATM 1601 O O   . HOH E 5 .   ? -6.471  -3.623  -11.799 1.00 24.66 ? 313 HOH B O   1 
HETATM 1602 O O   . HOH E 5 .   ? 13.723  10.473  8.271   1.00 33.55 ? 314 HOH B O   1 
HETATM 1603 O O   . HOH E 5 .   ? -1.587  16.544  3.113   1.00 18.30 ? 315 HOH B O   1 
HETATM 1604 O O   . HOH E 5 .   ? 2.556   9.466   -18.917 1.00 21.59 ? 316 HOH B O   1 
HETATM 1605 O O   . HOH E 5 .   ? -21.886 8.756   -1.342  1.00 40.86 ? 317 HOH B O   1 
HETATM 1606 O O   . HOH E 5 .   ? -4.920  -5.632  15.233  1.00 29.57 ? 318 HOH B O   1 
HETATM 1607 O O   . HOH E 5 .   ? -1.864  -17.210 -10.504 1.00 34.56 ? 319 HOH B O   1 
HETATM 1608 O O   . HOH E 5 .   ? -6.595  -20.424 -4.629  1.00 25.93 ? 320 HOH B O   1 
HETATM 1609 O O   . HOH E 5 .   ? 13.845  -12.933 -4.044  1.00 17.06 ? 321 HOH B O   1 
HETATM 1610 O O   . HOH E 5 .   ? -3.063  -4.962  -15.788 1.00 32.15 ? 322 HOH B O   1 
HETATM 1611 O O   . HOH E 5 .   ? 16.768  19.658  -1.392  1.00 29.36 ? 323 HOH B O   1 
HETATM 1612 O O   . HOH E 5 .   ? 11.982  -8.388  -9.541  1.00 29.61 ? 324 HOH B O   1 
HETATM 1613 O O   . HOH E 5 .   ? -16.639 -1.313  -4.939  1.00 42.18 ? 325 HOH B O   1 
HETATM 1614 O O   . HOH E 5 .   ? 11.591  -0.379  -11.570 1.00 33.07 ? 326 HOH B O   1 
HETATM 1615 O O   . HOH E 5 .   ? -1.288  24.963  0.643   1.00 38.41 ? 327 HOH B O   1 
HETATM 1616 O O   . HOH E 5 .   ? -8.178  -16.036 3.305   1.00 17.34 ? 328 HOH B O   1 
HETATM 1617 O O   . HOH E 5 .   ? -11.438 3.398   4.587   1.00 14.03 ? 329 HOH B O   1 
HETATM 1618 O O   . HOH E 5 .   ? -1.567  22.212  -4.768  1.00 31.88 ? 330 HOH B O   1 
HETATM 1619 O O   . HOH E 5 .   ? -1.190  11.011  -13.201 1.00 33.19 ? 331 HOH B O   1 
HETATM 1620 O O   . HOH E 5 .   ? 9.948   15.316  5.647   1.00 25.04 ? 332 HOH B O   1 
HETATM 1621 O O   . HOH E 5 .   ? 4.270   0.074   -12.317 1.00 34.48 ? 333 HOH B O   1 
HETATM 1622 O O   . HOH E 5 .   ? -4.434  3.714   -8.282  1.00 34.44 ? 334 HOH B O   1 
HETATM 1623 O O   . HOH E 5 .   ? -8.640  20.700  -7.073  1.00 26.17 ? 335 HOH B O   1 
HETATM 1624 O O   . HOH E 5 .   ? -17.770 4.152   -6.585  1.00 30.02 ? 336 HOH B O   1 
HETATM 1625 O O   . HOH E 5 .   ? -4.555  -15.392 4.583   1.00 25.03 ? 337 HOH B O   1 
HETATM 1626 O O   . HOH E 5 .   ? -17.647 -3.706  13.946  1.00 38.42 ? 338 HOH B O   1 
HETATM 1627 O O   . HOH E 5 .   ? -0.893  -18.663 4.969   1.00 28.49 ? 339 HOH B O   1 
HETATM 1628 O O   . HOH E 5 .   ? 9.855   11.466  -11.032 1.00 31.96 ? 340 HOH B O   1 
HETATM 1629 O O   . HOH E 5 .   ? 4.997   -1.847  10.820  1.00 16.71 ? 341 HOH B O   1 
HETATM 1630 O O   . HOH E 5 .   ? 2.204   -1.306  11.164  1.00 15.19 ? 342 HOH B O   1 
HETATM 1631 O O   . HOH E 5 .   ? 4.016   -2.179  -15.572 1.00 33.41 ? 343 HOH B O   1 
HETATM 1632 O O   . HOH E 5 .   ? -15.003 -5.785  -12.700 1.00 38.82 ? 344 HOH B O   1 
HETATM 1633 O O   . HOH E 5 .   ? -3.182  -5.264  -7.365  1.00 12.45 ? 345 HOH B O   1 
HETATM 1634 O O   . HOH E 5 .   ? -9.614  6.825   13.505  1.00 26.27 ? 346 HOH B O   1 
HETATM 1635 O O   . HOH E 5 .   ? 7.184   -14.596 11.144  1.00 31.29 ? 347 HOH B O   1 
HETATM 1636 O O   . HOH E 5 .   ? -9.324  4.337   14.866  1.00 30.46 ? 348 HOH B O   1 
HETATM 1637 O O   . HOH E 5 .   ? -14.195 7.916   -1.128  1.00 15.26 ? 349 HOH B O   1 
HETATM 1638 O O   . HOH E 5 .   ? 5.843   -18.856 4.557   1.00 31.24 ? 350 HOH B O   1 
HETATM 1639 O O   . HOH E 5 .   ? -7.276  -12.730 -6.802  1.00 16.13 ? 351 HOH B O   1 
HETATM 1640 O O   . HOH E 5 .   ? 5.397   -3.062  -13.407 1.00 18.05 ? 352 HOH B O   1 
HETATM 1641 O O   . HOH E 5 .   ? 11.019  15.501  -13.198 1.00 15.30 ? 353 HOH B O   1 
HETATM 1642 O O   . HOH E 5 .   ? -3.612  13.060  -0.609  1.00 13.78 ? 354 HOH B O   1 
HETATM 1643 O O   . HOH E 5 .   ? 10.749  4.461   12.803  1.00 32.41 ? 355 HOH B O   1 
HETATM 1644 O O   . HOH E 5 .   ? -13.708 12.208  -2.974  1.00 21.55 ? 356 HOH B O   1 
HETATM 1645 O O   . HOH E 5 .   ? 9.093   13.317  -1.711  1.00 18.30 ? 357 HOH B O   1 
HETATM 1646 O O   . HOH E 5 .   ? -1.912  -19.775 -2.863  1.00 16.96 ? 358 HOH B O   1 
HETATM 1647 O O   . HOH E 5 .   ? -9.409  -5.613  15.443  1.00 31.43 ? 359 HOH B O   1 
HETATM 1648 O O   . HOH E 5 .   ? 11.369  -17.461 6.064   1.00 45.18 ? 360 HOH B O   1 
HETATM 1649 O O   . HOH E 5 .   ? -15.951 -9.470  -1.106  1.00 16.35 ? 361 HOH B O   1 
HETATM 1650 O O   . HOH E 5 .   ? 14.668  -15.805 0.347   1.00 32.60 ? 362 HOH B O   1 
HETATM 1651 O O   . HOH E 5 .   ? 12.574  16.537  -8.812  1.00 23.12 ? 363 HOH B O   1 
HETATM 1652 O O   . HOH E 5 .   ? 4.483   7.910   13.757  1.00 23.53 ? 364 HOH B O   1 
HETATM 1653 O O   . HOH E 5 .   ? 9.962   -19.206 4.921   1.00 34.68 ? 365 HOH B O   1 
HETATM 1654 O O   . HOH E 5 .   ? 9.506   -15.934 -6.242  1.00 17.50 ? 366 HOH B O   1 
HETATM 1655 O O   . HOH E 5 .   ? -12.963 -4.271  16.330  1.00 40.89 ? 367 HOH B O   1 
HETATM 1656 O O   . HOH E 5 .   ? -5.135  9.726   8.531   1.00 27.21 ? 368 HOH B O   1 
HETATM 1657 O O   . HOH E 5 .   ? 2.806   6.187   12.844  1.00 28.51 ? 369 HOH B O   1 
HETATM 1658 O O   . HOH E 5 .   ? 15.916  -11.710 -2.468  1.00 25.07 ? 370 HOH B O   1 
HETATM 1659 O O   . HOH E 5 .   ? -18.759 -6.397  5.081   1.00 27.80 ? 371 HOH B O   1 
HETATM 1660 O O   . HOH E 5 .   ? 4.390   6.689   -12.445 1.00 14.27 ? 372 HOH B O   1 
HETATM 1661 O O   . HOH E 5 .   ? 2.548   -21.480 4.351   1.00 27.70 ? 373 HOH B O   1 
HETATM 1662 O O   . HOH E 5 .   ? -14.815 -7.734  0.833   1.00 15.78 ? 374 HOH B O   1 
HETATM 1663 O O   . HOH E 5 .   ? -15.225 -11.042 6.207   1.00 15.89 ? 375 HOH B O   1 
HETATM 1664 O O   . HOH E 5 .   ? 14.210  12.000  -1.139  1.00 27.79 ? 376 HOH B O   1 
HETATM 1665 O O   . HOH E 5 .   ? -13.763 8.817   3.455   1.00 43.53 ? 377 HOH B O   1 
HETATM 1666 O O   . HOH E 5 .   ? -2.109  12.732  1.751   1.00 12.79 ? 378 HOH B O   1 
HETATM 1667 O O   . HOH E 5 .   ? 8.787   -6.727  -12.776 1.00 21.75 ? 379 HOH B O   1 
HETATM 1668 O O   . HOH E 5 .   ? 1.212   -19.340 -6.050  1.00 23.23 ? 380 HOH B O   1 
HETATM 1669 O O   . HOH E 5 .   ? -0.835  9.677   -15.321 1.00 31.85 ? 381 HOH B O   1 
HETATM 1670 O O   . HOH E 5 .   ? 10.490  -2.290  -14.498 1.00 39.34 ? 382 HOH B O   1 
HETATM 1671 O O   . HOH E 5 .   ? -8.394  13.600  4.474   1.00 15.74 ? 383 HOH B O   1 
HETATM 1672 O O   . HOH E 5 .   ? -10.122 5.808   4.310   1.00 13.07 ? 384 HOH B O   1 
HETATM 1673 O O   . HOH E 5 .   ? 1.433   -1.582  2.497   1.00 12.49 ? 385 HOH B O   1 
HETATM 1674 O O   . HOH E 5 .   ? 12.788  -12.214 3.320   1.00 28.12 ? 386 HOH B O   1 
HETATM 1675 O O   . HOH E 5 .   ? 16.754  -13.582 -0.475  1.00 24.20 ? 387 HOH B O   1 
HETATM 1676 O O   . HOH E 5 .   ? 14.794  -14.621 2.646   1.00 36.78 ? 388 HOH B O   1 
HETATM 1677 O O   . HOH E 5 .   ? -14.701 -5.856  6.592   1.00 17.65 ? 389 HOH B O   1 
HETATM 1678 O O   . HOH E 5 .   ? -7.143  -15.184 -5.493  1.00 22.31 ? 390 HOH B O   1 
HETATM 1679 O O   . HOH E 5 .   ? -17.058 -1.340  -1.577  1.00 20.08 ? 391 HOH B O   1 
HETATM 1680 O O   . HOH E 5 .   ? -12.597 9.496   -4.367  1.00 20.81 ? 392 HOH B O   1 
HETATM 1681 O O   . HOH E 5 .   ? -13.618 -11.057 12.667  1.00 47.67 ? 393 HOH B O   1 
HETATM 1682 O O   . HOH E 5 .   ? 6.296   18.089  -10.018 1.00 25.79 ? 394 HOH B O   1 
HETATM 1683 O O   . HOH E 5 .   ? -0.023  -13.252 -9.136  1.00 17.79 ? 395 HOH B O   1 
HETATM 1684 O O   . HOH E 5 .   ? -17.153 -4.572  7.448   1.00 22.52 ? 396 HOH B O   1 
HETATM 1685 O O   . HOH E 5 .   ? 10.464  -6.026  12.220  1.00 29.97 ? 397 HOH B O   1 
HETATM 1686 O O   . HOH E 5 .   ? 15.039  -9.738  -0.863  1.00 26.04 ? 398 HOH B O   1 
HETATM 1687 O O   . HOH E 5 .   ? 8.078   -16.042 8.876   1.00 27.59 ? 399 HOH B O   1 
HETATM 1688 O O   . HOH E 5 .   ? 2.586   6.559   -19.842 1.00 25.87 ? 400 HOH B O   1 
HETATM 1689 O O   . HOH E 5 .   ? -17.731 3.799   1.675   1.00 39.27 ? 401 HOH B O   1 
HETATM 1690 O O   . HOH E 5 .   ? -14.913 -7.192  4.148   1.00 16.47 ? 402 HOH B O   1 
HETATM 1691 O O   . HOH E 5 .   ? 16.985  11.839  -5.505  1.00 24.12 ? 403 HOH B O   1 
HETATM 1692 O O   . HOH E 5 .   ? 4.173   13.126  6.940   1.00 25.62 ? 404 HOH B O   1 
HETATM 1693 O O   . HOH E 5 .   ? -13.816 -12.652 8.299   1.00 22.09 ? 405 HOH B O   1 
HETATM 1694 O O   . HOH E 5 .   ? 8.520   14.855  10.873  1.00 29.20 ? 406 HOH B O   1 
HETATM 1695 O O   . HOH E 5 .   ? -0.927  14.815  -19.889 1.00 45.73 ? 407 HOH B O   1 
HETATM 1696 O O   . HOH E 5 .   ? 11.477  14.228  -8.844  1.00 35.85 ? 408 HOH B O   1 
HETATM 1697 O O   . HOH E 5 .   ? 7.849   22.329  0.927   1.00 28.49 ? 409 HOH B O   1 
HETATM 1698 O O   . HOH E 5 .   ? 14.892  -5.671  3.979   1.00 25.02 ? 410 HOH B O   1 
HETATM 1699 O O   . HOH E 5 .   ? 16.525  16.398  -10.788 1.00 20.82 ? 411 HOH B O   1 
HETATM 1700 O O   . HOH E 5 .   ? -6.789  20.340  1.183   1.00 19.91 ? 412 HOH B O   1 
HETATM 1701 O O   . HOH E 5 .   ? -3.536  7.597   -7.945  1.00 33.55 ? 413 HOH B O   1 
HETATM 1702 O O   . HOH E 5 .   ? 16.901  15.630  -2.860  1.00 42.90 ? 414 HOH B O   1 
HETATM 1703 O O   . HOH E 5 .   ? -15.628 5.018   2.772   1.00 28.20 ? 415 HOH B O   1 
HETATM 1704 O O   . HOH E 5 .   ? -10.535 16.663  5.752   1.00 36.34 ? 416 HOH B O   1 
HETATM 1705 O O   . HOH E 5 .   ? 15.032  3.849   3.881   1.00 35.31 ? 417 HOH B O   1 
HETATM 1706 O O   . HOH E 5 .   ? 2.057   12.885  8.328   1.00 24.51 ? 418 HOH B O   1 
HETATM 1707 O O   . HOH E 5 .   ? -6.883  9.807   -5.979  1.00 16.64 ? 419 HOH B O   1 
HETATM 1708 O O   . HOH E 5 .   ? 8.158   12.156  -8.678  1.00 21.86 ? 420 HOH B O   1 
HETATM 1709 O O   . HOH E 5 .   ? 8.365   11.607  13.170  1.00 29.18 ? 421 HOH B O   1 
HETATM 1710 O O   . HOH E 5 .   ? -10.781 -12.774 9.753   1.00 29.45 ? 422 HOH B O   1 
HETATM 1711 O O   . HOH E 5 .   ? 4.870   22.270  -7.981  0.50 25.13 ? 423 HOH B O   1 
HETATM 1712 O O   . HOH E 5 .   ? 17.583  -0.605  -10.996 1.00 31.68 ? 424 HOH B O   1 
HETATM 1713 O O   . HOH E 5 .   ? 4.543   4.075   14.851  1.00 36.05 ? 425 HOH B O   1 
HETATM 1714 O O   . HOH E 5 .   ? -7.468  -7.110  14.097  1.00 28.29 ? 426 HOH B O   1 
HETATM 1715 O O   . HOH E 5 .   ? 7.544   -4.893  -14.076 1.00 32.03 ? 427 HOH B O   1 
HETATM 1716 O O   . HOH E 5 .   ? -15.297 7.184   1.293   1.00 27.23 ? 428 HOH B O   1 
HETATM 1717 O O   . HOH E 5 .   ? 0.739   -12.675 -11.746 1.00 30.25 ? 429 HOH B O   1 
HETATM 1718 O O   . HOH E 5 .   ? -2.574  -14.104 -9.604  1.00 38.02 ? 430 HOH B O   1 
HETATM 1719 O O   . HOH E 5 .   ? 13.815  5.351   -14.939 1.00 42.75 ? 431 HOH B O   1 
HETATM 1720 O O   . HOH E 5 .   ? 12.498  9.619   14.513  1.00 30.40 ? 432 HOH B O   1 
HETATM 1721 O O   . HOH E 5 .   ? 11.278  -21.341 3.644   1.00 27.20 ? 433 HOH B O   1 
HETATM 1722 O O   . HOH E 5 .   ? -2.641  19.551  3.529   1.00 29.56 ? 434 HOH B O   1 
HETATM 1723 O O   . HOH E 5 .   ? 0.649   6.347   14.406  1.00 38.00 ? 435 HOH B O   1 
HETATM 1724 O O   . HOH E 5 .   ? 18.039  17.567  -1.692  1.00 42.60 ? 436 HOH B O   1 
HETATM 1725 O O   . HOH E 5 .   ? -5.770  -17.560 3.301   1.00 29.33 ? 437 HOH B O   1 
HETATM 1726 O O   . HOH E 5 .   ? -7.562  -12.895 -9.510  1.00 23.01 ? 438 HOH B O   1 
HETATM 1727 O O   . HOH E 5 .   ? -3.768  -20.536 -0.754  1.00 33.30 ? 439 HOH B O   1 
HETATM 1728 O O   . HOH E 5 .   ? -0.459  -15.803 -12.408 1.00 26.30 ? 440 HOH B O   1 
HETATM 1729 O O   . HOH E 5 .   ? -4.679  7.791   -10.296 1.00 32.69 ? 441 HOH B O   1 
# 
